data_7JJY
# 
_entry.id   7JJY 
# 
_audit_conform.dict_name       mmcif_pdbx.dic 
_audit_conform.dict_version    5.380 
_audit_conform.dict_location   http://mmcif.pdb.org/dictionaries/ascii/mmcif_pdbx.dic 
# 
loop_
_database_2.database_id 
_database_2.database_code 
_database_2.pdbx_database_accession 
_database_2.pdbx_DOI 
PDB   7JJY         pdb_00007jjy 10.2210/pdb7jjy/pdb 
WWPDB D_1000250809 ?            ?                   
# 
_pdbx_database_status.status_code                     REL 
_pdbx_database_status.status_code_sf                  REL 
_pdbx_database_status.status_code_mr                  ? 
_pdbx_database_status.entry_id                        7JJY 
_pdbx_database_status.recvd_initial_deposition_date   2020-07-27 
_pdbx_database_status.SG_entry                        N 
_pdbx_database_status.deposit_site                    RCSB 
_pdbx_database_status.process_site                    RCSB 
_pdbx_database_status.status_code_cs                  ? 
_pdbx_database_status.status_code_nmr_data            ? 
_pdbx_database_status.methods_development_category    ? 
_pdbx_database_status.pdb_format_compatible           Y 
# 
loop_
_audit_author.name 
_audit_author.pdbx_ordinal 
_audit_author.identifier_ORCID 
'Simmons, C.R.'      1 0000-0002-2290-6132 
'MacCulloch, T.'     2 0000-0001-5875-3361 
'Stephanopoulos, N.' 3 0000-0001-7859-410X 
'Yan, H.'            4 0000-0001-7397-9852 
# 
_citation.abstract                  ? 
_citation.abstract_id_CAS           ? 
_citation.book_id_ISBN              ? 
_citation.book_publisher            ? 
_citation.book_publisher_city       ? 
_citation.book_title                ? 
_citation.coordinate_linkage        ? 
_citation.country                   UK 
_citation.database_id_Medline       ? 
_citation.details                   ? 
_citation.id                        primary 
_citation.journal_abbrev            'Nat Commun' 
_citation.journal_id_ASTM           ? 
_citation.journal_id_CSD            ? 
_citation.journal_id_ISSN           2041-1723 
_citation.journal_full              ? 
_citation.journal_issue             ? 
_citation.journal_volume            13 
_citation.language                  ? 
_citation.page_first                3112 
_citation.page_last                 3112 
_citation.title                     'The influence of Holliday junction sequence and dynamics on DNA crystal self-assembly.' 
_citation.year                      2022 
_citation.database_id_CSD           ? 
_citation.pdbx_database_id_DOI      10.1038/s41467-022-30779-6 
_citation.pdbx_database_id_PubMed   35662248 
_citation.unpublished_flag          ? 
# 
loop_
_citation_author.citation_id 
_citation_author.name 
_citation_author.ordinal 
_citation_author.identifier_ORCID 
primary 'Simmons, C.R.'      1  ?                   
primary 'MacCulloch, T.'     2  ?                   
primary 'Krepl, M.'          3  0000-0002-9833-4281 
primary 'Matthies, M.'       4  ?                   
primary 'Buchberger, A.'     5  ?                   
primary 'Crawford, I.'       6  ?                   
primary 'Sponer, J.'         7  0000-0001-6558-6186 
primary 'Sulc, P.'           8  0000-0003-1565-6769 
primary 'Stephanopoulos, N.' 9  0000-0001-7859-410X 
primary 'Yan, H.'            10 0000-0001-7397-9852 
# 
_cell.angle_alpha                  90.000 
_cell.angle_alpha_esd              ? 
_cell.angle_beta                   90.000 
_cell.angle_beta_esd               ? 
_cell.angle_gamma                  120.000 
_cell.angle_gamma_esd              ? 
_cell.entry_id                     7JJY 
_cell.details                      ? 
_cell.formula_units_Z              ? 
_cell.length_a                     112.212 
_cell.length_a_esd                 ? 
_cell.length_b                     112.212 
_cell.length_b_esd                 ? 
_cell.length_c                     50.989 
_cell.length_c_esd                 ? 
_cell.volume                       ? 
_cell.volume_esd                   ? 
_cell.Z_PDB                        9 
_cell.reciprocal_angle_alpha       ? 
_cell.reciprocal_angle_beta        ? 
_cell.reciprocal_angle_gamma       ? 
_cell.reciprocal_angle_alpha_esd   ? 
_cell.reciprocal_angle_beta_esd    ? 
_cell.reciprocal_angle_gamma_esd   ? 
_cell.reciprocal_length_a          ? 
_cell.reciprocal_length_b          ? 
_cell.reciprocal_length_c          ? 
_cell.reciprocal_length_a_esd      ? 
_cell.reciprocal_length_b_esd      ? 
_cell.reciprocal_length_c_esd      ? 
_cell.pdbx_unique_axis             ? 
# 
_symmetry.entry_id                         7JJY 
_symmetry.cell_setting                     ? 
_symmetry.Int_Tables_number                146 
_symmetry.space_group_name_Hall            ? 
_symmetry.space_group_name_H-M             'H 3' 
_symmetry.pdbx_full_space_group_name_H-M   ? 
# 
loop_
_entity.id 
_entity.type 
_entity.src_method 
_entity.pdbx_description 
_entity.formula_weight 
_entity.pdbx_number_of_molecules 
_entity.pdbx_ec 
_entity.pdbx_mutation 
_entity.pdbx_fragment 
_entity.details 
1 polymer     syn 
;DNA (5'-D(*GP*AP*AP*CP*GP*AP*CP*AP*GP*TP*GP*A)-3')
;
3720.456 1 ? ? ? ? 
2 polymer     syn 
;DNA (5'-D(P*CP*GP*TP*CP*GP*AP*CP*TP*C)-3')
;
2691.774 1 ? ? ? ? 
3 polymer     syn 
;DNA (5'-D(P*TP*CP*AP*AP*CP*G)-3')
;
1793.218 1 ? ? ? ? 
4 polymer     syn 
;DNA (5'-D(*TP*CP*GP*AP*GP*TP*CP*GP*CP*TP*GP*TP*CP*GP*T)-3')
;
4591.969 1 ? ? ? ? 
5 non-polymer syn 'CACODYLATE ION'                                              136.989  2 ? ? ? ? 
# 
loop_
_entity_poly.entity_id 
_entity_poly.type 
_entity_poly.nstd_linkage 
_entity_poly.nstd_monomer 
_entity_poly.pdbx_seq_one_letter_code 
_entity_poly.pdbx_seq_one_letter_code_can 
_entity_poly.pdbx_strand_id 
_entity_poly.pdbx_target_identifier 
1 polydeoxyribonucleotide no no '(DG)(DA)(DA)(DC)(DG)(DA)(DC)(DA)(DG)(DT)(DG)(DA)'             GAACGACAGTGA    A ? 
2 polydeoxyribonucleotide no no '(DC)(DG)(DT)(DC)(DG)(DA)(DC)(DT)(DC)'                         CGTCGACTC       B ? 
3 polydeoxyribonucleotide no no '(DT)(DC)(DA)(DA)(DC)(DG)'                                     TCAACG          C ? 
4 polydeoxyribonucleotide no no '(DT)(DC)(DG)(DA)(DG)(DT)(DC)(DG)(DC)(DT)(DG)(DT)(DC)(DG)(DT)' TCGAGTCGCTGTCGT D ? 
# 
loop_
_entity_poly_seq.entity_id 
_entity_poly_seq.num 
_entity_poly_seq.mon_id 
_entity_poly_seq.hetero 
1 1  DG n 
1 2  DA n 
1 3  DA n 
1 4  DC n 
1 5  DG n 
1 6  DA n 
1 7  DC n 
1 8  DA n 
1 9  DG n 
1 10 DT n 
1 11 DG n 
1 12 DA n 
2 1  DC n 
2 2  DG n 
2 3  DT n 
2 4  DC n 
2 5  DG n 
2 6  DA n 
2 7  DC n 
2 8  DT n 
2 9  DC n 
3 1  DT n 
3 2  DC n 
3 3  DA n 
3 4  DA n 
3 5  DC n 
3 6  DG n 
4 1  DT n 
4 2  DC n 
4 3  DG n 
4 4  DA n 
4 5  DG n 
4 6  DT n 
4 7  DC n 
4 8  DG n 
4 9  DC n 
4 10 DT n 
4 11 DG n 
4 12 DT n 
4 13 DC n 
4 14 DG n 
4 15 DT n 
# 
loop_
_pdbx_entity_src_syn.entity_id 
_pdbx_entity_src_syn.pdbx_src_id 
_pdbx_entity_src_syn.pdbx_alt_source_flag 
_pdbx_entity_src_syn.pdbx_beg_seq_num 
_pdbx_entity_src_syn.pdbx_end_seq_num 
_pdbx_entity_src_syn.organism_scientific 
_pdbx_entity_src_syn.organism_common_name 
_pdbx_entity_src_syn.ncbi_taxonomy_id 
_pdbx_entity_src_syn.details 
1 1 sample 1 12 'synthetic construct' ? 32630 ? 
2 1 sample 1 9  'synthetic construct' ? 32630 ? 
3 1 sample 1 6  'synthetic construct' ? 32630 ? 
4 1 sample 1 15 'synthetic construct' ? 32630 ? 
# 
loop_
_struct_ref.id 
_struct_ref.db_name 
_struct_ref.db_code 
_struct_ref.pdbx_db_accession 
_struct_ref.pdbx_db_isoform 
_struct_ref.entity_id 
_struct_ref.pdbx_seq_one_letter_code 
_struct_ref.pdbx_align_begin 
1 PDB 7JJY 7JJY ? 1 ? 1 
2 PDB 7JJY 7JJY ? 2 ? 1 
3 PDB 7JJY 7JJY ? 3 ? 1 
4 PDB 7JJY 7JJY ? 4 ? 1 
# 
loop_
_struct_ref_seq.align_id 
_struct_ref_seq.ref_id 
_struct_ref_seq.pdbx_PDB_id_code 
_struct_ref_seq.pdbx_strand_id 
_struct_ref_seq.seq_align_beg 
_struct_ref_seq.pdbx_seq_align_beg_ins_code 
_struct_ref_seq.seq_align_end 
_struct_ref_seq.pdbx_seq_align_end_ins_code 
_struct_ref_seq.pdbx_db_accession 
_struct_ref_seq.db_align_beg 
_struct_ref_seq.pdbx_db_align_beg_ins_code 
_struct_ref_seq.db_align_end 
_struct_ref_seq.pdbx_db_align_end_ins_code 
_struct_ref_seq.pdbx_auth_seq_align_beg 
_struct_ref_seq.pdbx_auth_seq_align_end 
1 1 7JJY A 1 ? 12 ? 7JJY 1  ? 12 ? 1  12 
2 2 7JJY B 1 ? 9  ? 7JJY 12 ? 20 ? 12 20 
3 3 7JJY C 1 ? 6  ? 7JJY 0  ? 5  ? 0  5  
4 4 7JJY D 1 ? 15 ? 7JJY 2  ? 16 ? 2  16 
# 
loop_
_chem_comp.id 
_chem_comp.type 
_chem_comp.mon_nstd_flag 
_chem_comp.name 
_chem_comp.pdbx_synonyms 
_chem_comp.formula 
_chem_comp.formula_weight 
CAC non-polymer   . 'CACODYLATE ION'                     dimethylarsinate 'C2 H6 As O2 -1'  136.989 
DA  'DNA linking' y "2'-DEOXYADENOSINE-5'-MONOPHOSPHATE" ?                'C10 H14 N5 O6 P' 331.222 
DC  'DNA linking' y "2'-DEOXYCYTIDINE-5'-MONOPHOSPHATE"  ?                'C9 H14 N3 O7 P'  307.197 
DG  'DNA linking' y "2'-DEOXYGUANOSINE-5'-MONOPHOSPHATE" ?                'C10 H14 N5 O7 P' 347.221 
DT  'DNA linking' y "THYMIDINE-5'-MONOPHOSPHATE"         ?                'C10 H15 N2 O8 P' 322.208 
# 
_exptl.absorpt_coefficient_mu     ? 
_exptl.absorpt_correction_T_max   ? 
_exptl.absorpt_correction_T_min   ? 
_exptl.absorpt_correction_type    ? 
_exptl.absorpt_process_details    ? 
_exptl.entry_id                   7JJY 
_exptl.crystals_number            1 
_exptl.details                    ? 
_exptl.method                     'X-RAY DIFFRACTION' 
_exptl.method_details             ? 
# 
_exptl_crystal.colour                      ? 
_exptl_crystal.density_diffrn              ? 
_exptl_crystal.density_Matthews            4.83 
_exptl_crystal.density_method              ? 
_exptl_crystal.density_percent_sol         74.52 
_exptl_crystal.description                 ? 
_exptl_crystal.F_000                       ? 
_exptl_crystal.id                          1 
_exptl_crystal.preparation                 ? 
_exptl_crystal.size_max                    ? 
_exptl_crystal.size_mid                    ? 
_exptl_crystal.size_min                    ? 
_exptl_crystal.size_rad                    ? 
_exptl_crystal.colour_lustre               ? 
_exptl_crystal.colour_modifier             ? 
_exptl_crystal.colour_primary              ? 
_exptl_crystal.density_meas                ? 
_exptl_crystal.density_meas_esd            ? 
_exptl_crystal.density_meas_gt             ? 
_exptl_crystal.density_meas_lt             ? 
_exptl_crystal.density_meas_temp           ? 
_exptl_crystal.density_meas_temp_esd       ? 
_exptl_crystal.density_meas_temp_gt        ? 
_exptl_crystal.density_meas_temp_lt        ? 
_exptl_crystal.pdbx_crystal_image_url      ? 
_exptl_crystal.pdbx_crystal_image_format   ? 
_exptl_crystal.pdbx_mosaicity              ? 
_exptl_crystal.pdbx_mosaicity_esd          ? 
# 
_exptl_crystal_grow.apparatus       ? 
_exptl_crystal_grow.atmosphere      ? 
_exptl_crystal_grow.crystal_id      1 
_exptl_crystal_grow.details         ? 
_exptl_crystal_grow.method          'VAPOR DIFFUSION, SITTING DROP' 
_exptl_crystal_grow.method_ref      ? 
_exptl_crystal_grow.pH              ? 
_exptl_crystal_grow.pressure        ? 
_exptl_crystal_grow.pressure_esd    ? 
_exptl_crystal_grow.seeding         ? 
_exptl_crystal_grow.seeding_ref     ? 
_exptl_crystal_grow.temp            298 
_exptl_crystal_grow.temp_details    'temperature gradient generated from 60 to 25 C at 0.3 degrees per hour' 
_exptl_crystal_grow.temp_esd        ? 
_exptl_crystal_grow.time            ? 
_exptl_crystal_grow.pdbx_details    
;0.5 mL of 0.05 M Cacodylate pH 6.0 with 20 mM MgCl2, 1.0 mM spermine,2 mM CaCl2, and 10% MPD was added to the reservoir with 2 uL added to the drop containing 4 uL of DNA stock
;
_exptl_crystal_grow.pdbx_pH_range   ? 
# 
_diffrn.ambient_environment              ? 
_diffrn.ambient_temp                     100 
_diffrn.ambient_temp_details             ? 
_diffrn.ambient_temp_esd                 ? 
_diffrn.crystal_id                       1 
_diffrn.crystal_support                  ? 
_diffrn.crystal_treatment                ? 
_diffrn.details                          ? 
_diffrn.id                               1 
_diffrn.ambient_pressure                 ? 
_diffrn.ambient_pressure_esd             ? 
_diffrn.ambient_pressure_gt              ? 
_diffrn.ambient_pressure_lt              ? 
_diffrn.ambient_temp_gt                  ? 
_diffrn.ambient_temp_lt                  ? 
_diffrn.pdbx_serial_crystal_experiment   N 
# 
_diffrn_detector.details                      ? 
_diffrn_detector.detector                     PIXEL 
_diffrn_detector.diffrn_id                    1 
_diffrn_detector.type                         'DECTRIS PILATUS3 6M' 
_diffrn_detector.area_resol_mean              ? 
_diffrn_detector.dtime                        ? 
_diffrn_detector.pdbx_frames_total            ? 
_diffrn_detector.pdbx_collection_time_total   ? 
_diffrn_detector.pdbx_collection_date         2019-09-15 
_diffrn_detector.pdbx_frequency               ? 
# 
_diffrn_radiation.collimation                      ? 
_diffrn_radiation.diffrn_id                        1 
_diffrn_radiation.filter_edge                      ? 
_diffrn_radiation.inhomogeneity                    ? 
_diffrn_radiation.monochromator                    ? 
_diffrn_radiation.polarisn_norm                    ? 
_diffrn_radiation.polarisn_ratio                   ? 
_diffrn_radiation.probe                            ? 
_diffrn_radiation.type                             ? 
_diffrn_radiation.xray_symbol                      ? 
_diffrn_radiation.wavelength_id                    1 
_diffrn_radiation.pdbx_monochromatic_or_laue_m_l   M 
_diffrn_radiation.pdbx_wavelength_list             ? 
_diffrn_radiation.pdbx_wavelength                  ? 
_diffrn_radiation.pdbx_diffrn_protocol             'SINGLE WAVELENGTH' 
_diffrn_radiation.pdbx_analyzer                    ? 
_diffrn_radiation.pdbx_scattering_type             x-ray 
# 
_diffrn_radiation_wavelength.id           1 
_diffrn_radiation_wavelength.wavelength   1 
_diffrn_radiation_wavelength.wt           1.0 
# 
_diffrn_source.current                     ? 
_diffrn_source.details                     ? 
_diffrn_source.diffrn_id                   1 
_diffrn_source.power                       ? 
_diffrn_source.size                        ? 
_diffrn_source.source                      SYNCHROTRON 
_diffrn_source.target                      ? 
_diffrn_source.type                        'ALS BEAMLINE 5.0.2' 
_diffrn_source.voltage                     ? 
_diffrn_source.take-off_angle              ? 
_diffrn_source.pdbx_wavelength_list        1 
_diffrn_source.pdbx_wavelength             ? 
_diffrn_source.pdbx_synchrotron_beamline   5.0.2 
_diffrn_source.pdbx_synchrotron_site       ALS 
# 
_reflns.B_iso_Wilson_estimate            68.130 
_reflns.entry_id                         7JJY 
_reflns.data_reduction_details           ? 
_reflns.data_reduction_method            ? 
_reflns.d_resolution_high                2.850 
_reflns.d_resolution_low                 50.000 
_reflns.details                          ? 
_reflns.limit_h_max                      ? 
_reflns.limit_h_min                      ? 
_reflns.limit_k_max                      ? 
_reflns.limit_k_min                      ? 
_reflns.limit_l_max                      ? 
_reflns.limit_l_min                      ? 
_reflns.number_all                       ? 
_reflns.number_obs                       5596 
_reflns.observed_criterion               ? 
_reflns.observed_criterion_F_max         ? 
_reflns.observed_criterion_F_min         ? 
_reflns.observed_criterion_I_max         ? 
_reflns.observed_criterion_I_min         ? 
_reflns.observed_criterion_sigma_F       ? 
_reflns.observed_criterion_sigma_I       ? 
_reflns.percent_possible_obs             100.000 
_reflns.R_free_details                   ? 
_reflns.Rmerge_F_all                     ? 
_reflns.Rmerge_F_obs                     ? 
_reflns.Friedel_coverage                 ? 
_reflns.number_gt                        ? 
_reflns.threshold_expression             ? 
_reflns.pdbx_redundancy                  10.400 
_reflns.pdbx_Rmerge_I_obs                0.088 
_reflns.pdbx_Rmerge_I_all                ? 
_reflns.pdbx_Rsym_value                  ? 
_reflns.pdbx_netI_over_av_sigmaI         ? 
_reflns.pdbx_netI_over_sigmaI            8.400 
_reflns.pdbx_res_netI_over_av_sigmaI_2   ? 
_reflns.pdbx_res_netI_over_sigmaI_2      ? 
_reflns.pdbx_chi_squared                 1.608 
_reflns.pdbx_scaling_rejects             ? 
_reflns.pdbx_d_res_high_opt              ? 
_reflns.pdbx_d_res_low_opt               ? 
_reflns.pdbx_d_res_opt_method            ? 
_reflns.phase_calculation_details        ? 
_reflns.pdbx_Rrim_I_all                  0.093 
_reflns.pdbx_Rpim_I_all                  0.028 
_reflns.pdbx_d_opt                       ? 
_reflns.pdbx_number_measured_all         ? 
_reflns.pdbx_diffrn_id                   1 
_reflns.pdbx_ordinal                     1 
_reflns.pdbx_CC_half                     0.986 
_reflns.pdbx_CC_star                     ? 
_reflns.pdbx_R_split                     ? 
# 
loop_
_reflns_shell.d_res_high 
_reflns_shell.d_res_low 
_reflns_shell.meanI_over_sigI_all 
_reflns_shell.meanI_over_sigI_obs 
_reflns_shell.number_measured_all 
_reflns_shell.number_measured_obs 
_reflns_shell.number_possible 
_reflns_shell.number_unique_all 
_reflns_shell.number_unique_obs 
_reflns_shell.percent_possible_all 
_reflns_shell.percent_possible_obs 
_reflns_shell.Rmerge_F_all 
_reflns_shell.Rmerge_F_obs 
_reflns_shell.Rmerge_I_all 
_reflns_shell.Rmerge_I_obs 
_reflns_shell.meanI_over_sigI_gt 
_reflns_shell.meanI_over_uI_all 
_reflns_shell.meanI_over_uI_gt 
_reflns_shell.number_measured_gt 
_reflns_shell.number_unique_gt 
_reflns_shell.percent_possible_gt 
_reflns_shell.Rmerge_F_gt 
_reflns_shell.Rmerge_I_gt 
_reflns_shell.pdbx_redundancy 
_reflns_shell.pdbx_Rsym_value 
_reflns_shell.pdbx_chi_squared 
_reflns_shell.pdbx_netI_over_sigmaI_all 
_reflns_shell.pdbx_netI_over_sigmaI_obs 
_reflns_shell.pdbx_Rrim_I_all 
_reflns_shell.pdbx_Rpim_I_all 
_reflns_shell.pdbx_rejects 
_reflns_shell.pdbx_ordinal 
_reflns_shell.pdbx_diffrn_id 
_reflns_shell.pdbx_CC_half 
_reflns_shell.pdbx_CC_star 
_reflns_shell.pdbx_R_split 
2.850 2.900  ? ? ? ? ? ? 290 100.000 ? ? ? ? 1.044 ? ? ? ? ? ? ? ? 9.200  ? 0.430  ? ? 1.104 0.355 ? 1  1 0.820 ? ? 
2.900 2.950  ? ? ? ? ? ? 279 100.000 ? ? ? ? 0.912 ? ? ? ? ? ? ? ? 9.500  ? 0.408  ? ? 0.963 0.307 ? 2  1 0.794 ? ? 
2.950 3.010  ? ? ? ? ? ? 274 100.000 ? ? ? ? 0.590 ? ? ? ? ? ? ? ? 10.300 ? 0.444  ? ? 0.620 0.190 ? 3  1 0.915 ? ? 
3.010 3.070  ? ? ? ? ? ? 280 100.000 ? ? ? ? 0.297 ? ? ? ? ? ? ? ? 10.700 ? 0.469  ? ? 0.311 0.094 ? 4  1 0.989 ? ? 
3.070 3.140  ? ? ? ? ? ? 285 100.000 ? ? ? ? 0.125 ? ? ? ? ? ? ? ? 10.600 ? 0.539  ? ? 0.131 0.039 ? 5  1 0.999 ? ? 
3.140 3.210  ? ? ? ? ? ? 278 100.000 ? ? ? ? 0.084 ? ? ? ? ? ? ? ? 10.600 ? 0.662  ? ? 0.088 0.026 ? 6  1 0.999 ? ? 
3.210 3.290  ? ? ? ? ? ? 274 100.000 ? ? ? ? 0.100 ? ? ? ? ? ? ? ? 10.500 ? 0.723  ? ? 0.105 0.032 ? 7  1 0.999 ? ? 
3.290 3.380  ? ? ? ? ? ? 282 100.000 ? ? ? ? 0.074 ? ? ? ? ? ? ? ? 10.400 ? 0.836  ? ? 0.077 0.024 ? 8  1 0.999 ? ? 
3.380 3.480  ? ? ? ? ? ? 282 100.000 ? ? ? ? 0.077 ? ? ? ? ? ? ? ? 9.800  ? 0.858  ? ? 0.081 0.026 ? 9  1 0.998 ? ? 
3.480 3.590  ? ? ? ? ? ? 275 100.000 ? ? ? ? 0.085 ? ? ? ? ? ? ? ? 10.100 ? 0.963  ? ? 0.090 0.029 ? 10 1 0.998 ? ? 
3.590 3.720  ? ? ? ? ? ? 287 100.000 ? ? ? ? 0.097 ? ? ? ? ? ? ? ? 10.200 ? 0.979  ? ? 0.103 0.032 ? 11 1 0.997 ? ? 
3.720 3.870  ? ? ? ? ? ? 278 100.000 ? ? ? ? 0.111 ? ? ? ? ? ? ? ? 10.900 ? 0.999  ? ? 0.116 0.035 ? 12 1 0.995 ? ? 
3.870 4.040  ? ? ? ? ? ? 267 100.000 ? ? ? ? 0.090 ? ? ? ? ? ? ? ? 10.800 ? 1.436  ? ? 0.094 0.029 ? 13 1 0.995 ? ? 
4.040 4.260  ? ? ? ? ? ? 292 100.000 ? ? ? ? 0.082 ? ? ? ? ? ? ? ? 10.700 ? 1.521  ? ? 0.086 0.026 ? 14 1 0.997 ? ? 
4.260 4.520  ? ? ? ? ? ? 273 100.000 ? ? ? ? 0.082 ? ? ? ? ? ? ? ? 10.300 ? 1.615  ? ? 0.086 0.027 ? 15 1 0.996 ? ? 
4.520 4.870  ? ? ? ? ? ? 287 100.000 ? ? ? ? 0.080 ? ? ? ? ? ? ? ? 10.200 ? 1.576  ? ? 0.084 0.026 ? 16 1 0.998 ? ? 
4.870 5.360  ? ? ? ? ? ? 274 100.000 ? ? ? ? 0.069 ? ? ? ? ? ? ? ? 10.900 ? 1.824  ? ? 0.073 0.022 ? 17 1 0.997 ? ? 
5.360 6.140  ? ? ? ? ? ? 288 100.000 ? ? ? ? 0.070 ? ? ? ? ? ? ? ? 10.800 ? 2.001  ? ? 0.073 0.022 ? 18 1 0.997 ? ? 
6.140 7.730  ? ? ? ? ? ? 266 100.000 ? ? ? ? 0.061 ? ? ? ? ? ? ? ? 9.900  ? 1.601  ? ? 0.064 0.020 ? 19 1 0.998 ? ? 
7.730 50.000 ? ? ? ? ? ? 285 100.000 ? ? ? ? 0.095 ? ? ? ? ? ? ? ? 10.600 ? 11.596 ? ? 0.099 0.030 ? 20 1 0.997 ? ? 
# 
_refine.aniso_B[1][1]                            ? 
_refine.aniso_B[1][2]                            ? 
_refine.aniso_B[1][3]                            ? 
_refine.aniso_B[2][2]                            ? 
_refine.aniso_B[2][3]                            ? 
_refine.aniso_B[3][3]                            ? 
_refine.B_iso_max                                149.660 
_refine.B_iso_mean                               86.6295 
_refine.B_iso_min                                35.000 
_refine.correlation_coeff_Fo_to_Fc               ? 
_refine.correlation_coeff_Fo_to_Fc_free          ? 
_refine.details                                  ? 
_refine.diff_density_max                         ? 
_refine.diff_density_max_esd                     ? 
_refine.diff_density_min                         ? 
_refine.diff_density_min_esd                     ? 
_refine.diff_density_rms                         ? 
_refine.diff_density_rms_esd                     ? 
_refine.entry_id                                 7JJY 
_refine.pdbx_refine_id                           'X-RAY DIFFRACTION' 
_refine.ls_abs_structure_details                 ? 
_refine.ls_abs_structure_Flack                   ? 
_refine.ls_abs_structure_Flack_esd               ? 
_refine.ls_abs_structure_Rogers                  ? 
_refine.ls_abs_structure_Rogers_esd              ? 
_refine.ls_d_res_high                            2.8510 
_refine.ls_d_res_low                             32.3930 
_refine.ls_extinction_coef                       ? 
_refine.ls_extinction_coef_esd                   ? 
_refine.ls_extinction_expression                 ? 
_refine.ls_extinction_method                     ? 
_refine.ls_goodness_of_fit_all                   ? 
_refine.ls_goodness_of_fit_all_esd               ? 
_refine.ls_goodness_of_fit_obs                   ? 
_refine.ls_goodness_of_fit_obs_esd               ? 
_refine.ls_hydrogen_treatment                    ? 
_refine.ls_matrix_type                           ? 
_refine.ls_number_constraints                    ? 
_refine.ls_number_parameters                     ? 
_refine.ls_number_reflns_all                     ? 
_refine.ls_number_reflns_obs                     5527 
_refine.ls_number_reflns_R_free                  549 
_refine.ls_number_reflns_R_work                  4978 
_refine.ls_number_restraints                     ? 
_refine.ls_percent_reflns_obs                    98.8000 
_refine.ls_percent_reflns_R_free                 9.9300 
_refine.ls_R_factor_all                          ? 
_refine.ls_R_factor_obs                          0.2132 
_refine.ls_R_factor_R_free                       0.2429 
_refine.ls_R_factor_R_free_error                 ? 
_refine.ls_R_factor_R_free_error_details         ? 
_refine.ls_R_factor_R_work                       0.2093 
_refine.ls_R_Fsqd_factor_obs                     ? 
_refine.ls_R_I_factor_obs                        ? 
_refine.ls_redundancy_reflns_all                 ? 
_refine.ls_redundancy_reflns_obs                 ? 
_refine.ls_restrained_S_all                      ? 
_refine.ls_restrained_S_obs                      ? 
_refine.ls_shift_over_esd_max                    ? 
_refine.ls_shift_over_esd_mean                   ? 
_refine.ls_structure_factor_coef                 ? 
_refine.ls_weighting_details                     ? 
_refine.ls_weighting_scheme                      ? 
_refine.ls_wR_factor_all                         ? 
_refine.ls_wR_factor_obs                         ? 
_refine.ls_wR_factor_R_free                      ? 
_refine.ls_wR_factor_R_work                      ? 
_refine.occupancy_max                            ? 
_refine.occupancy_min                            ? 
_refine.solvent_model_details                    'FLAT BULK SOLVENT MODEL' 
_refine.solvent_model_param_bsol                 ? 
_refine.solvent_model_param_ksol                 ? 
_refine.pdbx_R_complete                          ? 
_refine.ls_R_factor_gt                           ? 
_refine.ls_goodness_of_fit_gt                    ? 
_refine.ls_goodness_of_fit_ref                   ? 
_refine.ls_shift_over_su_max                     ? 
_refine.ls_shift_over_su_max_lt                  ? 
_refine.ls_shift_over_su_mean                    ? 
_refine.ls_shift_over_su_mean_lt                 ? 
_refine.pdbx_ls_sigma_I                          ? 
_refine.pdbx_ls_sigma_F                          2.030 
_refine.pdbx_ls_sigma_Fsqd                       ? 
_refine.pdbx_data_cutoff_high_absF               ? 
_refine.pdbx_data_cutoff_high_rms_absF           ? 
_refine.pdbx_data_cutoff_low_absF                ? 
_refine.pdbx_isotropic_thermal_model             ? 
_refine.pdbx_ls_cross_valid_method               THROUGHOUT 
_refine.pdbx_method_to_determine_struct          'MOLECULAR REPLACEMENT' 
_refine.pdbx_starting_model                      6XNA 
_refine.pdbx_stereochemistry_target_values       ML 
_refine.pdbx_R_Free_selection_details            ? 
_refine.pdbx_stereochem_target_val_spec_case     ? 
_refine.pdbx_overall_ESU_R                       ? 
_refine.pdbx_overall_ESU_R_Free                  ? 
_refine.pdbx_solvent_vdw_probe_radii             1.1100 
_refine.pdbx_solvent_ion_probe_radii             ? 
_refine.pdbx_solvent_shrinkage_radii             0.9000 
_refine.pdbx_real_space_R                        ? 
_refine.pdbx_density_correlation                 ? 
_refine.pdbx_pd_number_of_powder_patterns        ? 
_refine.pdbx_pd_number_of_points                 ? 
_refine.pdbx_pd_meas_number_of_points            ? 
_refine.pdbx_pd_proc_ls_prof_R_factor            ? 
_refine.pdbx_pd_proc_ls_prof_wR_factor           ? 
_refine.pdbx_pd_Marquardt_correlation_coeff      ? 
_refine.pdbx_pd_Fsqrd_R_factor                   ? 
_refine.pdbx_pd_ls_matrix_band_width             ? 
_refine.pdbx_overall_phase_error                 32.2400 
_refine.pdbx_overall_SU_R_free_Cruickshank_DPI   ? 
_refine.pdbx_overall_SU_R_free_Blow_DPI          ? 
_refine.pdbx_overall_SU_R_Blow_DPI               ? 
_refine.pdbx_TLS_residual_ADP_flag               ? 
_refine.pdbx_diffrn_id                           1 
_refine.overall_SU_B                             ? 
_refine.overall_SU_ML                            0.5400 
_refine.overall_SU_R_Cruickshank_DPI             ? 
_refine.overall_SU_R_free                        ? 
_refine.overall_FOM_free_R_set                   ? 
_refine.overall_FOM_work_R_set                   ? 
_refine.pdbx_average_fsc_overall                 ? 
_refine.pdbx_average_fsc_work                    ? 
_refine.pdbx_average_fsc_free                    ? 
# 
_refine_hist.pdbx_refine_id                   'X-RAY DIFFRACTION' 
_refine_hist.cycle_id                         final 
_refine_hist.details                          ? 
_refine_hist.d_res_high                       2.8510 
_refine_hist.d_res_low                        32.3930 
_refine_hist.number_atoms_solvent             0 
_refine_hist.number_atoms_total               857 
_refine_hist.number_reflns_all                ? 
_refine_hist.number_reflns_obs                ? 
_refine_hist.number_reflns_R_free             ? 
_refine_hist.number_reflns_R_work             ? 
_refine_hist.R_factor_all                     ? 
_refine_hist.R_factor_obs                     ? 
_refine_hist.R_factor_R_free                  ? 
_refine_hist.R_factor_R_work                  ? 
_refine_hist.pdbx_number_residues_total       42 
_refine_hist.pdbx_B_iso_mean_ligand           105.94 
_refine_hist.pdbx_B_iso_mean_solvent          ? 
_refine_hist.pdbx_number_atoms_protein        0 
_refine_hist.pdbx_number_atoms_nucleic_acid   855 
_refine_hist.pdbx_number_atoms_ligand         2 
_refine_hist.pdbx_number_atoms_lipid          ? 
_refine_hist.pdbx_number_atoms_carb           ? 
_refine_hist.pdbx_pseudo_atom_details         ? 
# 
loop_
_refine_ls_restr.pdbx_refine_id 
_refine_ls_restr.criterion 
_refine_ls_restr.dev_ideal 
_refine_ls_restr.dev_ideal_target 
_refine_ls_restr.number 
_refine_ls_restr.rejects 
_refine_ls_restr.type 
_refine_ls_restr.weight 
_refine_ls_restr.pdbx_restraint_function 
'X-RAY DIFFRACTION' ? 0.008  ? 956  ? f_bond_d           ? ? 
'X-RAY DIFFRACTION' ? 0.946  ? 1467 ? f_angle_d          ? ? 
'X-RAY DIFFRACTION' ? 0.062  ? 166  ? f_chiral_restr     ? ? 
'X-RAY DIFFRACTION' ? 0.007  ? 42   ? f_plane_restr      ? ? 
'X-RAY DIFFRACTION' ? 32.894 ? 406  ? f_dihedral_angle_d ? ? 
# 
loop_
_refine_ls_shell.pdbx_refine_id 
_refine_ls_shell.d_res_high 
_refine_ls_shell.d_res_low 
_refine_ls_shell.number_reflns_all 
_refine_ls_shell.number_reflns_obs 
_refine_ls_shell.number_reflns_R_free 
_refine_ls_shell.number_reflns_R_work 
_refine_ls_shell.percent_reflns_obs 
_refine_ls_shell.percent_reflns_R_free 
_refine_ls_shell.R_factor_all 
_refine_ls_shell.R_factor_obs 
_refine_ls_shell.R_factor_R_free 
_refine_ls_shell.R_factor_R_free_error 
_refine_ls_shell.R_factor_R_work 
_refine_ls_shell.redundancy_reflns_all 
_refine_ls_shell.redundancy_reflns_obs 
_refine_ls_shell.wR_factor_all 
_refine_ls_shell.wR_factor_obs 
_refine_ls_shell.wR_factor_R_free 
_refine_ls_shell.wR_factor_R_work 
_refine_ls_shell.pdbx_R_complete 
_refine_ls_shell.pdbx_total_number_of_bins_used 
_refine_ls_shell.pdbx_phase_error 
_refine_ls_shell.pdbx_fsc_work 
_refine_ls_shell.pdbx_fsc_free 
'X-RAY DIFFRACTION' 2.8511 3.1378 . . 139 1251 99.0000  . . . 0.4292 0.0000 0.3906 . . . . . . . . . . . 
'X-RAY DIFFRACTION' 3.1378 3.5914 . . 130 1212 97.0000  . . . 0.3061 0.0000 0.2448 . . . . . . . . . . . 
'X-RAY DIFFRACTION' 3.5914 4.5228 . . 137 1262 100.0000 . . . 0.2781 0.0000 0.2448 . . . . . . . . . . . 
'X-RAY DIFFRACTION' 4.5228 32.393 . . 143 1253 100.0000 . . . 0.1813 0.0000 0.1537 . . . . . . . . . . . 
# 
_struct.entry_id                     7JJY 
_struct.title                        
;Self-assembly of a 3D DNA crystal lattice (4x6 scramble junction version) containing the J3 immobile Holliday junction with R3 symmetry
;
_struct.pdbx_model_details           ? 
_struct.pdbx_formula_weight          ? 
_struct.pdbx_formula_weight_method   ? 
_struct.pdbx_model_type_details      ? 
_struct.pdbx_CASP_flag               N 
# 
_struct_keywords.entry_id        7JJY 
_struct_keywords.text            
'Structural DNA nanotechnology, immobile Holliday junctions, 3D DNA self-assembly, designer DNA crystals, DNA' 
_struct_keywords.pdbx_keywords   DNA 
# 
loop_
_struct_asym.id 
_struct_asym.pdbx_blank_PDB_chainid_flag 
_struct_asym.pdbx_modified 
_struct_asym.entity_id 
_struct_asym.details 
A N N 1 ? 
B N N 2 ? 
C N N 3 ? 
D N N 4 ? 
E N N 5 ? 
F N N 5 ? 
# 
loop_
_struct_conn.id 
_struct_conn.conn_type_id 
_struct_conn.pdbx_leaving_atom_flag 
_struct_conn.pdbx_PDB_id 
_struct_conn.ptnr1_label_asym_id 
_struct_conn.ptnr1_label_comp_id 
_struct_conn.ptnr1_label_seq_id 
_struct_conn.ptnr1_label_atom_id 
_struct_conn.pdbx_ptnr1_label_alt_id 
_struct_conn.pdbx_ptnr1_PDB_ins_code 
_struct_conn.pdbx_ptnr1_standard_comp_id 
_struct_conn.ptnr1_symmetry 
_struct_conn.ptnr2_label_asym_id 
_struct_conn.ptnr2_label_comp_id 
_struct_conn.ptnr2_label_seq_id 
_struct_conn.ptnr2_label_atom_id 
_struct_conn.pdbx_ptnr2_label_alt_id 
_struct_conn.pdbx_ptnr2_PDB_ins_code 
_struct_conn.ptnr1_auth_asym_id 
_struct_conn.ptnr1_auth_comp_id 
_struct_conn.ptnr1_auth_seq_id 
_struct_conn.ptnr2_auth_asym_id 
_struct_conn.ptnr2_auth_comp_id 
_struct_conn.ptnr2_auth_seq_id 
_struct_conn.ptnr2_symmetry 
_struct_conn.pdbx_ptnr3_label_atom_id 
_struct_conn.pdbx_ptnr3_label_seq_id 
_struct_conn.pdbx_ptnr3_label_comp_id 
_struct_conn.pdbx_ptnr3_label_asym_id 
_struct_conn.pdbx_ptnr3_label_alt_id 
_struct_conn.pdbx_ptnr3_PDB_ins_code 
_struct_conn.details 
_struct_conn.pdbx_dist_value 
_struct_conn.pdbx_value_order 
_struct_conn.pdbx_role 
hydrog1  hydrog ? ? A DA 3  N1 ? ? ? 1_555 D DT 15 N3 ? ? A DA 3  D DT 16 1_555 ? ? ? ? ? ? WATSON-CRICK ? ? ? 
hydrog2  hydrog ? ? A DA 3  N6 ? ? ? 1_555 D DT 15 O4 ? ? A DA 3  D DT 16 1_555 ? ? ? ? ? ? WATSON-CRICK ? ? ? 
hydrog3  hydrog ? ? A DC 4  N3 ? ? ? 1_555 D DG 14 N1 ? ? A DC 4  D DG 15 1_555 ? ? ? ? ? ? WATSON-CRICK ? ? ? 
hydrog4  hydrog ? ? A DC 4  N4 ? ? ? 1_555 D DG 14 O6 ? ? A DC 4  D DG 15 1_555 ? ? ? ? ? ? WATSON-CRICK ? ? ? 
hydrog5  hydrog ? ? A DC 4  O2 ? ? ? 1_555 D DG 14 N2 ? ? A DC 4  D DG 15 1_555 ? ? ? ? ? ? WATSON-CRICK ? ? ? 
hydrog6  hydrog ? ? A DG 5  N1 ? ? ? 1_555 D DC 13 N3 ? ? A DG 5  D DC 14 1_555 ? ? ? ? ? ? WATSON-CRICK ? ? ? 
hydrog7  hydrog ? ? A DG 5  N2 ? ? ? 1_555 D DC 13 O2 ? ? A DG 5  D DC 14 1_555 ? ? ? ? ? ? WATSON-CRICK ? ? ? 
hydrog8  hydrog ? ? A DG 5  O6 ? ? ? 1_555 D DC 13 N4 ? ? A DG 5  D DC 14 1_555 ? ? ? ? ? ? WATSON-CRICK ? ? ? 
hydrog9  hydrog ? ? A DA 6  N1 ? ? ? 1_555 D DT 12 N3 ? ? A DA 6  D DT 13 1_555 ? ? ? ? ? ? WATSON-CRICK ? ? ? 
hydrog10 hydrog ? ? A DA 6  N6 ? ? ? 1_555 D DT 12 O4 ? ? A DA 6  D DT 13 1_555 ? ? ? ? ? ? WATSON-CRICK ? ? ? 
hydrog11 hydrog ? ? A DC 7  N3 ? ? ? 1_555 D DG 11 N1 ? ? A DC 7  D DG 12 1_555 ? ? ? ? ? ? WATSON-CRICK ? ? ? 
hydrog12 hydrog ? ? A DC 7  N4 ? ? ? 1_555 D DG 11 O6 ? ? A DC 7  D DG 12 1_555 ? ? ? ? ? ? WATSON-CRICK ? ? ? 
hydrog13 hydrog ? ? A DC 7  O2 ? ? ? 1_555 D DG 11 N2 ? ? A DC 7  D DG 12 1_555 ? ? ? ? ? ? WATSON-CRICK ? ? ? 
hydrog14 hydrog ? ? A DA 8  N1 ? ? ? 1_555 D DT 10 N3 ? ? A DA 8  D DT 11 1_555 ? ? ? ? ? ? WATSON-CRICK ? ? ? 
hydrog15 hydrog ? ? A DA 8  N6 ? ? ? 1_555 D DT 10 O4 ? ? A DA 8  D DT 11 1_555 ? ? ? ? ? ? WATSON-CRICK ? ? ? 
hydrog16 hydrog ? ? A DG 9  N1 ? ? ? 1_555 D DC 9  N3 ? ? A DG 9  D DC 10 1_555 ? ? ? ? ? ? WATSON-CRICK ? ? ? 
hydrog17 hydrog ? ? A DG 9  N2 ? ? ? 1_555 D DC 9  O2 ? ? A DG 9  D DC 10 1_555 ? ? ? ? ? ? WATSON-CRICK ? ? ? 
hydrog18 hydrog ? ? A DG 9  O6 ? ? ? 1_555 D DC 9  N4 ? ? A DG 9  D DC 10 1_555 ? ? ? ? ? ? WATSON-CRICK ? ? ? 
hydrog19 hydrog ? ? A DT 10 N3 ? ? ? 1_555 C DA 3  N1 ? ? A DT 10 C DA 2  1_555 ? ? ? ? ? ? WATSON-CRICK ? ? ? 
hydrog20 hydrog ? ? A DT 10 O4 ? ? ? 1_555 C DA 3  N6 ? ? A DT 10 C DA 2  1_555 ? ? ? ? ? ? WATSON-CRICK ? ? ? 
hydrog21 hydrog ? ? A DG 11 N1 ? ? ? 1_555 C DC 2  N3 ? ? A DG 11 C DC 1  1_555 ? ? ? ? ? ? WATSON-CRICK ? ? ? 
hydrog22 hydrog ? ? A DG 11 N2 ? ? ? 1_555 C DC 2  O2 ? ? A DG 11 C DC 1  1_555 ? ? ? ? ? ? WATSON-CRICK ? ? ? 
hydrog23 hydrog ? ? A DG 11 O6 ? ? ? 1_555 C DC 2  N4 ? ? A DG 11 C DC 1  1_555 ? ? ? ? ? ? WATSON-CRICK ? ? ? 
hydrog24 hydrog ? ? A DA 12 N1 ? ? ? 1_555 C DT 1  N3 ? ? A DA 12 C DT 0  1_555 ? ? ? ? ? ? WATSON-CRICK ? ? ? 
hydrog25 hydrog ? ? A DA 12 N6 ? ? ? 1_555 C DT 1  O4 ? ? A DA 12 C DT 0  1_555 ? ? ? ? ? ? WATSON-CRICK ? ? ? 
hydrog26 hydrog ? ? B DC 1  N3 ? ? ? 1_555 C DG 6  N1 ? ? B DC 12 C DG 5  1_555 ? ? ? ? ? ? WATSON-CRICK ? ? ? 
hydrog27 hydrog ? ? B DC 1  N4 ? ? ? 1_555 C DG 6  O6 ? ? B DC 12 C DG 5  1_555 ? ? ? ? ? ? WATSON-CRICK ? ? ? 
hydrog28 hydrog ? ? B DC 1  O2 ? ? ? 1_555 C DG 6  N2 ? ? B DC 12 C DG 5  1_555 ? ? ? ? ? ? WATSON-CRICK ? ? ? 
hydrog29 hydrog ? ? B DG 2  N1 ? ? ? 1_555 C DC 5  N3 ? ? B DG 13 C DC 4  1_555 ? ? ? ? ? ? WATSON-CRICK ? ? ? 
hydrog30 hydrog ? ? B DG 2  N2 ? ? ? 1_555 C DC 5  O2 ? ? B DG 13 C DC 4  1_555 ? ? ? ? ? ? WATSON-CRICK ? ? ? 
hydrog31 hydrog ? ? B DG 2  O6 ? ? ? 1_555 C DC 5  N4 ? ? B DG 13 C DC 4  1_555 ? ? ? ? ? ? WATSON-CRICK ? ? ? 
hydrog32 hydrog ? ? B DT 3  N3 ? ? ? 1_555 C DA 4  N1 ? ? B DT 14 C DA 3  1_555 ? ? ? ? ? ? WATSON-CRICK ? ? ? 
hydrog33 hydrog ? ? B DT 3  O4 ? ? ? 1_555 C DA 4  N6 ? ? B DT 14 C DA 3  1_555 ? ? ? ? ? ? WATSON-CRICK ? ? ? 
hydrog34 hydrog ? ? B DC 4  N3 ? ? ? 1_555 D DG 8  N1 ? ? B DC 15 D DG 9  1_555 ? ? ? ? ? ? WATSON-CRICK ? ? ? 
hydrog35 hydrog ? ? B DC 4  N4 ? ? ? 1_555 D DG 8  O6 ? ? B DC 15 D DG 9  1_555 ? ? ? ? ? ? WATSON-CRICK ? ? ? 
hydrog36 hydrog ? ? B DC 4  O2 ? ? ? 1_555 D DG 8  N2 ? ? B DC 15 D DG 9  1_555 ? ? ? ? ? ? WATSON-CRICK ? ? ? 
hydrog37 hydrog ? ? B DG 5  N1 ? ? ? 1_555 D DC 7  N3 ? ? B DG 16 D DC 8  1_555 ? ? ? ? ? ? WATSON-CRICK ? ? ? 
hydrog38 hydrog ? ? B DG 5  N2 ? ? ? 1_555 D DC 7  O2 ? ? B DG 16 D DC 8  1_555 ? ? ? ? ? ? WATSON-CRICK ? ? ? 
hydrog39 hydrog ? ? B DG 5  O6 ? ? ? 1_555 D DC 7  N4 ? ? B DG 16 D DC 8  1_555 ? ? ? ? ? ? WATSON-CRICK ? ? ? 
hydrog40 hydrog ? ? B DA 6  N1 ? ? ? 1_555 D DT 6  N3 ? ? B DA 17 D DT 7  1_555 ? ? ? ? ? ? WATSON-CRICK ? ? ? 
hydrog41 hydrog ? ? B DA 6  N6 ? ? ? 1_555 D DT 6  O4 ? ? B DA 17 D DT 7  1_555 ? ? ? ? ? ? WATSON-CRICK ? ? ? 
hydrog42 hydrog ? ? B DC 7  N3 ? ? ? 1_555 D DG 5  N1 ? ? B DC 18 D DG 6  1_555 ? ? ? ? ? ? WATSON-CRICK ? ? ? 
hydrog43 hydrog ? ? B DC 7  N4 ? ? ? 1_555 D DG 5  O6 ? ? B DC 18 D DG 6  1_555 ? ? ? ? ? ? WATSON-CRICK ? ? ? 
hydrog44 hydrog ? ? B DC 7  O2 ? ? ? 1_555 D DG 5  N2 ? ? B DC 18 D DG 6  1_555 ? ? ? ? ? ? WATSON-CRICK ? ? ? 
hydrog45 hydrog ? ? B DT 8  N3 ? ? ? 1_555 D DA 4  N1 ? ? B DT 19 D DA 5  1_555 ? ? ? ? ? ? WATSON-CRICK ? ? ? 
hydrog46 hydrog ? ? B DT 8  O4 ? ? ? 1_555 D DA 4  N6 ? ? B DT 19 D DA 5  1_555 ? ? ? ? ? ? WATSON-CRICK ? ? ? 
hydrog47 hydrog ? ? B DC 9  N3 ? ? ? 1_555 D DG 3  N1 ? ? B DC 20 D DG 4  1_555 ? ? ? ? ? ? WATSON-CRICK ? ? ? 
hydrog48 hydrog ? ? B DC 9  N4 ? ? ? 1_555 D DG 3  O6 ? ? B DC 20 D DG 4  1_555 ? ? ? ? ? ? WATSON-CRICK ? ? ? 
hydrog49 hydrog ? ? B DC 9  O2 ? ? ? 1_555 D DG 3  N2 ? ? B DC 20 D DG 4  1_555 ? ? ? ? ? ? WATSON-CRICK ? ? ? 
# 
_struct_conn_type.id          hydrog 
_struct_conn_type.criteria    ? 
_struct_conn_type.reference   ? 
# 
_atom_sites.entry_id                    7JJY 
_atom_sites.Cartn_transf_matrix[1][1]   ? 
_atom_sites.Cartn_transf_matrix[1][2]   ? 
_atom_sites.Cartn_transf_matrix[1][3]   ? 
_atom_sites.Cartn_transf_matrix[2][1]   ? 
_atom_sites.Cartn_transf_matrix[2][2]   ? 
_atom_sites.Cartn_transf_matrix[2][3]   ? 
_atom_sites.Cartn_transf_matrix[3][1]   ? 
_atom_sites.Cartn_transf_matrix[3][2]   ? 
_atom_sites.Cartn_transf_matrix[3][3]   ? 
_atom_sites.Cartn_transf_vector[1]      ? 
_atom_sites.Cartn_transf_vector[2]      ? 
_atom_sites.Cartn_transf_vector[3]      ? 
_atom_sites.fract_transf_matrix[1][1]   0.00377839 
_atom_sites.fract_transf_matrix[1][2]   0.00879947 
_atom_sites.fract_transf_matrix[1][3]   0.00376668 
_atom_sites.fract_transf_matrix[2][1]   -0.00282225 
_atom_sites.fract_transf_matrix[2][2]   0.00322361 
_atom_sites.fract_transf_matrix[2][3]   0.00935561 
_atom_sites.fract_transf_matrix[3][1]   0.01500920 
_atom_sites.fract_transf_matrix[3][2]   -0.00983324 
_atom_sites.fract_transf_matrix[3][3]   0.00791593 
_atom_sites.fract_transf_vector[1]      0.324318 
_atom_sites.fract_transf_vector[2]      0.163961 
_atom_sites.fract_transf_vector[3]      -0.095374 
_atom_sites.solution_primary            ? 
_atom_sites.solution_secondary          ? 
_atom_sites.solution_hydrogens          ? 
_atom_sites.special_details             ? 
# 
loop_
_atom_type.symbol 
AS 
C  
H  
N  
O  
P  
# 
loop_
_atom_site.group_PDB 
_atom_site.id 
_atom_site.type_symbol 
_atom_site.label_atom_id 
_atom_site.label_alt_id 
_atom_site.label_comp_id 
_atom_site.label_asym_id 
_atom_site.label_entity_id 
_atom_site.label_seq_id 
_atom_site.pdbx_PDB_ins_code 
_atom_site.Cartn_x 
_atom_site.Cartn_y 
_atom_site.Cartn_z 
_atom_site.occupancy 
_atom_site.B_iso_or_equiv 
_atom_site.pdbx_formal_charge 
_atom_site.auth_seq_id 
_atom_site.auth_comp_id 
_atom_site.auth_asym_id 
_atom_site.auth_atom_id 
_atom_site.pdbx_PDB_model_num 
ATOM   1    O  "O5'"  . DG  A 1 1  ? 5.511   -24.575 9.941   1.00 124.79 ? 1   DG  A "O5'"  1 
ATOM   2    C  "C5'"  . DG  A 1 1  ? 5.544   -24.390 11.352  1.00 117.17 ? 1   DG  A "C5'"  1 
ATOM   3    C  "C4'"  . DG  A 1 1  ? 4.174   -24.008 11.875  1.00 114.26 ? 1   DG  A "C4'"  1 
ATOM   4    O  "O4'"  . DG  A 1 1  ? 4.271   -23.598 13.249  1.00 110.35 ? 1   DG  A "O4'"  1 
ATOM   5    C  "C3'"  . DG  A 1 1  ? 3.534   -22.816 11.193  1.00 114.46 ? 1   DG  A "C3'"  1 
ATOM   6    O  "O3'"  . DG  A 1 1  ? 2.839   -23.207 10.024  1.00 117.92 ? 1   DG  A "O3'"  1 
ATOM   7    C  "C2'"  . DG  A 1 1  ? 2.595   -22.256 12.267  1.00 106.74 ? 1   DG  A "C2'"  1 
ATOM   8    C  "C1'"  . DG  A 1 1  ? 3.107   -22.862 13.563  1.00 104.05 ? 1   DG  A "C1'"  1 
ATOM   9    N  N9     . DG  A 1 1  ? 3.423   -21.883 14.597  1.00 94.38  ? 1   DG  A N9     1 
ATOM   10   C  C8     . DG  A 1 1  ? 4.620   -21.725 15.246  1.00 96.96  ? 1   DG  A C8     1 
ATOM   11   N  N7     . DG  A 1 1  ? 4.599   -20.785 16.154  1.00 92.41  ? 1   DG  A N7     1 
ATOM   12   C  C5     . DG  A 1 1  ? 3.299   -20.301 16.111  1.00 90.90  ? 1   DG  A C5     1 
ATOM   13   C  C6     . DG  A 1 1  ? 2.680   -19.279 16.868  1.00 87.16  ? 1   DG  A C6     1 
ATOM   14   O  O6     . DG  A 1 1  ? 3.176   -18.578 17.755  1.00 84.03  ? 1   DG  A O6     1 
ATOM   15   N  N1     . DG  A 1 1  ? 1.347   -19.101 16.511  1.00 83.75  ? 1   DG  A N1     1 
ATOM   16   C  C2     . DG  A 1 1  ? 0.695   -19.819 15.541  1.00 86.78  ? 1   DG  A C2     1 
ATOM   17   N  N2     . DG  A 1 1  ? -0.588  -19.506 15.337  1.00 85.47  ? 1   DG  A N2     1 
ATOM   18   N  N3     . DG  A 1 1  ? 1.263   -20.779 14.818  1.00 90.22  ? 1   DG  A N3     1 
ATOM   19   C  C4     . DG  A 1 1  ? 2.561   -20.967 15.158  1.00 92.03  ? 1   DG  A C4     1 
ATOM   20   H  "H5'"  . DG  A 1 1  ? 6.175   -23.685 11.567  1.00 140.52 ? 1   DG  A "H5'"  1 
ATOM   21   H  "H5''" . DG  A 1 1  ? 5.829   -25.214 11.776  1.00 140.52 ? 1   DG  A "H5''" 1 
ATOM   22   H  "H4'"  . DG  A 1 1  ? 3.580   -24.773 11.810  1.00 137.03 ? 1   DG  A "H4'"  1 
ATOM   23   H  "H3'"  . DG  A 1 1  ? 4.212   -22.158 10.972  1.00 137.28 ? 1   DG  A "H3'"  1 
ATOM   24   H  "H2'"  . DG  A 1 1  ? 2.654   -21.289 12.298  1.00 128.00 ? 1   DG  A "H2'"  1 
ATOM   25   H  "H2''" . DG  A 1 1  ? 1.682   -22.536 12.099  1.00 128.00 ? 1   DG  A "H2''" 1 
ATOM   26   H  "H1'"  . DG  A 1 1  ? 2.437   -23.472 13.907  1.00 124.78 ? 1   DG  A "H1'"  1 
ATOM   27   H  H8     . DG  A 1 1  ? 5.376   -22.230 15.053  1.00 116.27 ? 1   DG  A H8     1 
ATOM   28   H  H1     . DG  A 1 1  ? 0.901   -18.494 16.925  1.00 100.42 ? 1   DG  A H1     1 
ATOM   29   H  H21    . DG  A 1 1  ? -1.043  -19.923 14.738  1.00 102.48 ? 1   DG  A H21    1 
ATOM   30   H  H22    . DG  A 1 1  ? -0.959  -18.886 15.805  1.00 102.48 ? 1   DG  A H22    1 
ATOM   31   H  "HO5'" . DG  A 1 1  ? 6.228   -24.607 9.504   1.00 149.66 ? 1   DG  A "HO5'" 1 
ATOM   32   P  P      . DA  A 1 2  ? 2.915   -22.285 8.712   1.00 130.67 ? 2   DA  A P      1 
ATOM   33   O  OP1    . DA  A 1 2  ? 3.474   -23.131 7.632   1.00 132.81 ? 2   DA  A OP1    1 
ATOM   34   O  OP2    . DA  A 1 2  ? 3.599   -21.024 9.087   1.00 113.27 ? 2   DA  A OP2    1 
ATOM   35   O  "O5'"  . DA  A 1 2  ? 1.387   -21.929 8.373   1.00 117.99 ? 2   DA  A "O5'"  1 
ATOM   36   C  "C5'"  . DA  A 1 2  ? 0.344   -22.184 9.311   1.00 117.46 ? 2   DA  A "C5'"  1 
ATOM   37   C  "C4'"  . DA  A 1 2  ? -0.479  -20.931 9.579   1.00 112.63 ? 2   DA  A "C4'"  1 
ATOM   38   O  "O4'"  . DA  A 1 2  ? -0.050  -20.326 10.834  1.00 105.58 ? 2   DA  A "O4'"  1 
ATOM   39   C  "C3'"  . DA  A 1 2  ? -0.363  -19.834 8.518   1.00 114.79 ? 2   DA  A "C3'"  1 
ATOM   40   O  "O3'"  . DA  A 1 2  ? -1.650  -19.279 8.227   1.00 119.04 ? 2   DA  A "O3'"  1 
ATOM   41   C  "C2'"  . DA  A 1 2  ? 0.591   -18.827 9.158   1.00 108.26 ? 2   DA  A "C2'"  1 
ATOM   42   C  "C1'"  . DA  A 1 2  ? 0.278   -18.967 10.634  1.00 103.28 ? 2   DA  A "C1'"  1 
ATOM   43   N  N9     . DA  A 1 2  ? 1.391   -18.619 11.516  1.00 96.73  ? 2   DA  A N9     1 
ATOM   44   C  C8     . DA  A 1 2  ? 2.684   -19.043 11.413  1.00 96.99  ? 2   DA  A C8     1 
ATOM   45   N  N7     . DA  A 1 2  ? 3.469   -18.584 12.359  1.00 92.82  ? 2   DA  A N7     1 
ATOM   46   C  C5     . DA  A 1 2  ? 2.636   -17.793 13.126  1.00 88.20  ? 2   DA  A C5     1 
ATOM   47   C  C6     . DA  A 1 2  ? 2.864   -17.018 14.274  1.00 83.92  ? 2   DA  A C6     1 
ATOM   48   N  N6     . DA  A 1 2  ? 4.053   -16.923 14.864  1.00 84.96  ? 2   DA  A N6     1 
ATOM   49   N  N1     . DA  A 1 2  ? 1.817   -16.348 14.798  1.00 83.60  ? 2   DA  A N1     1 
ATOM   50   C  C2     . DA  A 1 2  ? 0.624   -16.452 14.200  1.00 90.04  ? 2   DA  A C2     1 
ATOM   51   N  N3     . DA  A 1 2  ? 0.287   -17.152 13.118  1.00 91.35  ? 2   DA  A N3     1 
ATOM   52   C  C4     . DA  A 1 2  ? 1.349   -17.804 12.624  1.00 92.22  ? 2   DA  A C4     1 
ATOM   53   H  "H5'"  . DA  A 1 2  ? 0.736   -22.490 10.145  1.00 140.87 ? 2   DA  A "H5'"  1 
ATOM   54   H  "H5''" . DA  A 1 2  ? -0.237  -22.876 8.960   1.00 140.87 ? 2   DA  A "H5''" 1 
ATOM   55   H  "H4'"  . DA  A 1 2  ? -1.411  -21.185 9.661   1.00 135.07 ? 2   DA  A "H4'"  1 
ATOM   56   H  "H3'"  . DA  A 1 2  ? 0.033   -20.197 7.711   1.00 137.67 ? 2   DA  A "H3'"  1 
ATOM   57   H  "H2'"  . DA  A 1 2  ? 1.514   -19.066 8.978   1.00 129.83 ? 2   DA  A "H2'"  1 
ATOM   58   H  "H2''" . DA  A 1 2  ? 0.399   -17.928 8.849   1.00 129.83 ? 2   DA  A "H2''" 1 
ATOM   59   H  "H1'"  . DA  A 1 2  ? -0.490  -18.415 10.852  1.00 123.86 ? 2   DA  A "H1'"  1 
ATOM   60   H  H8     . DA  A 1 2  ? 2.978   -19.622 10.748  1.00 116.31 ? 2   DA  A H8     1 
ATOM   61   H  H61    . DA  A 1 2  ? 4.145   -16.440 15.570  1.00 101.87 ? 2   DA  A H61    1 
ATOM   62   H  H62    . DA  A 1 2  ? 4.729   -17.344 14.540  1.00 101.87 ? 2   DA  A H62    1 
ATOM   63   H  H2     . DA  A 1 2  ? -0.066  -15.972 14.597  1.00 107.96 ? 2   DA  A H2     1 
ATOM   64   P  P      . DA  A 1 3  ? -1.786  -17.903 7.404   1.00 120.37 ? 3   DA  A P      1 
ATOM   65   O  OP1    . DA  A 1 3  ? -3.089  -17.922 6.702   1.00 114.26 ? 3   DA  A OP1    1 
ATOM   66   O  OP2    . DA  A 1 3  ? -0.538  -17.690 6.637   1.00 119.58 ? 3   DA  A OP2    1 
ATOM   67   O  "O5'"  . DA  A 1 3  ? -1.850  -16.792 8.548   1.00 107.60 ? 3   DA  A "O5'"  1 
ATOM   68   C  "C5'"  . DA  A 1 3  ? -2.882  -16.846 9.513   1.00 106.44 ? 3   DA  A "C5'"  1 
ATOM   69   C  "C4'"  . DA  A 1 3  ? -3.264  -15.456 9.973   1.00 107.38 ? 3   DA  A "C4'"  1 
ATOM   70   O  "O4'"  . DA  A 1 3  ? -2.330  -15.013 10.995  1.00 104.41 ? 3   DA  A "O4'"  1 
ATOM   71   C  "C3'"  . DA  A 1 3  ? -3.227  -14.393 8.887   1.00 108.55 ? 3   DA  A "C3'"  1 
ATOM   72   O  "O3'"  . DA  A 1 3  ? -4.253  -13.436 9.088   1.00 115.93 ? 3   DA  A "O3'"  1 
ATOM   73   C  "C2'"  . DA  A 1 3  ? -1.831  -13.797 9.030   1.00 105.37 ? 3   DA  A "C2'"  1 
ATOM   74   C  "C1'"  . DA  A 1 3  ? -1.558  -13.921 10.527  1.00 98.25  ? 3   DA  A "C1'"  1 
ATOM   75   N  N9     . DA  A 1 3  ? -0.160  -14.176 10.865  1.00 89.71  ? 3   DA  A N9     1 
ATOM   76   C  C8     . DA  A 1 3  ? 0.710   -15.012 10.219  1.00 95.44  ? 3   DA  A C8     1 
ATOM   77   N  N7     . DA  A 1 3  ? 1.906   -15.055 10.759  1.00 91.97  ? 3   DA  A N7     1 
ATOM   78   C  C5     . DA  A 1 3  ? 1.809   -14.197 11.842  1.00 91.01  ? 3   DA  A C5     1 
ATOM   79   C  C6     . DA  A 1 3  ? 2.740   -13.800 12.826  1.00 86.80  ? 3   DA  A C6     1 
ATOM   80   N  N6     . DA  A 1 3  ? 4.002   -14.244 12.870  1.00 83.70  ? 3   DA  A N6     1 
ATOM   81   N  N1     . DA  A 1 3  ? 2.319   -12.927 13.767  1.00 84.09  ? 3   DA  A N1     1 
ATOM   82   C  C2     . DA  A 1 3  ? 1.056   -12.482 13.717  1.00 88.00  ? 3   DA  A C2     1 
ATOM   83   N  N3     . DA  A 1 3  ? 0.096   -12.780 12.843  1.00 89.94  ? 3   DA  A N3     1 
ATOM   84   C  C4     . DA  A 1 3  ? 0.541   -13.651 11.924  1.00 90.24  ? 3   DA  A C4     1 
ATOM   85   H  "H5'"  . DA  A 1 3  ? -2.579  -17.362 10.276  1.00 127.65 ? 3   DA  A "H5'"  1 
ATOM   86   H  "H5''" . DA  A 1 3  ? -3.659  -17.277 9.124   1.00 127.65 ? 3   DA  A "H5''" 1 
ATOM   87   H  "H4'"  . DA  A 1 3  ? -4.155  -15.485 10.354  1.00 128.78 ? 3   DA  A "H4'"  1 
ATOM   88   H  "H3'"  . DA  A 1 3  ? -3.323  -14.808 8.015   1.00 130.18 ? 3   DA  A "H3'"  1 
ATOM   89   H  "H2'"  . DA  A 1 3  ? -1.185  -14.309 8.520   1.00 126.36 ? 3   DA  A "H2'"  1 
ATOM   90   H  "H2''" . DA  A 1 3  ? -1.827  -12.866 8.757   1.00 126.36 ? 3   DA  A "H2''" 1 
ATOM   91   H  "H1'"  . DA  A 1 3  ? -1.851  -13.110 10.972  1.00 117.82 ? 3   DA  A "H1'"  1 
ATOM   92   H  H8     . DA  A 1 3  ? 0.478   -15.500 9.461   1.00 114.45 ? 3   DA  A H8     1 
ATOM   93   H  H61    . DA  A 1 3  ? 4.531   -13.974 13.492  1.00 100.35 ? 3   DA  A H61    1 
ATOM   94   H  H62    . DA  A 1 3  ? 4.283   -14.800 12.276  1.00 100.35 ? 3   DA  A H62    1 
ATOM   95   H  H2     . DA  A 1 3  ? 0.817   -11.881 14.386  1.00 105.52 ? 3   DA  A H2     1 
ATOM   96   P  P      . DC  A 1 4  ? -4.509  -12.287 7.998   1.00 122.30 ? 4   DC  A P      1 
ATOM   97   O  OP1    . DC  A 1 4  ? -5.970  -12.081 7.889   1.00 121.47 ? 4   DC  A OP1    1 
ATOM   98   O  OP2    . DC  A 1 4  ? -3.716  -12.631 6.795   1.00 113.99 ? 4   DC  A OP2    1 
ATOM   99   O  "O5'"  . DC  A 1 4  ? -3.861  -10.987 8.659   1.00 106.82 ? 4   DC  A "O5'"  1 
ATOM   100  C  "C5'"  . DC  A 1 4  ? -4.433  -10.429 9.820   1.00 99.35  ? 4   DC  A "C5'"  1 
ATOM   101  C  "C4'"  . DC  A 1 4  ? -3.459  -9.484  10.497  1.00 103.15 ? 4   DC  A "C4'"  1 
ATOM   102  O  "O4'"  . DC  A 1 4  ? -2.229  -10.178 10.779  1.00 99.22  ? 4   DC  A "O4'"  1 
ATOM   103  C  "C3'"  . DC  A 1 4  ? -3.058  -8.267  9.664   1.00 103.13 ? 4   DC  A "C3'"  1 
ATOM   104  O  "O3'"  . DC  A 1 4  ? -3.739  -7.112  10.136  1.00 113.19 ? 4   DC  A "O3'"  1 
ATOM   105  C  "C2'"  . DC  A 1 4  ? -1.529  -8.159  9.826   1.00 97.12  ? 4   DC  A "C2'"  1 
ATOM   106  C  "C1'"  . DC  A 1 4  ? -1.191  -9.230  10.856  1.00 96.76  ? 4   DC  A "C1'"  1 
ATOM   107  N  N1     . DC  A 1 4  ? 0.116   -9.947  10.637  1.00 91.40  ? 4   DC  A N1     1 
ATOM   108  C  C2     . DC  A 1 4  ? 1.177   -9.741  11.522  1.00 84.34  ? 4   DC  A C2     1 
ATOM   109  O  O2     . DC  A 1 4  ? 1.036   -8.943  12.453  1.00 85.13  ? 4   DC  A O2     1 
ATOM   110  N  N3     . DC  A 1 4  ? 2.334   -10.418 11.328  1.00 79.98  ? 4   DC  A N3     1 
ATOM   111  C  C4     . DC  A 1 4  ? 2.448   -11.272 10.314  1.00 79.61  ? 4   DC  A C4     1 
ATOM   112  N  N4     . DC  A 1 4  ? 3.610   -11.917 10.167  1.00 77.90  ? 4   DC  A N4     1 
ATOM   113  C  C5     . DC  A 1 4  ? 1.377   -11.507 9.409   1.00 87.87  ? 4   DC  A C5     1 
ATOM   114  C  C6     . DC  A 1 4  ? 0.238   -10.836 9.608   1.00 94.85  ? 4   DC  A C6     1 
ATOM   115  H  "H5'"  . DC  A 1 4  ? -4.666  -11.141 10.435  1.00 119.14 ? 4   DC  A "H5'"  1 
ATOM   116  H  "H5''" . DC  A 1 4  ? -5.235  -9.941  9.577   1.00 119.14 ? 4   DC  A "H5''" 1 
ATOM   117  H  "H4'"  . DC  A 1 4  ? -3.846  -9.179  11.332  1.00 123.69 ? 4   DC  A "H4'"  1 
ATOM   118  H  "H3'"  . DC  A 1 4  ? -3.280  -8.421  8.731   1.00 123.67 ? 4   DC  A "H3'"  1 
ATOM   119  H  "H2'"  . DC  A 1 4  ? -1.084  -8.344  8.985   1.00 116.46 ? 4   DC  A "H2'"  1 
ATOM   120  H  "H2''" . DC  A 1 4  ? -1.283  -7.281  10.156  1.00 116.46 ? 4   DC  A "H2''" 1 
ATOM   121  H  "H1'"  . DC  A 1 4  ? -1.190  -8.832  11.740  1.00 116.03 ? 4   DC  A "H1'"  1 
ATOM   122  H  H41    . DC  A 1 4  ? 3.712   -12.476 9.521   1.00 93.40  ? 4   DC  A H41    1 
ATOM   123  H  H42    . DC  A 1 4  ? 4.255   -11.772 10.716  1.00 93.40  ? 4   DC  A H42    1 
ATOM   124  H  H5     . DC  A 1 4  ? 1.465   -12.108 8.704   1.00 105.36 ? 4   DC  A H5     1 
ATOM   125  H  H6     . DC  A 1 4  ? -0.480  -10.972 9.033   1.00 113.74 ? 4   DC  A H6     1 
ATOM   126  P  P      . DG  A 1 5  ? -3.729  -5.749  9.289   1.00 118.41 ? 5   DG  A P      1 
ATOM   127  O  OP1    . DG  A 1 5  ? -4.960  -5.003  9.637   1.00 115.86 ? 5   DG  A OP1    1 
ATOM   128  O  OP2    . DG  A 1 5  ? -3.455  -6.090  7.872   1.00 113.14 ? 5   DG  A OP2    1 
ATOM   129  O  "O5'"  . DG  A 1 5  ? -2.486  -4.956  9.900   1.00 103.07 ? 5   DG  A "O5'"  1 
ATOM   130  C  "C5'"  . DG  A 1 5  ? -2.469  -4.668  11.284  1.00 103.68 ? 5   DG  A "C5'"  1 
ATOM   131  C  "C4'"  . DG  A 1 5  ? -1.097  -4.211  11.738  1.00 106.02 ? 5   DG  A "C4'"  1 
ATOM   132  O  "O4'"  . DG  A 1 5  ? -0.142  -5.291  11.548  1.00 99.84  ? 5   DG  A "O4'"  1 
ATOM   133  C  "C3'"  . DG  A 1 5  ? -0.536  -3.004  10.986  1.00 106.94 ? 5   DG  A "C3'"  1 
ATOM   134  O  "O3'"  . DG  A 1 5  ? -0.057  -2.029  11.902  1.00 108.25 ? 5   DG  A "O3'"  1 
ATOM   135  C  "C2'"  . DG  A 1 5  ? 0.579   -3.595  10.125  1.00 100.38 ? 5   DG  A "C2'"  1 
ATOM   136  C  "C1'"  . DG  A 1 5  ? 1.024   -4.790  10.942  1.00 94.65  ? 5   DG  A "C1'"  1 
ATOM   137  N  N9     . DG  A 1 5  ? 1.637   -5.859  10.160  1.00 92.69  ? 5   DG  A N9     1 
ATOM   138  C  C8     . DG  A 1 5  ? 1.091   -6.516  9.079   1.00 96.22  ? 5   DG  A C8     1 
ATOM   139  N  N7     . DG  A 1 5  ? 1.868   -7.442  8.588   1.00 88.45  ? 5   DG  A N7     1 
ATOM   140  C  C5     . DG  A 1 5  ? 2.996   -7.398  9.392   1.00 87.63  ? 5   DG  A C5     1 
ATOM   141  C  C6     . DG  A 1 5  ? 4.174   -8.167  9.342   1.00 84.44  ? 5   DG  A C6     1 
ATOM   142  O  O6     . DG  A 1 5  ? 4.463   -9.069  8.546   1.00 83.47  ? 5   DG  A O6     1 
ATOM   143  N  N1     . DG  A 1 5  ? 5.070   -7.807  10.343  1.00 81.63  ? 5   DG  A N1     1 
ATOM   144  C  C2     . DG  A 1 5  ? 4.852   -6.818  11.277  1.00 83.80  ? 5   DG  A C2     1 
ATOM   145  N  N2     . DG  A 1 5  ? 5.837   -6.603  12.165  1.00 85.76  ? 5   DG  A N2     1 
ATOM   146  N  N3     . DG  A 1 5  ? 3.745   -6.090  11.340  1.00 81.62  ? 5   DG  A N3     1 
ATOM   147  C  C4     . DG  A 1 5  ? 2.867   -6.430  10.367  1.00 87.84  ? 5   DG  A C4     1 
ATOM   148  H  "H5'"  . DG  A 1 5  ? -2.717  -5.466  11.778  1.00 124.33 ? 5   DG  A "H5'"  1 
ATOM   149  H  "H5''" . DG  A 1 5  ? -3.113  -3.967  11.470  1.00 124.33 ? 5   DG  A "H5''" 1 
ATOM   150  H  "H4'"  . DG  A 1 5  ? -1.139  -3.997  12.684  1.00 127.15 ? 5   DG  A "H4'"  1 
ATOM   151  H  "H3'"  . DG  A 1 5  ? -1.223  -2.620  10.419  1.00 128.24 ? 5   DG  A "H3'"  1 
ATOM   152  H  "H2'"  . DG  A 1 5  ? 0.236   -3.875  9.263   1.00 120.38 ? 5   DG  A "H2'"  1 
ATOM   153  H  "H2''" . DG  A 1 5  ? 1.304   -2.959  10.020  1.00 120.38 ? 5   DG  A "H2''" 1 
ATOM   154  H  "H1'"  . DG  A 1 5  ? 1.645   -4.498  11.629  1.00 113.50 ? 5   DG  A "H1'"  1 
ATOM   155  H  H8     . DG  A 1 5  ? 0.251   -6.320  8.734   1.00 115.38 ? 5   DG  A H8     1 
ATOM   156  H  H1     . DG  A 1 5  ? 5.819   -8.229  10.379  1.00 97.87  ? 5   DG  A H1     1 
ATOM   157  H  H21    . DG  A 1 5  ? 5.748   -6.000  12.770  1.00 102.83 ? 5   DG  A H21    1 
ATOM   158  H  H22    . DG  A 1 5  ? 6.558   -7.072  12.129  1.00 102.83 ? 5   DG  A H22    1 
ATOM   159  P  P      . DA  A 1 6  ? 0.523   -0.632  11.368  1.00 110.87 ? 6   DA  A P      1 
ATOM   160  O  OP1    . DA  A 1 6  ? 0.013   0.434   12.262  1.00 112.44 ? 6   DA  A OP1    1 
ATOM   161  O  OP2    . DA  A 1 6  ? 0.259   -0.564  9.914   1.00 109.72 ? 6   DA  A OP2    1 
ATOM   162  O  "O5'"  . DA  A 1 6  ? 2.100   -0.769  11.586  1.00 94.76  ? 6   DA  A "O5'"  1 
ATOM   163  C  "C5'"  . DA  A 1 6  ? 2.632   -0.702  12.890  1.00 96.57  ? 6   DA  A "C5'"  1 
ATOM   164  C  "C4'"  . DA  A 1 6  ? 4.142   -0.773  12.858  1.00 98.29  ? 6   DA  A "C4'"  1 
ATOM   165  O  "O4'"  . DA  A 1 6  ? 4.535   -2.030  12.248  1.00 93.76  ? 6   DA  A "O4'"  1 
ATOM   166  C  "C3'"  . DA  A 1 6  ? 4.815   0.346   12.063  1.00 99.21  ? 6   DA  A "C3'"  1 
ATOM   167  O  "O3'"  . DA  A 1 6  ? 5.810   1.000   12.866  1.00 103.08 ? 6   DA  A "O3'"  1 
ATOM   168  C  "C2'"  . DA  A 1 6  ? 5.403   -0.347  10.825  1.00 91.80  ? 6   DA  A "C2'"  1 
ATOM   169  C  "C1'"  . DA  A 1 6  ? 5.446   -1.827  11.194  1.00 86.44  ? 6   DA  A "C1'"  1 
ATOM   170  N  N9     . DA  A 1 6  ? 5.066   -2.726  10.103  1.00 84.11  ? 6   DA  A N9     1 
ATOM   171  C  C8     . DA  A 1 6  ? 3.899   -2.718  9.391   1.00 89.32  ? 6   DA  A C8     1 
ATOM   172  N  N7     . DA  A 1 6  ? 3.828   -3.662  8.474   1.00 83.37  ? 6   DA  A N7     1 
ATOM   173  C  C5     . DA  A 1 6  ? 5.027   -4.339  8.603   1.00 76.68  ? 6   DA  A C5     1 
ATOM   174  C  C6     . DA  A 1 6  ? 5.569   -5.443  7.921   1.00 75.02  ? 6   DA  A C6     1 
ATOM   175  N  N6     . DA  A 1 6  ? 4.940   -6.084  6.930   1.00 76.03  ? 6   DA  A N6     1 
ATOM   176  N  N1     . DA  A 1 6  ? 6.789   -5.866  8.296   1.00 76.02  ? 6   DA  A N1     1 
ATOM   177  C  C2     . DA  A 1 6  ? 7.417   -5.223  9.286   1.00 81.30  ? 6   DA  A C2     1 
ATOM   178  N  N3     . DA  A 1 6  ? 7.013   -4.176  9.994   1.00 80.11  ? 6   DA  A N3     1 
ATOM   179  C  C4     . DA  A 1 6  ? 5.800   -3.780  9.604   1.00 79.57  ? 6   DA  A C4     1 
ATOM   180  H  "H5'"  . DA  A 1 6  ? 2.289   -1.443  13.413  1.00 115.80 ? 6   DA  A "H5'"  1 
ATOM   181  H  "H5''" . DA  A 1 6  ? 2.361   0.133   13.304  1.00 115.80 ? 6   DA  A "H5''" 1 
ATOM   182  H  "H4'"  . DA  A 1 6  ? 4.474   -0.751  13.769  1.00 117.87 ? 6   DA  A "H4'"  1 
ATOM   183  H  "H3'"  . DA  A 1 6  ? 4.147   0.992   11.785  1.00 118.96 ? 6   DA  A "H3'"  1 
ATOM   184  H  "H2'"  . DA  A 1 6  ? 4.830   -0.207  10.056  1.00 110.08 ? 6   DA  A "H2'"  1 
ATOM   185  H  "H2''" . DA  A 1 6  ? 6.298   -0.017  10.648  1.00 110.08 ? 6   DA  A "H2''" 1 
ATOM   186  H  "H1'"  . DA  A 1 6  ? 6.339   -2.053  11.497  1.00 103.64 ? 6   DA  A "H1'"  1 
ATOM   187  H  H8     . DA  A 1 6  ? 3.221   -2.098  9.533   1.00 107.10 ? 6   DA  A H8     1 
ATOM   188  H  H61    . DA  A 1 6  ? 5.320   -6.751  6.541   1.00 91.16  ? 6   DA  A H61    1 
ATOM   189  H  H62    . DA  A 1 6  ? 4.158   -5.828  6.681   1.00 91.16  ? 6   DA  A H62    1 
ATOM   190  H  H2     . DA  A 1 6  ? 8.257   -5.556  9.506   1.00 97.48  ? 6   DA  A H2     1 
ATOM   191  P  P      . DC  A 1 7  ? 6.587   2.303   12.327  1.00 106.79 ? 7   DC  A P      1 
ATOM   192  O  OP1    . DC  A 1 7  ? 7.158   2.994   13.500  1.00 110.89 ? 7   DC  A OP1    1 
ATOM   193  O  OP2    . DC  A 1 7  ? 5.695   3.049   11.413  1.00 108.15 ? 7   DC  A OP2    1 
ATOM   194  O  "O5'"  . DC  A 1 7  ? 7.793   1.683   11.482  1.00 105.03 ? 7   DC  A "O5'"  1 
ATOM   195  C  "C5'"  . DC  A 1 7  ? 8.604   0.685   12.075  1.00 102.67 ? 7   DC  A "C5'"  1 
ATOM   196  C  "C4'"  . DC  A 1 7  ? 9.485   -0.001  11.048  1.00 102.42 ? 7   DC  A "C4'"  1 
ATOM   197  O  "O4'"  . DC  A 1 7  ? 8.689   -0.885  10.231  1.00 101.56 ? 7   DC  A "O4'"  1 
ATOM   198  C  "C3'"  . DC  A 1 7  ? 10.200  0.930   10.063  1.00 99.62  ? 7   DC  A "C3'"  1 
ATOM   199  O  "O3'"  . DC  A 1 7  ? 11.593  1.000   10.375  1.00 110.96 ? 7   DC  A "O3'"  1 
ATOM   200  C  "C2'"  . DC  A 1 7  ? 9.932   0.302   8.683   1.00 94.29  ? 7   DC  A "C2'"  1 
ATOM   201  C  "C1'"  . DC  A 1 7  ? 9.372   -1.067  9.022   1.00 90.90  ? 7   DC  A "C1'"  1 
ATOM   202  N  N1     . DC  A 1 7  ? 8.432   -1.617  8.002   1.00 80.72  ? 7   DC  A N1     1 
ATOM   203  C  C2     . DC  A 1 7  ? 8.771   -2.776  7.290   1.00 79.69  ? 7   DC  A C2     1 
ATOM   204  O  O2     . DC  A 1 7  ? 9.853   -3.337  7.518   1.00 83.07  ? 7   DC  A O2     1 
ATOM   205  N  N3     . DC  A 1 7  ? 7.903   -3.255  6.366   1.00 72.18  ? 7   DC  A N3     1 
ATOM   206  C  C4     . DC  A 1 7  ? 6.751   -2.626  6.152   1.00 72.77  ? 7   DC  A C4     1 
ATOM   207  N  N4     . DC  A 1 7  ? 5.926   -3.135  5.241   1.00 69.67  ? 7   DC  A N4     1 
ATOM   208  C  C5     . DC  A 1 7  ? 6.391   -1.449  6.867   1.00 76.40  ? 7   DC  A C5     1 
ATOM   209  C  C6     . DC  A 1 7  ? 7.252   -0.985  7.772   1.00 79.46  ? 7   DC  A C6     1 
ATOM   210  H  "H5'"  . DC  A 1 7  ? 8.034   0.022   12.496  1.00 123.12 ? 7   DC  A "H5'"  1 
ATOM   211  H  "H5''" . DC  A 1 7  ? 9.166   1.094   12.751  1.00 123.12 ? 7   DC  A "H5''" 1 
ATOM   212  H  "H4'"  . DC  A 1 7  ? 10.152  -0.529  11.516  1.00 122.82 ? 7   DC  A "H4'"  1 
ATOM   213  H  "H3'"  . DC  A 1 7  ? 9.807   1.817   10.103  1.00 119.46 ? 7   DC  A "H3'"  1 
ATOM   214  H  "H2'"  . DC  A 1 7  ? 9.280   0.825   8.190   1.00 113.07 ? 7   DC  A "H2'"  1 
ATOM   215  H  "H2''" . DC  A 1 7  ? 10.757  0.219   8.180   1.00 113.07 ? 7   DC  A "H2''" 1 
ATOM   216  H  "H1'"  . DC  A 1 7  ? 10.103  -1.691  9.155   1.00 108.99 ? 7   DC  A "H1'"  1 
ATOM   217  H  H41    . DC  A 1 7  ? 5.173   -2.750  5.081   1.00 83.53  ? 7   DC  A H41    1 
ATOM   218  H  H42    . DC  A 1 7  ? 6.144   -3.848  4.814   1.00 83.53  ? 7   DC  A H42    1 
ATOM   219  H  H5     . DC  A 1 7  ? 5.582   -1.018  6.707   1.00 91.60  ? 7   DC  A H5     1 
ATOM   220  H  H6     . DC  A 1 7  ? 7.043   -0.217  8.252   1.00 95.27  ? 7   DC  A H6     1 
ATOM   221  P  P      . DA  A 1 8  ? 12.650  1.640   9.342   1.00 117.59 ? 8   DA  A P      1 
ATOM   222  O  OP1    . DA  A 1 8  ? 13.796  2.131   10.144  1.00 112.53 ? 8   DA  A OP1    1 
ATOM   223  O  OP2    . DA  A 1 8  ? 11.918  2.571   8.452   1.00 116.32 ? 8   DA  A OP2    1 
ATOM   224  O  "O5'"  . DA  A 1 8  ? 13.130  0.388   8.469   1.00 92.22  ? 8   DA  A "O5'"  1 
ATOM   225  C  "C5'"  . DA  A 1 8  ? 13.176  -0.900  9.065   1.00 95.48  ? 8   DA  A "C5'"  1 
ATOM   226  C  "C4'"  . DA  A 1 8  ? 13.806  -1.908  8.127   1.00 98.18  ? 8   DA  A "C4'"  1 
ATOM   227  O  "O4'"  . DA  A 1 8  ? 12.777  -2.499  7.287   1.00 93.96  ? 8   DA  A "O4'"  1 
ATOM   228  C  "C3'"  . DA  A 1 8  ? 14.842  -1.326  7.172   1.00 97.72  ? 8   DA  A "C3'"  1 
ATOM   229  O  "O3'"  . DA  A 1 8  ? 15.915  -2.234  6.976   1.00 98.72  ? 8   DA  A "O3'"  1 
ATOM   230  C  "C2'"  . DA  A 1 8  ? 14.042  -1.094  5.899   1.00 96.82  ? 8   DA  A "C2'"  1 
ATOM   231  C  "C1'"  . DA  A 1 8  ? 13.059  -2.248  5.924   1.00 86.75  ? 8   DA  A "C1'"  1 
ATOM   232  N  N9     . DA  A 1 8  ? 11.806  -1.976  5.236   1.00 75.93  ? 8   DA  A N9     1 
ATOM   233  C  C8     . DA  A 1 8  ? 10.925  -0.964  5.487   1.00 75.02  ? 8   DA  A C8     1 
ATOM   234  N  N7     . DA  A 1 8  ? 9.870   -0.983  4.712   1.00 69.65  ? 8   DA  A N7     1 
ATOM   235  C  C5     . DA  A 1 8  ? 10.072  -2.090  3.907   1.00 66.67  ? 8   DA  A C5     1 
ATOM   236  C  C6     . DA  A 1 8  ? 9.313   -2.659  2.873   1.00 69.56  ? 8   DA  A C6     1 
ATOM   237  N  N6     . DA  A 1 8  ? 8.148   -2.164  2.460   1.00 68.06  ? 8   DA  A N6     1 
ATOM   238  N  N1     . DA  A 1 8  ? 9.800   -3.765  2.274   1.00 72.75  ? 8   DA  A N1     1 
ATOM   239  C  C2     . DA  A 1 8  ? 10.975  -4.251  2.682   1.00 74.40  ? 8   DA  A C2     1 
ATOM   240  N  N3     . DA  A 1 8  ? 11.774  -3.803  3.643   1.00 74.17  ? 8   DA  A N3     1 
ATOM   241  C  C4     . DA  A 1 8  ? 11.258  -2.711  4.220   1.00 71.01  ? 8   DA  A C4     1 
ATOM   242  H  "H5'"  . DA  A 1 8  ? 12.274  -1.185  9.279   1.00 114.50 ? 8   DA  A "H5'"  1 
ATOM   243  H  "H5''" . DA  A 1 8  ? 13.698  -0.855  9.881   1.00 114.50 ? 8   DA  A "H5''" 1 
ATOM   244  H  "H4'"  . DA  A 1 8  ? 14.223  -2.609  8.653   1.00 117.73 ? 8   DA  A "H4'"  1 
ATOM   245  H  "H3'"  . DA  A 1 8  ? 15.175  -0.483  7.516   1.00 117.18 ? 8   DA  A "H3'"  1 
ATOM   246  H  "H2'"  . DA  A 1 8  ? 13.577  -0.244  5.934   1.00 116.10 ? 8   DA  A "H2'"  1 
ATOM   247  H  "H2''" . DA  A 1 8  ? 14.614  -1.145  5.118   1.00 116.10 ? 8   DA  A "H2''" 1 
ATOM   248  H  "H1'"  . DA  A 1 8  ? 13.475  -3.032  5.533   1.00 104.02 ? 8   DA  A "H1'"  1 
ATOM   249  H  H8     . DA  A 1 8  ? 11.064  -0.319  6.141   1.00 89.94  ? 8   DA  A H8     1 
ATOM   250  H  H61    . DA  A 1 8  ? 7.722   -2.547  1.819   1.00 81.58  ? 8   DA  A H61    1 
ATOM   251  H  H62    . DA  A 1 8  ? 7.822   -1.462  2.835   1.00 81.58  ? 8   DA  A H62    1 
ATOM   252  H  H2     . DA  A 1 8  ? 11.266  -5.017  2.242   1.00 89.20  ? 8   DA  A H2     1 
ATOM   253  P  P      . DG  A 1 9  ? 17.163  -1.822  6.052   1.00 105.99 ? 9   DG  A P      1 
ATOM   254  O  OP1    . DG  A 1 9  ? 18.363  -2.469  6.630   1.00 110.19 ? 9   DG  A OP1    1 
ATOM   255  O  OP2    . DG  A 1 9  ? 17.129  -0.349  5.888   1.00 106.84 ? 9   DG  A OP2    1 
ATOM   256  O  "O5'"  . DG  A 1 9  ? 16.847  -2.527  4.650   1.00 86.73  ? 9   DG  A "O5'"  1 
ATOM   257  C  "C5'"  . DG  A 1 9  ? 16.910  -3.929  4.561   1.00 87.65  ? 9   DG  A "C5'"  1 
ATOM   258  C  "C4'"  . DG  A 1 9  ? 16.346  -4.429  3.250   1.00 89.20  ? 9   DG  A "C4'"  1 
ATOM   259  O  "O4'"  . DG  A 1 9  ? 15.027  -3.867  3.034   1.00 89.56  ? 9   DG  A "O4'"  1 
ATOM   260  C  "C3'"  . DG  A 1 9  ? 17.168  -4.065  2.017   1.00 92.65  ? 9   DG  A "C3'"  1 
ATOM   261  O  "O3'"  . DG  A 1 9  ? 17.490  -5.242  1.294   1.00 87.76  ? 9   DG  A "O3'"  1 
ATOM   262  C  "C2'"  . DG  A 1 9  ? 16.258  -3.110  1.227   1.00 96.73  ? 9   DG  A "C2'"  1 
ATOM   263  C  "C1'"  . DG  A 1 9  ? 14.880  -3.546  1.671   1.00 90.18  ? 9   DG  A "C1'"  1 
ATOM   264  N  N9     . DG  A 1 9  ? 13.817  -2.540  1.555   1.00 83.75  ? 9   DG  A N9     1 
ATOM   265  C  C8     . DG  A 1 9  ? 13.648  -1.428  2.344   1.00 81.78  ? 9   DG  A C8     1 
ATOM   266  N  N7     . DG  A 1 9  ? 12.587  -0.732  2.044   1.00 77.80  ? 9   DG  A N7     1 
ATOM   267  C  C5     . DG  A 1 9  ? 12.001  -1.436  1.002   1.00 72.46  ? 9   DG  A C5     1 
ATOM   268  C  C6     . DG  A 1 9  ? 10.824  -1.161  0.281   1.00 68.90  ? 9   DG  A C6     1 
ATOM   269  O  O6     . DG  A 1 9  ? 10.044  -0.213  0.430   1.00 67.58  ? 9   DG  A O6     1 
ATOM   270  N  N1     . DG  A 1 9  ? 10.573  -2.124  -0.689  1.00 66.89  ? 9   DG  A N1     1 
ATOM   271  C  C2     . DG  A 1 9  ? 11.371  -3.211  -0.938  1.00 73.20  ? 9   DG  A C2     1 
ATOM   272  N  N2     . DG  A 1 9  ? 10.973  -4.024  -1.933  1.00 73.22  ? 9   DG  A N2     1 
ATOM   273  N  N3     . DG  A 1 9  ? 12.486  -3.484  -0.265  1.00 77.86  ? 9   DG  A N3     1 
ATOM   274  C  C4     . DG  A 1 9  ? 12.737  -2.554  0.689   1.00 77.08  ? 9   DG  A C4     1 
ATOM   275  H  "H5'"  . DG  A 1 9  ? 16.403  -4.316  5.292   1.00 105.10 ? 9   DG  A "H5'"  1 
ATOM   276  H  "H5''" . DG  A 1 9  ? 17.835  -4.209  4.635   1.00 105.10 ? 9   DG  A "H5''" 1 
ATOM   277  H  "H4'"  . DG  A 1 9  ? 16.267  -5.394  3.296   1.00 106.96 ? 9   DG  A "H4'"  1 
ATOM   278  H  "H3'"  . DG  A 1 9  ? 17.978  -3.606  2.284   1.00 111.09 ? 9   DG  A "H3'"  1 
ATOM   279  H  "H2'"  . DG  A 1 9  ? 16.426  -2.187  1.478   1.00 115.99 ? 9   DG  A "H2'"  1 
ATOM   280  H  "H2''" . DG  A 1 9  ? 16.370  -3.237  0.272   1.00 115.99 ? 9   DG  A "H2''" 1 
ATOM   281  H  "H1'"  . DG  A 1 9  ? 14.622  -4.343  1.181   1.00 108.13 ? 9   DG  A "H1'"  1 
ATOM   282  H  H8     . DG  A 1 9  ? 14.239  -1.189  3.020   1.00 98.05  ? 9   DG  A H8     1 
ATOM   283  H  H1     . DG  A 1 9  ? 9.877   -2.019  -1.184  1.00 80.19  ? 9   DG  A H1     1 
ATOM   284  H  H21    . DG  A 1 9  ? 11.438  -4.719  -2.133  1.00 87.78  ? 9   DG  A H21    1 
ATOM   285  H  H22    . DG  A 1 9  ? 10.253  -3.849  -2.370  1.00 87.78  ? 9   DG  A H22    1 
ATOM   286  P  P      . DT  A 1 10 ? 18.408  -5.152  -0.017  1.00 100.33 ? 10  DT  A P      1 
ATOM   287  O  OP1    . DT  A 1 10 ? 18.999  -6.494  -0.224  1.00 99.92  ? 10  DT  A OP1    1 
ATOM   288  O  OP2    . DT  A 1 10 ? 19.276  -3.958  0.143   1.00 91.06  ? 10  DT  A OP2    1 
ATOM   289  O  "O5'"  . DT  A 1 10 ? 17.364  -4.868  -1.198  1.00 95.56  ? 10  DT  A "O5'"  1 
ATOM   290  C  "C5'"  . DT  A 1 10 ? 16.307  -5.788  -1.443  1.00 96.57  ? 10  DT  A "C5'"  1 
ATOM   291  C  "C4'"  . DT  A 1 10 ? 15.699  -5.579  -2.822  1.00 95.71  ? 10  DT  A "C4'"  1 
ATOM   292  O  "O4'"  . DT  A 1 10 ? 14.598  -4.625  -2.745  1.00 97.36  ? 10  DT  A "O4'"  1 
ATOM   293  C  "C3'"  . DT  A 1 10 ? 16.667  -5.036  -3.866  1.00 93.80  ? 10  DT  A "C3'"  1 
ATOM   294  O  "O3'"  . DT  A 1 10 ? 16.572  -5.803  -5.049  1.00 96.93  ? 10  DT  A "O3'"  1 
ATOM   295  C  "C2'"  . DT  A 1 10 ? 16.224  -3.582  -4.063  1.00 95.89  ? 10  DT  A "C2'"  1 
ATOM   296  C  "C1'"  . DT  A 1 10 ? 14.732  -3.643  -3.756  1.00 94.20  ? 10  DT  A "C1'"  1 
ATOM   297  N  N1     . DT  A 1 10 ? 14.114  -2.362  -3.230  1.00 78.13  ? 10  DT  A N1     1 
ATOM   298  C  C2     . DT  A 1 10 ? 12.915  -1.913  -3.754  1.00 67.04  ? 10  DT  A C2     1 
ATOM   299  O  O2     . DT  A 1 10 ? 12.331  -2.461  -4.665  1.00 66.29  ? 10  DT  A O2     1 
ATOM   300  N  N3     . DT  A 1 10 ? 12.432  -0.779  -3.181  1.00 64.97  ? 10  DT  A N3     1 
ATOM   301  C  C4     . DT  A 1 10 ? 12.996  -0.058  -2.148  1.00 69.38  ? 10  DT  A C4     1 
ATOM   302  O  O4     . DT  A 1 10 ? 12.477  0.958   -1.694  1.00 67.24  ? 10  DT  A O4     1 
ATOM   303  C  C5     . DT  A 1 10 ? 14.240  -0.581  -1.641  1.00 74.41  ? 10  DT  A C5     1 
ATOM   304  C  C7     . DT  A 1 10 ? 14.952  0.118   -0.524  1.00 79.04  ? 10  DT  A C7     1 
ATOM   305  C  C6     . DT  A 1 10 ? 14.727  -1.701  -2.190  1.00 74.89  ? 10  DT  A C6     1 
ATOM   306  H  "H5'"  . DT  A 1 10 ? 15.618  -5.666  -0.771  1.00 115.80 ? 10  DT  A "H5'"  1 
ATOM   307  H  "H5''" . DT  A 1 10 ? 16.652  -6.692  -1.383  1.00 115.80 ? 10  DT  A "H5''" 1 
ATOM   308  H  "H4'"  . DT  A 1 10 ? 15.351  -6.428  -3.137  1.00 114.77 ? 10  DT  A "H4'"  1 
ATOM   309  H  "H3'"  . DT  A 1 10 ? 17.574  -5.064  -3.524  1.00 112.47 ? 10  DT  A "H3'"  1 
ATOM   310  H  "H2'"  . DT  A 1 10 ? 16.679  -2.996  -3.438  1.00 114.98 ? 10  DT  A "H2'"  1 
ATOM   311  H  "H2''" . DT  A 1 10 ? 16.376  -3.297  -4.978  1.00 114.98 ? 10  DT  A "H2''" 1 
ATOM   312  H  "H1'"  . DT  A 1 10 ? 14.252  -3.929  -4.549  1.00 112.96 ? 10  DT  A "H1'"  1 
ATOM   313  H  H3     . DT  A 1 10 ? 11.690  -0.479  -3.497  1.00 77.88  ? 10  DT  A H3     1 
ATOM   314  H  H71    . DT  A 1 10 ? 15.032  -0.481  0.235   1.00 94.76  ? 10  DT  A H71    1 
ATOM   315  H  H72    . DT  A 1 10 ? 15.837  0.386   -0.820  1.00 94.76  ? 10  DT  A H72    1 
ATOM   316  H  H73    . DT  A 1 10 ? 14.448  0.905   -0.261  1.00 94.76  ? 10  DT  A H73    1 
ATOM   317  H  H6     . DT  A 1 10 ? 15.528  -2.040  -1.862  1.00 89.79  ? 10  DT  A H6     1 
ATOM   318  P  P      . DG  A 1 11 ? 17.833  -5.949  -6.031  1.00 105.43 ? 11  DG  A P      1 
ATOM   319  O  OP1    . DG  A 1 11 ? 18.001  -7.391  -6.328  1.00 109.70 ? 11  DG  A OP1    1 
ATOM   320  O  OP2    . DG  A 1 11 ? 18.952  -5.154  -5.477  1.00 96.41  ? 11  DG  A OP2    1 
ATOM   321  O  "O5'"  . DG  A 1 11 ? 17.331  -5.248  -7.370  1.00 93.16  ? 11  DG  A "O5'"  1 
ATOM   322  C  "C5'"  . DG  A 1 11 ? 16.217  -5.781  -8.046  1.00 92.62  ? 11  DG  A "C5'"  1 
ATOM   323  C  "C4'"  . DG  A 1 11 ? 15.571  -4.733  -8.913  1.00 81.87  ? 11  DG  A "C4'"  1 
ATOM   324  O  "O4'"  . DG  A 1 11 ? 14.988  -3.696  -8.080  1.00 86.10  ? 11  DG  A "O4'"  1 
ATOM   325  C  "C3'"  . DG  A 1 11 ? 16.526  -4.029  -9.863  1.00 78.83  ? 11  DG  A "C3'"  1 
ATOM   326  O  "O3'"  . DG  A 1 11 ? 15.999  -4.101  -11.179 1.00 81.79  ? 11  DG  A "O3'"  1 
ATOM   327  C  "C2'"  . DG  A 1 11 ? 16.619  -2.598  -9.306  1.00 72.84  ? 11  DG  A "C2'"  1 
ATOM   328  C  "C1'"  . DG  A 1 11 ? 15.271  -2.430  -8.627  1.00 76.24  ? 11  DG  A "C1'"  1 
ATOM   329  N  N9     . DG  A 1 11 ? 15.211  -1.447  -7.533  1.00 66.70  ? 11  DG  A N9     1 
ATOM   330  C  C8     . DG  A 1 11 ? 16.133  -1.259  -6.535  1.00 70.23  ? 11  DG  A C8     1 
ATOM   331  N  N7     . DG  A 1 11 ? 15.787  -0.344  -5.669  1.00 68.79  ? 11  DG  A N7     1 
ATOM   332  C  C5     . DG  A 1 11 ? 14.545  0.097   -6.110  1.00 62.45  ? 11  DG  A C5     1 
ATOM   333  C  C6     . DG  A 1 11 ? 13.674  1.081   -5.564  1.00 56.29  ? 11  DG  A C6     1 
ATOM   334  O  O6     . DG  A 1 11 ? 13.835  1.785   -4.559  1.00 54.67  ? 11  DG  A O6     1 
ATOM   335  N  N1     . DG  A 1 11 ? 12.516  1.215   -6.314  1.00 51.47  ? 11  DG  A N1     1 
ATOM   336  C  C2     . DG  A 1 11 ? 12.232  0.500   -7.449  1.00 56.60  ? 11  DG  A C2     1 
ATOM   337  N  N2     . DG  A 1 11 ? 11.062  0.783   -8.040  1.00 57.89  ? 11  DG  A N2     1 
ATOM   338  N  N3     . DG  A 1 11 ? 13.035  -0.427  -7.975  1.00 56.81  ? 11  DG  A N3     1 
ATOM   339  C  C4     . DG  A 1 11 ? 14.171  -0.575  -7.253  1.00 60.60  ? 11  DG  A C4     1 
ATOM   340  H  "H5'"  . DG  A 1 11 ? 15.572  -6.100  -7.395  1.00 111.06 ? 11  DG  A "H5'"  1 
ATOM   341  H  "H5''" . DG  A 1 11 ? 16.505  -6.522  -8.601  1.00 111.06 ? 11  DG  A "H5''" 1 
ATOM   342  H  "H4'"  . DG  A 1 11 ? 14.865  -5.150  -9.432  1.00 98.16  ? 11  DG  A "H4'"  1 
ATOM   343  H  "H3'"  . DG  A 1 11 ? 17.398  -4.455  -9.830  1.00 94.51  ? 11  DG  A "H3'"  1 
ATOM   344  H  "H2'"  . DG  A 1 11 ? 17.341  -2.524  -8.662  1.00 87.33  ? 11  DG  A "H2'"  1 
ATOM   345  H  "H2''" . DG  A 1 11 ? 16.727  -1.954  -10.024 1.00 87.33  ? 11  DG  A "H2''" 1 
ATOM   346  H  "H1'"  . DG  A 1 11 ? 14.600  -2.211  -9.294  1.00 91.40  ? 11  DG  A "H1'"  1 
ATOM   347  H  H8     . DG  A 1 11 ? 16.931  -1.734  -6.483  1.00 84.19  ? 11  DG  A H8     1 
ATOM   348  H  H1     . DG  A 1 11 ? 11.942  1.801   -6.059  1.00 61.68  ? 11  DG  A H1     1 
ATOM   349  H  H21    . DG  A 1 11 ? 10.830  0.367   -8.757  1.00 69.39  ? 11  DG  A H21    1 
ATOM   350  H  H22    . DG  A 1 11 ? 10.542  1.379   -7.702  1.00 69.39  ? 11  DG  A H22    1 
ATOM   351  P  P      . DA  A 1 12 ? 16.769  -3.435  -12.412 1.00 68.80  ? 12  DA  A P      1 
ATOM   352  O  OP1    . DA  A 1 12 ? 16.838  -4.403  -13.527 1.00 71.42  ? 12  DA  A OP1    1 
ATOM   353  O  OP2    . DA  A 1 12 ? 18.011  -2.851  -11.857 1.00 71.55  ? 12  DA  A OP2    1 
ATOM   354  O  "O5'"  . DA  A 1 12 ? 15.787  -2.264  -12.841 1.00 74.46  ? 12  DA  A "O5'"  1 
ATOM   355  C  "C5'"  . DA  A 1 12 ? 14.553  -2.552  -13.456 1.00 73.12  ? 12  DA  A "C5'"  1 
ATOM   356  C  "C4'"  . DA  A 1 12 ? 13.733  -1.288  -13.561 1.00 71.59  ? 12  DA  A "C4'"  1 
ATOM   357  O  "O4'"  . DA  A 1 12 ? 13.678  -0.666  -12.257 1.00 63.76  ? 12  DA  A "O4'"  1 
ATOM   358  C  "C3'"  . DA  A 1 12 ? 14.322  -0.244  -14.523 1.00 67.10  ? 12  DA  A "C3'"  1 
ATOM   359  O  "O3'"  . DA  A 1 12 ? 13.373  0.124   -15.516 1.00 54.29  ? 12  DA  A "O3'"  1 
ATOM   360  C  "C2'"  . DA  A 1 12 ? 14.736  0.924   -13.630 1.00 61.59  ? 12  DA  A "C2'"  1 
ATOM   361  C  "C1'"  . DA  A 1 12 ? 13.930  0.719   -12.366 1.00 63.82  ? 12  DA  A "C1'"  1 
ATOM   362  N  N9     . DA  A 1 12 ? 14.619  1.148   -11.160 1.00 61.21  ? 12  DA  A N9     1 
ATOM   363  C  C8     . DA  A 1 12 ? 15.820  0.697   -10.690 1.00 64.18  ? 12  DA  A C8     1 
ATOM   364  N  N7     . DA  A 1 12 ? 16.191  1.263   -9.565  1.00 58.55  ? 12  DA  A N7     1 
ATOM   365  C  C5     . DA  A 1 12 ? 15.157  2.138   -9.280  1.00 53.76  ? 12  DA  A C5     1 
ATOM   366  C  C6     . DA  A 1 12 ? 14.937  3.032   -8.216  1.00 52.78  ? 12  DA  A C6     1 
ATOM   367  N  N6     . DA  A 1 12 ? 15.797  3.211   -7.212  1.00 55.34  ? 12  DA  A N6     1 
ATOM   368  N  N1     . DA  A 1 12 ? 13.804  3.757   -8.235  1.00 54.29  ? 12  DA  A N1     1 
ATOM   369  C  C2     . DA  A 1 12 ? 12.957  3.594   -9.258  1.00 60.17  ? 12  DA  A C2     1 
ATOM   370  N  N3     . DA  A 1 12 ? 13.059  2.789   -10.313 1.00 57.40  ? 12  DA  A N3     1 
ATOM   371  C  C4     . DA  A 1 12 ? 14.187  2.082   -10.259 1.00 55.85  ? 12  DA  A C4     1 
ATOM   372  H  "H5'"  . DA  A 1 12 ? 14.072  -3.206  -12.925 1.00 87.67  ? 12  DA  A "H5'"  1 
ATOM   373  H  "H5''" . DA  A 1 12 ? 14.710  -2.911  -14.344 1.00 87.67  ? 12  DA  A "H5''" 1 
ATOM   374  H  "H4'"  . DA  A 1 12 ? 12.834  -1.513  -13.846 1.00 85.83  ? 12  DA  A "H4'"  1 
ATOM   375  H  "H3'"  . DA  A 1 12 ? 15.109  -0.614  -14.953 1.00 80.44  ? 12  DA  A "H3'"  1 
ATOM   376  H  "HO3'" . DA  A 1 12 ? 13.134  0.927   -15.592 1.00 65.06  ? 12  DA  A "HO3'" 1 
ATOM   377  H  "H2'"  . DA  A 1 12 ? 15.686  0.885   -13.438 1.00 73.82  ? 12  DA  A "H2'"  1 
ATOM   378  H  "H2''" . DA  A 1 12 ? 14.506  1.769   -14.047 1.00 73.82  ? 12  DA  A "H2''" 1 
ATOM   379  H  "H1'"  . DA  A 1 12 ? 13.088  1.194   -12.441 1.00 76.51  ? 12  DA  A "H1'"  1 
ATOM   380  H  H8     . DA  A 1 12 ? 16.329  0.052   -11.127 1.00 76.93  ? 12  DA  A H8     1 
ATOM   381  H  H61    . DA  A 1 12 ? 15.624  3.783   -6.594  1.00 66.32  ? 12  DA  A H61    1 
ATOM   382  H  H62    . DA  A 1 12 ? 16.526  2.754   -7.183  1.00 66.32  ? 12  DA  A H62    1 
ATOM   383  H  H2     . DA  A 1 12 ? 12.189  4.117   -9.228  1.00 72.13  ? 12  DA  A H2     1 
ATOM   384  P  P      . DC  B 2 1  ? 0.647   12.326  -18.364 1.00 123.50 ? 12  DC  B P      1 
ATOM   385  O  OP1    . DC  B 2 1  ? 1.337   12.890  -19.549 1.00 67.81  ? 12  DC  B OP1    1 
ATOM   386  O  OP2    . DC  B 2 1  ? 1.306   11.306  -17.497 1.00 92.48  ? 12  DC  B OP2    1 
ATOM   387  O  "O5'"  . DC  B 2 1  ? -0.780  11.747  -18.810 1.00 87.11  ? 12  DC  B "O5'"  1 
ATOM   388  C  "C5'"  . DC  B 2 1  ? -1.105  11.479  -20.179 1.00 59.71  ? 12  DC  B "C5'"  1 
ATOM   389  C  "C4'"  . DC  B 2 1  ? -2.410  10.711  -20.220 1.00 62.55  ? 12  DC  B "C4'"  1 
ATOM   390  O  "O4'"  . DC  B 2 1  ? -2.146  9.289   -20.079 1.00 58.30  ? 12  DC  B "O4'"  1 
ATOM   391  C  "C3'"  . DC  B 2 1  ? -3.354  11.076  -19.064 1.00 62.34  ? 12  DC  B "C3'"  1 
ATOM   392  O  "O3'"  . DC  B 2 1  ? -4.631  11.431  -19.524 1.00 57.40  ? 12  DC  B "O3'"  1 
ATOM   393  C  "C2'"  . DC  B 2 1  ? -3.403  9.830   -18.191 1.00 57.24  ? 12  DC  B "C2'"  1 
ATOM   394  C  "C1'"  . DC  B 2 1  ? -3.090  8.730   -19.182 1.00 54.67  ? 12  DC  B "C1'"  1 
ATOM   395  N  N1     . DC  B 2 1  ? -2.488  7.545   -18.539 1.00 54.44  ? 12  DC  B N1     1 
ATOM   396  C  C2     . DC  B 2 1  ? -3.174  6.318   -18.540 1.00 52.32  ? 12  DC  B C2     1 
ATOM   397  O  O2     . DC  B 2 1  ? -4.279  6.234   -19.089 1.00 54.88  ? 12  DC  B O2     1 
ATOM   398  N  N3     . DC  B 2 1  ? -2.612  5.259   -17.930 1.00 45.07  ? 12  DC  B N3     1 
ATOM   399  C  C4     . DC  B 2 1  ? -1.426  5.390   -17.346 1.00 50.54  ? 12  DC  B C4     1 
ATOM   400  N  N4     . DC  B 2 1  ? -0.908  4.317   -16.761 1.00 54.93  ? 12  DC  B N4     1 
ATOM   401  C  C5     . DC  B 2 1  ? -0.718  6.624   -17.329 1.00 55.20  ? 12  DC  B C5     1 
ATOM   402  C  C6     . DC  B 2 1  ? -1.284  7.667   -17.927 1.00 55.25  ? 12  DC  B C6     1 
ATOM   403  P  P      . DG  B 2 2  ? -5.616  12.223  -18.532 1.00 67.94  ? 13  DG  B P      1 
ATOM   404  O  OP1    . DG  B 2 2  ? -6.234  13.318  -19.305 1.00 78.88  ? 13  DG  B OP1    1 
ATOM   405  O  OP2    . DG  B 2 2  ? -4.866  12.544  -17.296 1.00 60.46  ? 13  DG  B OP2    1 
ATOM   406  O  "O5'"  . DG  B 2 2  ? -6.717  11.136  -18.150 1.00 59.53  ? 13  DG  B "O5'"  1 
ATOM   407  C  "C5'"  . DG  B 2 2  ? -7.645  10.694  -19.120 1.00 63.58  ? 13  DG  B "C5'"  1 
ATOM   408  C  "C4'"  . DG  B 2 2  ? -8.331  9.429   -18.657 1.00 67.37  ? 13  DG  B "C4'"  1 
ATOM   409  O  "O4'"  . DG  B 2 2  ? -7.320  8.457   -18.308 1.00 64.53  ? 13  DG  B "O4'"  1 
ATOM   410  C  "C3'"  . DG  B 2 2  ? -9.208  9.607   -17.420 1.00 71.46  ? 13  DG  B "C3'"  1 
ATOM   411  O  "O3'"  . DG  B 2 2  ? -10.550 9.217   -17.682 1.00 80.00  ? 13  DG  B "O3'"  1 
ATOM   412  C  "C2'"  . DG  B 2 2  ? -8.552  8.735   -16.351 1.00 72.81  ? 13  DG  B "C2'"  1 
ATOM   413  C  "C1'"  . DG  B 2 2  ? -7.697  7.775   -17.142 1.00 63.39  ? 13  DG  B "C1'"  1 
ATOM   414  N  N9     . DG  B 2 2  ? -6.491  7.346   -16.441 1.00 57.68  ? 13  DG  B N9     1 
ATOM   415  C  C8     . DG  B 2 2  ? -5.428  8.131   -16.050 1.00 52.34  ? 13  DG  B C8     1 
ATOM   416  N  N7     . DG  B 2 2  ? -4.490  7.465   -15.443 1.00 47.72  ? 13  DG  B N7     1 
ATOM   417  C  C5     . DG  B 2 2  ? -4.962  6.156   -15.435 1.00 51.66  ? 13  DG  B C5     1 
ATOM   418  C  C6     . DG  B 2 2  ? -4.386  4.988   -14.911 1.00 52.08  ? 13  DG  B C6     1 
ATOM   419  O  O6     . DG  B 2 2  ? -3.308  4.869   -14.329 1.00 52.86  ? 13  DG  B O6     1 
ATOM   420  N  N1     . DG  B 2 2  ? -5.197  3.876   -15.110 1.00 55.66  ? 13  DG  B N1     1 
ATOM   421  C  C2     . DG  B 2 2  ? -6.414  3.897   -15.746 1.00 53.83  ? 13  DG  B C2     1 
ATOM   422  N  N2     . DG  B 2 2  ? -7.050  2.725   -15.860 1.00 54.85  ? 13  DG  B N2     1 
ATOM   423  N  N3     . DG  B 2 2  ? -6.969  4.988   -16.235 1.00 53.16  ? 13  DG  B N3     1 
ATOM   424  C  C4     . DG  B 2 2  ? -6.190  6.073   -16.044 1.00 54.20  ? 13  DG  B C4     1 
ATOM   425  H  "H5'"  . DG  B 2 2  ? -7.180  10.519  -19.953 1.00 76.21  ? 13  DG  B "H5'"  1 
ATOM   426  H  "H5''" . DG  B 2 2  ? -8.311  11.384  -19.264 1.00 76.21  ? 13  DG  B "H5''" 1 
ATOM   427  H  "H4'"  . DG  B 2 2  ? -8.873  9.078   -19.381 1.00 80.76  ? 13  DG  B "H4'"  1 
ATOM   428  H  "H3'"  . DG  B 2 2  ? -9.188  10.534  -17.138 1.00 85.67  ? 13  DG  B "H3'"  1 
ATOM   429  H  "H2'"  . DG  B 2 2  ? -8.001  9.274   -15.762 1.00 87.29  ? 13  DG  B "H2'"  1 
ATOM   430  H  "H2''" . DG  B 2 2  ? -9.224  8.254   -15.843 1.00 87.29  ? 13  DG  B "H2''" 1 
ATOM   431  H  "H1'"  . DG  B 2 2  ? -8.224  6.996   -17.382 1.00 75.99  ? 13  DG  B "H1'"  1 
ATOM   432  H  H8     . DG  B 2 2  ? -5.388  9.048   -16.200 1.00 62.72  ? 13  DG  B H8     1 
ATOM   433  H  H1     . DG  B 2 2  ? -4.910  3.117   -14.824 1.00 66.71  ? 13  DG  B H1     1 
ATOM   434  H  H21    . DG  B 2 2  ? -7.815  2.687   -16.250 1.00 65.74  ? 13  DG  B H21    1 
ATOM   435  H  H22    . DG  B 2 2  ? -6.692  2.009   -15.543 1.00 65.74  ? 13  DG  B H22    1 
ATOM   436  P  P      . DT  B 2 3  ? -11.680 9.453   -16.563 1.00 75.90  ? 14  DT  B P      1 
ATOM   437  O  OP1    . DT  B 2 3  ? -12.991 9.473   -17.254 1.00 87.72  ? 14  DT  B OP1    1 
ATOM   438  O  OP2    . DT  B 2 3  ? -11.237 10.584  -15.728 1.00 78.82  ? 14  DT  B OP2    1 
ATOM   439  O  "O5'"  . DT  B 2 3  ? -11.612 8.134   -15.665 1.00 70.71  ? 14  DT  B "O5'"  1 
ATOM   440  C  "C5'"  . DT  B 2 3  ? -11.720 6.865   -16.296 1.00 77.85  ? 14  DT  B "C5'"  1 
ATOM   441  C  "C4'"  . DT  B 2 3  ? -11.422 5.738   -15.327 1.00 80.26  ? 14  DT  B "C4'"  1 
ATOM   442  O  "O4'"  . DT  B 2 3  ? -10.009 5.670   -15.062 1.00 72.69  ? 14  DT  B "O4'"  1 
ATOM   443  C  "C3'"  . DT  B 2 3  ? -12.074 5.881   -13.956 1.00 73.58  ? 14  DT  B "C3'"  1 
ATOM   444  O  "O3'"  . DT  B 2 3  ? -13.266 5.141   -13.909 1.00 73.87  ? 14  DT  B "O3'"  1 
ATOM   445  C  "C2'"  . DT  B 2 3  ? -11.019 5.352   -12.972 1.00 68.94  ? 14  DT  B "C2'"  1 
ATOM   446  C  "C1'"  . DT  B 2 3  ? -9.835  4.975   -13.852 1.00 61.78  ? 14  DT  B "C1'"  1 
ATOM   447  N  N1     . DT  B 2 3  ? -8.550  5.354   -13.283 1.00 54.09  ? 14  DT  B N1     1 
ATOM   448  C  C2     . DT  B 2 3  ? -7.745  4.393   -12.733 1.00 53.42  ? 14  DT  B C2     1 
ATOM   449  O  O2     . DT  B 2 3  ? -8.045  3.219   -12.686 1.00 55.81  ? 14  DT  B O2     1 
ATOM   450  N  N3     . DT  B 2 3  ? -6.567  4.858   -12.230 1.00 51.16  ? 14  DT  B N3     1 
ATOM   451  C  C4     . DT  B 2 3  ? -6.124  6.165   -12.227 1.00 51.10  ? 14  DT  B C4     1 
ATOM   452  O  O4     . DT  B 2 3  ? -5.045  6.486   -11.752 1.00 49.85  ? 14  DT  B O4     1 
ATOM   453  C  C5     . DT  B 2 3  ? -7.024  7.121   -12.824 1.00 52.76  ? 14  DT  B C5     1 
ATOM   454  C  C7     . DT  B 2 3  ? -6.661  8.571   -12.885 1.00 53.99  ? 14  DT  B C7     1 
ATOM   455  C  C6     . DT  B 2 3  ? -8.182  6.674   -13.312 1.00 55.65  ? 14  DT  B C6     1 
ATOM   456  H  "H5'"  . DT  B 2 3  ? -11.093 6.824   -17.034 1.00 93.34  ? 14  DT  B "H5'"  1 
ATOM   457  H  "H5''" . DT  B 2 3  ? -12.621 6.757   -16.639 1.00 93.34  ? 14  DT  B "H5''" 1 
ATOM   458  H  "H4'"  . DT  B 2 3  ? -11.707 4.901   -15.723 1.00 96.23  ? 14  DT  B "H4'"  1 
ATOM   459  H  "H3'"  . DT  B 2 3  ? -12.256 6.816   -13.774 1.00 88.22  ? 14  DT  B "H3'"  1 
ATOM   460  H  "H2'"  . DT  B 2 3  ? -10.766 6.044   -12.341 1.00 82.64  ? 14  DT  B "H2'"  1 
ATOM   461  H  "H2''" . DT  B 2 3  ? -11.355 4.571   -12.504 1.00 82.64  ? 14  DT  B "H2''" 1 
ATOM   462  H  "H1'"  . DT  B 2 3  ? -9.846  4.019   -14.022 1.00 74.06  ? 14  DT  B "H1'"  1 
ATOM   463  H  H3     . DT  B 2 3  ? -6.043  4.276   -11.876 1.00 61.30  ? 14  DT  B H3     1 
ATOM   464  H  H71    . DT  B 2 3  ? -6.625  8.856   -13.811 1.00 64.71  ? 14  DT  B H71    1 
ATOM   465  H  H72    . DT  B 2 3  ? -7.329  9.091   -12.412 1.00 64.71  ? 14  DT  B H72    1 
ATOM   466  H  H73    . DT  B 2 3  ? -5.794  8.704   -12.471 1.00 64.71  ? 14  DT  B H73    1 
ATOM   467  H  H6     . DT  B 2 3  ? -8.762  7.286   -13.704 1.00 66.70  ? 14  DT  B H6     1 
ATOM   468  P  P      . DC  B 2 4  ? -14.139 5.110   -12.568 1.00 87.18  ? 15  DC  B P      1 
ATOM   469  O  OP1    . DC  B 2 4  ? -15.488 4.640   -12.966 1.00 92.94  ? 15  DC  B OP1    1 
ATOM   470  O  OP2    . DC  B 2 4  ? -13.966 6.414   -11.884 1.00 68.80  ? 15  DC  B OP2    1 
ATOM   471  O  "O5'"  . DC  B 2 4  ? -13.424 4.001   -11.662 1.00 73.22  ? 15  DC  B "O5'"  1 
ATOM   472  C  "C5'"  . DC  B 2 4  ? -13.243 2.665   -12.142 1.00 68.40  ? 15  DC  B "C5'"  1 
ATOM   473  C  "C4'"  . DC  B 2 4  ? -12.462 1.853   -11.129 1.00 68.10  ? 15  DC  B "C4'"  1 
ATOM   474  O  "O4'"  . DC  B 2 4  ? -11.109 2.344   -11.067 1.00 63.52  ? 15  DC  B "O4'"  1 
ATOM   475  C  "C3'"  . DC  B 2 4  ? -12.995 1.963   -9.706  1.00 78.76  ? 15  DC  B "C3'"  1 
ATOM   476  O  "O3'"  . DC  B 2 4  ? -13.697 0.797   -9.331  1.00 86.70  ? 15  DC  B "O3'"  1 
ATOM   477  C  "C2'"  . DC  B 2 4  ? -11.758 2.190   -8.829  1.00 73.26  ? 15  DC  B "C2'"  1 
ATOM   478  C  "C1'"  . DC  B 2 4  ? -10.589 2.103   -9.787  1.00 61.48  ? 15  DC  B "C1'"  1 
ATOM   479  N  N1     . DC  B 2 4  ? -9.536  3.099   -9.514  1.00 52.14  ? 15  DC  B N1     1 
ATOM   480  C  C2     . DC  B 2 4  ? -8.367  2.719   -8.850  1.00 55.10  ? 15  DC  B C2     1 
ATOM   481  O  O2     . DC  B 2 4  ? -8.227  1.548   -8.498  1.00 62.02  ? 15  DC  B O2     1 
ATOM   482  N  N3     . DC  B 2 4  ? -7.421  3.653   -8.607  1.00 50.79  ? 15  DC  B N3     1 
ATOM   483  C  C4     . DC  B 2 4  ? -7.617  4.908   -8.998  1.00 52.49  ? 15  DC  B C4     1 
ATOM   484  N  N4     . DC  B 2 4  ? -6.665  5.795   -8.735  1.00 56.23  ? 15  DC  B N4     1 
ATOM   485  C  C5     . DC  B 2 4  ? -8.799  5.311   -9.670  1.00 55.05  ? 15  DC  B C5     1 
ATOM   486  C  C6     . DC  B 2 4  ? -9.723  4.381   -9.906  1.00 57.81  ? 15  DC  B C6     1 
ATOM   487  H  "H5'"  . DC  B 2 4  ? -12.758 2.686   -12.980 1.00 82.00  ? 15  DC  B "H5'"  1 
ATOM   488  H  "H5''" . DC  B 2 4  ? -14.111 2.254   -12.283 1.00 82.00  ? 15  DC  B "H5''" 1 
ATOM   489  H  "H4'"  . DC  B 2 4  ? -12.455 0.922   -11.399 1.00 81.64  ? 15  DC  B "H4'"  1 
ATOM   490  H  "H3'"  . DC  B 2 4  ? -13.584 2.731   -9.640  1.00 94.44  ? 15  DC  B "H3'"  1 
ATOM   491  H  "H2'"  . DC  B 2 4  ? -11.793 3.067   -8.416  1.00 87.83  ? 15  DC  B "H2'"  1 
ATOM   492  H  "H2''" . DC  B 2 4  ? -11.693 1.498   -8.152  1.00 87.83  ? 15  DC  B "H2''" 1 
ATOM   493  H  "H1'"  . DC  B 2 4  ? -10.208 1.211   -9.754  1.00 73.70  ? 15  DC  B "H1'"  1 
ATOM   494  H  H41    . DC  B 2 4  ? -6.763  6.615   -8.976  1.00 67.39  ? 15  DC  B H41    1 
ATOM   495  H  H42    . DC  B 2 4  ? -5.951  5.550   -8.323  1.00 67.39  ? 15  DC  B H42    1 
ATOM   496  H  H5     . DC  B 2 4  ? -8.922  6.193   -9.943  1.00 65.98  ? 15  DC  B H5     1 
ATOM   497  H  H6     . DC  B 2 4  ? -10.509 4.617   -10.342 1.00 69.29  ? 15  DC  B H6     1 
ATOM   498  P  P      . DG  B 2 5  ? -14.594 0.827   -8.002  1.00 85.68  ? 16  DG  B P      1 
ATOM   499  O  OP1    . DG  B 2 5  ? -15.686 -0.152  -8.202  1.00 96.93  ? 16  DG  B OP1    1 
ATOM   500  O  OP2    . DG  B 2 5  ? -14.896 2.247   -7.714  1.00 77.54  ? 16  DG  B OP2    1 
ATOM   501  O  "O5'"  . DG  B 2 5  ? -13.604 0.323   -6.849  1.00 77.78  ? 16  DG  B "O5'"  1 
ATOM   502  C  "C5'"  . DG  B 2 5  ? -12.948 -0.924  -6.982  1.00 82.61  ? 16  DG  B "C5'"  1 
ATOM   503  C  "C4'"  . DG  B 2 5  ? -12.055 -1.186  -5.789  1.00 85.22  ? 16  DG  B "C4'"  1 
ATOM   504  O  "O4'"  . DG  B 2 5  ? -10.923 -0.267  -5.805  1.00 88.69  ? 16  DG  B "O4'"  1 
ATOM   505  C  "C3'"  . DG  B 2 5  ? -12.732 -0.975  -4.447  1.00 80.26  ? 16  DG  B "C3'"  1 
ATOM   506  O  "O3'"  . DG  B 2 5  ? -12.236 -1.889  -3.503  1.00 84.71  ? 16  DG  B "O3'"  1 
ATOM   507  C  "C2'"  . DG  B 2 5  ? -12.374 0.462   -4.109  1.00 79.73  ? 16  DG  B "C2'"  1 
ATOM   508  C  "C1'"  . DG  B 2 5  ? -10.965 0.582   -4.669  1.00 77.85  ? 16  DG  B "C1'"  1 
ATOM   509  N  N9     . DG  B 2 5  ? -10.599 1.931   -5.092  1.00 64.37  ? 16  DG  B N9     1 
ATOM   510  C  C8     . DG  B 2 5  ? -11.403 2.834   -5.726  1.00 63.72  ? 16  DG  B C8     1 
ATOM   511  N  N7     . DG  B 2 5  ? -10.799 3.959   -6.012  1.00 61.03  ? 16  DG  B N7     1 
ATOM   512  C  C5     . DG  B 2 5  ? -9.507  3.786   -5.532  1.00 61.45  ? 16  DG  B C5     1 
ATOM   513  C  C6     . DG  B 2 5  ? -8.397  4.667   -5.556  1.00 64.02  ? 16  DG  B C6     1 
ATOM   514  O  O6     . DG  B 2 5  ? -8.338  5.821   -6.018  1.00 67.83  ? 16  DG  B O6     1 
ATOM   515  N  N1     . DG  B 2 5  ? -7.270  4.097   -4.976  1.00 59.46  ? 16  DG  B N1     1 
ATOM   516  C  C2     . DG  B 2 5  ? -7.216  2.835   -4.448  1.00 61.90  ? 16  DG  B C2     1 
ATOM   517  N  N2     . DG  B 2 5  ? -6.034  2.464   -3.936  1.00 62.10  ? 16  DG  B N2     1 
ATOM   518  N  N3     . DG  B 2 5  ? -8.250  1.996   -4.410  1.00 63.28  ? 16  DG  B N3     1 
ATOM   519  C  C4     . DG  B 2 5  ? -9.361  2.539   -4.969  1.00 63.59  ? 16  DG  B C4     1 
ATOM   520  H  "H5'"  . DG  B 2 5  ? -12.410 -0.919  -7.788  1.00 99.05  ? 16  DG  B "H5'"  1 
ATOM   521  H  "H5''" . DG  B 2 5  ? -13.611 -1.630  -7.044  1.00 99.05  ? 16  DG  B "H5''" 1 
ATOM   522  H  "H4'"  . DG  B 2 5  ? -11.723 -2.096  -5.835  1.00 102.18 ? 16  DG  B "H4'"  1 
ATOM   523  H  "H3'"  . DG  B 2 5  ? -13.692 -1.070  -4.538  1.00 96.23  ? 16  DG  B "H3'"  1 
ATOM   524  H  "H2'"  . DG  B 2 5  ? -12.976 1.080   -4.551  1.00 95.59  ? 16  DG  B "H2'"  1 
ATOM   525  H  "H2''" . DG  B 2 5  ? -12.376 0.601   -3.149  1.00 95.59  ? 16  DG  B "H2''" 1 
ATOM   526  H  "H1'"  . DG  B 2 5  ? -10.328 0.268   -4.008  1.00 93.33  ? 16  DG  B "H1'"  1 
ATOM   527  H  H8     . DG  B 2 5  ? -12.295 2.669   -5.930  1.00 76.39  ? 16  DG  B H8     1 
ATOM   528  H  H1     . DG  B 2 5  ? -6.552  4.569   -4.955  1.00 71.27  ? 16  DG  B H1     1 
ATOM   529  H  H21    . DG  B 2 5  ? -5.942  1.683   -3.589  1.00 74.43  ? 16  DG  B H21    1 
ATOM   530  H  H22    . DG  B 2 5  ? -5.367  3.008   -3.954  1.00 74.43  ? 16  DG  B H22    1 
ATOM   531  P  P      . DA  B 2 6  ? -12.929 -2.012  -2.065  1.00 85.97  ? 17  DA  B P      1 
ATOM   532  O  OP1    . DA  B 2 6  ? -12.996 -3.453  -1.745  1.00 92.83  ? 17  DA  B OP1    1 
ATOM   533  O  OP2    . DA  B 2 6  ? -14.154 -1.187  -2.086  1.00 91.01  ? 17  DA  B OP2    1 
ATOM   534  O  "O5'"  . DA  B 2 6  ? -11.877 -1.329  -1.084  1.00 79.85  ? 17  DA  B "O5'"  1 
ATOM   535  C  "C5'"  . DA  B 2 6  ? -10.652 -1.984  -0.828  1.00 80.38  ? 17  DA  B "C5'"  1 
ATOM   536  C  "C4'"  . DA  B 2 6  ? -9.657  -1.045  -0.189  1.00 72.99  ? 17  DA  B "C4'"  1 
ATOM   537  O  "O4'"  . DA  B 2 6  ? -9.500  0.133   -1.006  1.00 75.65  ? 17  DA  B "O4'"  1 
ATOM   538  C  "C3'"  . DA  B 2 6  ? -10.065 -0.553  1.193   1.00 78.66  ? 17  DA  B "C3'"  1 
ATOM   539  O  "O3'"  . DA  B 2 6  ? -9.095  -0.949  2.133   1.00 81.52  ? 17  DA  B "O3'"  1 
ATOM   540  C  "C2'"  . DA  B 2 6  ? -10.177 0.973   1.047   1.00 77.79  ? 17  DA  B "C2'"  1 
ATOM   541  C  "C1'"  . DA  B 2 6  ? -9.317  1.248   -0.169  1.00 78.36  ? 17  DA  B "C1'"  1 
ATOM   542  N  N9     . DA  B 2 6  ? -9.664  2.444   -0.935  1.00 74.55  ? 17  DA  B N9     1 
ATOM   543  C  C8     . DA  B 2 6  ? -10.845 2.703   -1.572  1.00 77.17  ? 17  DA  B C8     1 
ATOM   544  N  N7     . DA  B 2 6  ? -10.861 3.845   -2.219  1.00 69.79  ? 17  DA  B N7     1 
ATOM   545  C  C5     . DA  B 2 6  ? -9.593  4.352   -2.018  1.00 66.98  ? 17  DA  B C5     1 
ATOM   546  C  C6     . DA  B 2 6  ? -8.969  5.532   -2.456  1.00 68.88  ? 17  DA  B C6     1 
ATOM   547  N  N6     . DA  B 2 6  ? -9.580  6.440   -3.216  1.00 70.62  ? 17  DA  B N6     1 
ATOM   548  N  N1     . DA  B 2 6  ? -7.694  5.745   -2.074  1.00 66.53  ? 17  DA  B N1     1 
ATOM   549  C  C2     . DA  B 2 6  ? -7.092  4.825   -1.306  1.00 69.62  ? 17  DA  B C2     1 
ATOM   550  N  N3     . DA  B 2 6  ? -7.574  3.677   -0.839  1.00 62.15  ? 17  DA  B N3     1 
ATOM   551  C  C4     . DA  B 2 6  ? -8.841  3.502   -1.232  1.00 65.77  ? 17  DA  B C4     1 
ATOM   552  H  "H5'"  . DA  B 2 6  ? -10.287 -2.313  -1.665  1.00 96.38  ? 17  DA  B "H5'"  1 
ATOM   553  H  "H5''" . DA  B 2 6  ? -10.810 -2.733  -0.234  1.00 96.38  ? 17  DA  B "H5''" 1 
ATOM   554  H  "H4'"  . DA  B 2 6  ? -8.801  -1.496  -0.121  1.00 87.50  ? 17  DA  B "H4'"  1 
ATOM   555  H  "H3'"  . DA  B 2 6  ? -10.928 -0.925  1.434   1.00 94.31  ? 17  DA  B "H3'"  1 
ATOM   556  H  "H2'"  . DA  B 2 6  ? -11.096 1.238   0.885   1.00 93.27  ? 17  DA  B "H2'"  1 
ATOM   557  H  "H2''" . DA  B 2 6  ? -9.819  1.422   1.830   1.00 93.27  ? 17  DA  B "H2''" 1 
ATOM   558  H  "H1'"  . DA  B 2 6  ? -8.387  1.298   0.102   1.00 93.95  ? 17  DA  B "H1'"  1 
ATOM   559  H  H8     . DA  B 2 6  ? -11.580 2.132   -1.533  1.00 92.52  ? 17  DA  B H8     1 
ATOM   560  H  H61    . DA  B 2 6  ? -9.159  7.151   -3.458  1.00 84.66  ? 17  DA  B H61    1 
ATOM   561  H  H62    . DA  B 2 6  ? -10.394 6.317   -3.464  1.00 84.66  ? 17  DA  B H62    1 
ATOM   562  H  H2     . DA  B 2 6  ? -6.212  5.015   -1.070  1.00 83.46  ? 17  DA  B H2     1 
ATOM   563  P  P      . DC  B 2 7  ? -9.396  -0.837  3.700   1.00 89.69  ? 18  DC  B P      1 
ATOM   564  O  OP1    . DC  B 2 7  ? -8.509  -1.810  4.372   1.00 95.42  ? 18  DC  B OP1    1 
ATOM   565  O  OP2    . DC  B 2 7  ? -10.865 -0.880  3.877   1.00 97.40  ? 18  DC  B OP2    1 
ATOM   566  O  "O5'"  . DC  B 2 7  ? -8.886  0.623   4.073   1.00 77.55  ? 18  DC  B "O5'"  1 
ATOM   567  C  "C5'"  . DC  B 2 7  ? -7.534  0.933   3.901   1.00 80.14  ? 18  DC  B "C5'"  1 
ATOM   568  C  "C4'"  . DC  B 2 7  ? -7.317  2.427   3.882   1.00 84.77  ? 18  DC  B "C4'"  1 
ATOM   569  O  "O4'"  . DC  B 2 7  ? -8.002  3.017   2.774   1.00 79.26  ? 18  DC  B "O4'"  1 
ATOM   570  C  "C3'"  . DC  B 2 7  ? -7.859  3.171   5.089   1.00 93.25  ? 18  DC  B "C3'"  1 
ATOM   571  O  "O3'"  . DC  B 2 7  ? -6.851  3.301   6.070   1.00 94.47  ? 18  DC  B "O3'"  1 
ATOM   572  C  "C2'"  . DC  B 2 7  ? -8.321  4.528   4.518   1.00 87.86  ? 18  DC  B "C2'"  1 
ATOM   573  C  "C1'"  . DC  B 2 7  ? -8.039  4.396   3.024   1.00 80.65  ? 18  DC  B "C1'"  1 
ATOM   574  N  N1     . DC  B 2 7  ? -9.051  5.019   2.126   1.00 75.49  ? 18  DC  B N1     1 
ATOM   575  C  C2     . DC  B 2 7  ? -8.737  6.207   1.464   1.00 72.65  ? 18  DC  B C2     1 
ATOM   576  O  O2     . DC  B 2 7  ? -7.634  6.729   1.660   1.00 76.13  ? 18  DC  B O2     1 
ATOM   577  N  N3     . DC  B 2 7  ? -9.646  6.761   0.635   1.00 67.36  ? 18  DC  B N3     1 
ATOM   578  C  C4     . DC  B 2 7  ? -10.816 6.166   0.450   1.00 74.86  ? 18  DC  B C4     1 
ATOM   579  N  N4     . DC  B 2 7  ? -11.681 6.748   -0.383  1.00 80.58  ? 18  DC  B N4     1 
ATOM   580  C  C5     . DC  B 2 7  ? -11.156 4.944   1.107   1.00 76.74  ? 18  DC  B C5     1 
ATOM   581  C  C6     . DC  B 2 7  ? -10.249 4.408   1.924   1.00 76.48  ? 18  DC  B C6     1 
ATOM   582  H  "H5'"  . DC  B 2 7  ? -7.225  0.557   3.062   1.00 96.09  ? 18  DC  B "H5'"  1 
ATOM   583  H  "H5''" . DC  B 2 7  ? -7.022  0.547   4.629   1.00 96.09  ? 18  DC  B "H5''" 1 
ATOM   584  H  "H4'"  . DC  B 2 7  ? -6.368  2.608   3.800   1.00 101.64 ? 18  DC  B "H4'"  1 
ATOM   585  H  "H3'"  . DC  B 2 7  ? -8.619  2.692   5.457   1.00 111.82 ? 18  DC  B "H3'"  1 
ATOM   586  H  "H2'"  . DC  B 2 7  ? -9.268  4.662   4.676   1.00 105.35 ? 18  DC  B "H2'"  1 
ATOM   587  H  "H2''" . DC  B 2 7  ? -7.803  5.253   4.899   1.00 105.35 ? 18  DC  B "H2''" 1 
ATOM   588  H  "H1'"  . DC  B 2 7  ? -7.167  4.776   2.831   1.00 96.70  ? 18  DC  B "H1'"  1 
ATOM   589  H  H41    . DC  B 2 7  ? -12.449 6.388   -0.527  1.00 96.62  ? 18  DC  B H41    1 
ATOM   590  H  H42    . DC  B 2 7  ? -11.471 7.484   -0.775  1.00 96.62  ? 18  DC  B H42    1 
ATOM   591  H  H5     . DC  B 2 7  ? -11.981 4.536   0.969   1.00 92.01  ? 18  DC  B H5     1 
ATOM   592  H  H6     . DC  B 2 7  ? -10.440 3.613   2.368   1.00 91.69  ? 18  DC  B H6     1 
ATOM   593  P  P      . DT  B 2 8  ? -7.175  4.026   7.459   1.00 100.34 ? 19  DT  B P      1 
ATOM   594  O  OP1    . DT  B 2 8  ? -6.162  3.556   8.431   1.00 102.79 ? 19  DT  B OP1    1 
ATOM   595  O  OP2    . DT  B 2 8  ? -8.619  3.836   7.746   1.00 91.20  ? 19  DT  B OP2    1 
ATOM   596  O  "O5'"  . DT  B 2 8  ? -6.917  5.568   7.127   1.00 89.45  ? 19  DT  B "O5'"  1 
ATOM   597  C  "C5'"  . DT  B 2 8  ? -5.689  5.959   6.559   1.00 85.82  ? 19  DT  B "C5'"  1 
ATOM   598  C  "C4'"  . DT  B 2 8  ? -5.688  7.439   6.224   1.00 97.01  ? 19  DT  B "C4'"  1 
ATOM   599  O  "O4'"  . DT  B 2 8  ? -6.596  7.690   5.123   1.00 95.18  ? 19  DT  B "O4'"  1 
ATOM   600  C  "C3'"  . DT  B 2 8  ? -6.147  8.358   7.362   1.00 103.22 ? 19  DT  B "C3'"  1 
ATOM   601  O  "O3'"  . DT  B 2 8  ? -5.148  9.321   7.650   1.00 106.13 ? 19  DT  B "O3'"  1 
ATOM   602  C  "C2'"  . DT  B 2 8  ? -7.436  9.000   6.836   1.00 101.37 ? 19  DT  B "C2'"  1 
ATOM   603  C  "C1'"  . DT  B 2 8  ? -7.241  8.922   5.339   1.00 96.10  ? 19  DT  B "C1'"  1 
ATOM   604  N  N1     . DT  B 2 8  ? -8.499  8.951   4.527   1.00 89.03  ? 19  DT  B N1     1 
ATOM   605  C  C2     . DT  B 2 8  ? -8.672  9.952   3.598   1.00 85.12  ? 19  DT  B C2     1 
ATOM   606  O  O2     . DT  B 2 8  ? -7.858  10.842  3.419   1.00 91.35  ? 19  DT  B O2     1 
ATOM   607  N  N3     . DT  B 2 8  ? -9.840  9.885   2.889   1.00 74.39  ? 19  DT  B N3     1 
ATOM   608  C  C4     . DT  B 2 8  ? -10.825 8.929   3.001   1.00 79.16  ? 19  DT  B C4     1 
ATOM   609  O  O4     . DT  B 2 8  ? -11.839 8.951   2.310   1.00 76.97  ? 19  DT  B O4     1 
ATOM   610  C  C5     . DT  B 2 8  ? -10.580 7.899   3.991   1.00 79.57  ? 19  DT  B C5     1 
ATOM   611  C  C7     . DT  B 2 8  ? -11.583 6.808   4.204   1.00 80.71  ? 19  DT  B C7     1 
ATOM   612  C  C6     . DT  B 2 8  ? -9.440  7.956   4.694   1.00 82.08  ? 19  DT  B C6     1 
ATOM   613  H  "H5'"  . DT  B 2 8  ? -5.536  5.448   5.748   1.00 102.90 ? 19  DT  B "H5'"  1 
ATOM   614  H  "H5''" . DT  B 2 8  ? -4.975  5.775   7.188   1.00 102.90 ? 19  DT  B "H5''" 1 
ATOM   615  H  "H4'"  . DT  B 2 8  ? -4.794  7.697   5.956   1.00 116.33 ? 19  DT  B "H4'"  1 
ATOM   616  H  "H3'"  . DT  B 2 8  ? -6.339  7.833   8.154   1.00 123.78 ? 19  DT  B "H3'"  1 
ATOM   617  H  "H2'"  . DT  B 2 8  ? -8.212  8.488   7.110   1.00 121.56 ? 19  DT  B "H2'"  1 
ATOM   618  H  "H2''" . DT  B 2 8  ? -7.506  9.922   7.127   1.00 121.56 ? 19  DT  B "H2''" 1 
ATOM   619  H  "H1'"  . DT  B 2 8  ? -6.657  9.643   5.053   1.00 115.23 ? 19  DT  B "H1'"  1 
ATOM   620  H  H3     . DT  B 2 8  ? -9.971  10.501  2.303   1.00 89.18  ? 19  DT  B H3     1 
ATOM   621  H  H71    . DT  B 2 8  ? -11.170 5.950   4.019   1.00 96.77  ? 19  DT  B H71    1 
ATOM   622  H  H72    . DT  B 2 8  ? -11.891 6.828   5.124   1.00 96.77  ? 19  DT  B H72    1 
ATOM   623  H  H73    . DT  B 2 8  ? -12.336 6.939   3.607   1.00 96.77  ? 19  DT  B H73    1 
ATOM   624  H  H6     . DT  B 2 8  ? -9.278  7.294   5.328   1.00 98.41  ? 19  DT  B H6     1 
ATOM   625  P  P      . DC  B 2 9  ? -5.299  10.271  8.932   1.00 104.57 ? 20  DC  B P      1 
ATOM   626  O  OP1    . DC  B 2 9  ? -3.935  10.615  9.387   1.00 98.54  ? 20  DC  B OP1    1 
ATOM   627  O  OP2    . DC  B 2 9  ? -6.239  9.597   9.856   1.00 103.46 ? 20  DC  B OP2    1 
ATOM   628  O  "O5'"  . DC  B 2 9  ? -6.016  11.580  8.352   1.00 105.98 ? 20  DC  B "O5'"  1 
ATOM   629  C  "C5'"  . DC  B 2 9  ? -5.375  12.355  7.343   1.00 103.36 ? 20  DC  B "C5'"  1 
ATOM   630  C  "C4'"  . DC  B 2 9  ? -6.231  13.544  6.938   1.00 106.92 ? 20  DC  B "C4'"  1 
ATOM   631  O  "O4'"  . DC  B 2 9  ? -7.352  13.086  6.125   1.00 105.58 ? 20  DC  B "O4'"  1 
ATOM   632  C  "C3'"  . DC  B 2 9  ? -6.849  14.327  8.107   1.00 106.37 ? 20  DC  B "C3'"  1 
ATOM   633  O  "O3'"  . DC  B 2 9  ? -6.688  15.731  7.915   1.00 108.25 ? 20  DC  B "O3'"  1 
ATOM   634  C  "C2'"  . DC  B 2 9  ? -8.314  13.910  8.082   1.00 100.52 ? 20  DC  B "C2'"  1 
ATOM   635  C  "C1'"  . DC  B 2 9  ? -8.541  13.683  6.598   1.00 102.51 ? 20  DC  B "C1'"  1 
ATOM   636  N  N1     . DC  B 2 9  ? -9.697  12.797  6.270   1.00 97.06  ? 20  DC  B N1     1 
ATOM   637  C  C2     . DC  B 2 9  ? -10.538 13.135  5.204   1.00 89.92  ? 20  DC  B C2     1 
ATOM   638  O  O2     . DC  B 2 9  ? -10.304 14.167  4.561   1.00 89.86  ? 20  DC  B O2     1 
ATOM   639  N  N3     . DC  B 2 9  ? -11.587 12.325  4.909   1.00 80.29  ? 20  DC  B N3     1 
ATOM   640  C  C4     . DC  B 2 9  ? -11.798 11.224  5.631   1.00 86.56  ? 20  DC  B C4     1 
ATOM   641  N  N4     . DC  B 2 9  ? -12.841 10.456  5.312   1.00 85.30  ? 20  DC  B N4     1 
ATOM   642  C  C5     . DC  B 2 9  ? -10.951 10.864  6.723   1.00 90.53  ? 20  DC  B C5     1 
ATOM   643  C  C6     . DC  B 2 9  ? -9.921  11.669  7.001   1.00 95.73  ? 20  DC  B C6     1 
ATOM   644  H  "H5'"  . DC  B 2 9  ? -5.218  11.797  6.565   1.00 123.95 ? 20  DC  B "H5'"  1 
ATOM   645  H  "H5''" . DC  B 2 9  ? -4.523  12.675  7.681   1.00 123.95 ? 20  DC  B "H5''" 1 
ATOM   646  H  "H4'"  . DC  B 2 9  ? -5.691  14.150  6.409   1.00 128.23 ? 20  DC  B "H4'"  1 
ATOM   647  H  "H3'"  . DC  B 2 9  ? -6.439  14.055  8.943   1.00 127.57 ? 20  DC  B "H3'"  1 
ATOM   648  H  "HO3'" . DC  B 2 9  ? -7.363  16.228  7.866   1.00 129.82 ? 20  DC  B "HO3'" 1 
ATOM   649  H  "H2'"  . DC  B 2 9  ? -8.450  13.090  8.583   1.00 120.54 ? 20  DC  B "H2'"  1 
ATOM   650  H  "H2''" . DC  B 2 9  ? -8.883  14.622  8.415   1.00 120.54 ? 20  DC  B "H2''" 1 
ATOM   651  H  "H1'"  . DC  B 2 9  ? -8.662  14.540  6.160   1.00 122.93 ? 20  DC  B "H1'"  1 
ATOM   652  H  H41    . DC  B 2 9  ? -13.002 9.740   5.760   1.00 102.28 ? 20  DC  B H41    1 
ATOM   653  H  H42    . DC  B 2 9  ? -13.353 10.677  4.657   1.00 102.28 ? 20  DC  B H42    1 
ATOM   654  H  H5     . DC  B 2 9  ? -11.107 10.094  7.220   1.00 108.55 ? 20  DC  B H5     1 
ATOM   655  H  H6     . DC  B 2 9  ? -9.352  11.458  7.706   1.00 114.79 ? 20  DC  B H6     1 
ATOM   656  P  P      . DT  C 3 1  ? 11.329  12.194  -2.828  1.00 84.20  ? 0   DT  C P      1 
ATOM   657  O  OP1    . DT  C 3 1  ? 11.290  12.745  -1.453  1.00 66.90  ? 0   DT  C OP1    1 
ATOM   658  O  OP2    . DT  C 3 1  ? 12.372  12.664  -3.763  1.00 85.17  ? 0   DT  C OP2    1 
ATOM   659  O  "O5'"  . DT  C 3 1  ? 11.714  10.676  -2.615  1.00 68.28  ? 0   DT  C "O5'"  1 
ATOM   660  C  "C5'"  . DT  C 3 1  ? 10.805  9.666   -2.966  1.00 64.71  ? 0   DT  C "C5'"  1 
ATOM   661  C  "C4'"  . DT  C 3 1  ? 10.105  9.999   -4.261  1.00 60.43  ? 0   DT  C "C4'"  1 
ATOM   662  O  "O4'"  . DT  C 3 1  ? 10.888  9.478   -5.355  1.00 60.19  ? 0   DT  C "O4'"  1 
ATOM   663  C  "C3'"  . DT  C 3 1  ? 8.780   9.284   -4.396  1.00 62.50  ? 0   DT  C "C3'"  1 
ATOM   664  O  "O3'"  . DT  C 3 1  ? 8.028   9.833   -5.452  1.00 61.66  ? 0   DT  C "O3'"  1 
ATOM   665  C  "C2'"  . DT  C 3 1  ? 9.240   7.873   -4.717  1.00 62.10  ? 0   DT  C "C2'"  1 
ATOM   666  C  "C1'"  . DT  C 3 1  ? 10.394  8.167   -5.678  1.00 63.62  ? 0   DT  C "C1'"  1 
ATOM   667  N  N1     . DT  C 3 1  ? 11.529  7.174   -5.635  1.00 56.58  ? 0   DT  C N1     1 
ATOM   668  C  C2     . DT  C 3 1  ? 11.724  6.353   -6.727  1.00 55.05  ? 0   DT  C C2     1 
ATOM   669  O  O2     . DT  C 3 1  ? 10.999  6.372   -7.715  1.00 57.55  ? 0   DT  C O2     1 
ATOM   670  N  N3     . DT  C 3 1  ? 12.790  5.502   -6.626  1.00 50.52  ? 0   DT  C N3     1 
ATOM   671  C  C4     . DT  C 3 1  ? 13.668  5.394   -5.566  1.00 54.35  ? 0   DT  C C4     1 
ATOM   672  O  O4     . DT  C 3 1  ? 14.602  4.598   -5.574  1.00 54.64  ? 0   DT  C O4     1 
ATOM   673  C  C5     . DT  C 3 1  ? 13.415  6.283   -4.448  1.00 54.21  ? 0   DT  C C5     1 
ATOM   674  C  C7     . DT  C 3 1  ? 14.306  6.246   -3.248  1.00 47.66  ? 0   DT  C C7     1 
ATOM   675  C  C6     . DT  C 3 1  ? 12.369  7.123   -4.531  1.00 53.27  ? 0   DT  C C6     1 
ATOM   676  P  P      . DC  C 3 2  ? 6.478   9.449   -5.564  1.00 74.81  ? 1   DC  C P      1 
ATOM   677  O  OP1    . DC  C 3 2  ? 5.888   10.337  -6.592  1.00 75.96  ? 1   DC  C OP1    1 
ATOM   678  O  OP2    . DC  C 3 2  ? 5.944   9.422   -4.180  1.00 62.69  ? 1   DC  C OP2    1 
ATOM   679  O  "O5'"  . DC  C 3 2  ? 6.504   7.971   -6.174  1.00 66.77  ? 1   DC  C "O5'"  1 
ATOM   680  C  "C5'"  . DC  C 3 2  ? 7.146   7.789   -7.404  1.00 67.91  ? 1   DC  C "C5'"  1 
ATOM   681  C  "C4'"  . DC  C 3 2  ? 6.770   6.485   -8.079  1.00 61.99  ? 1   DC  C "C4'"  1 
ATOM   682  O  "O4'"  . DC  C 3 2  ? 7.844   5.529   -7.893  1.00 67.15  ? 1   DC  C "O4'"  1 
ATOM   683  C  "C3'"  . DC  C 3 2  ? 5.523   5.794   -7.587  1.00 50.06  ? 1   DC  C "C3'"  1 
ATOM   684  O  "O3'"  . DC  C 3 2  ? 4.921   5.118   -8.690  1.00 42.98  ? 1   DC  C "O3'"  1 
ATOM   685  C  "C2'"  . DC  C 3 2  ? 6.072   4.845   -6.517  1.00 63.65  ? 1   DC  C "C2'"  1 
ATOM   686  C  "C1'"  . DC  C 3 2  ? 7.410   4.428   -7.128  1.00 60.03  ? 1   DC  C "C1'"  1 
ATOM   687  N  N1     . DC  C 3 2  ? 8.532   4.117   -6.183  1.00 53.11  ? 1   DC  C N1     1 
ATOM   688  C  C2     . DC  C 3 2  ? 9.495   3.170   -6.561  1.00 54.76  ? 1   DC  C C2     1 
ATOM   689  O  O2     . DC  C 3 2  ? 9.371   2.557   -7.632  1.00 48.46  ? 1   DC  C O2     1 
ATOM   690  N  N3     . DC  C 3 2  ? 10.534  2.933   -5.738  1.00 57.34  ? 1   DC  C N3     1 
ATOM   691  C  C4     . DC  C 3 2  ? 10.657  3.609   -4.604  1.00 54.66  ? 1   DC  C C4     1 
ATOM   692  N  N4     . DC  C 3 2  ? 11.707  3.334   -3.833  1.00 52.61  ? 1   DC  C N4     1 
ATOM   693  C  C5     . DC  C 3 2  ? 9.711   4.589   -4.209  1.00 54.96  ? 1   DC  C C5     1 
ATOM   694  C  C6     . DC  C 3 2  ? 8.679   4.822   -5.033  1.00 56.72  ? 1   DC  C C6     1 
ATOM   695  H  "H5'"  . DC  C 3 2  ? 8.105   7.801   -7.260  1.00 81.40  ? 1   DC  C "H5'"  1 
ATOM   696  H  "H5''" . DC  C 3 2  ? 6.909   8.524   -7.992  1.00 81.40  ? 1   DC  C "H5''" 1 
ATOM   697  H  "H4'"  . DC  C 3 2  ? 6.672   6.653   -9.029  1.00 74.31  ? 1   DC  C "H4'"  1 
ATOM   698  H  "H3'"  . DC  C 3 2  ? 4.908   6.435   -7.196  1.00 59.99  ? 1   DC  C "H3'"  1 
ATOM   699  H  "H2'"  . DC  C 3 2  ? 6.205   5.310   -5.677  1.00 76.30  ? 1   DC  C "H2'"  1 
ATOM   700  H  "H2''" . DC  C 3 2  ? 5.489   4.078   -6.403  1.00 76.30  ? 1   DC  C "H2''" 1 
ATOM   701  H  "H1'"  . DC  C 3 2  ? 7.269   3.669   -7.715  1.00 71.95  ? 1   DC  C "H1'"  1 
ATOM   702  H  H41    . DC  C 3 2  ? 11.827  3.764   -3.099  1.00 63.05  ? 1   DC  C H41    1 
ATOM   703  H  H42    . DC  C 3 2  ? 12.267  2.726   -4.071  1.00 63.05  ? 1   DC  C H42    1 
ATOM   704  H  H5     . DC  C 3 2  ? 9.804   5.054   -3.410  1.00 65.87  ? 1   DC  C H5     1 
ATOM   705  H  H6     . DC  C 3 2  ? 8.042   5.458   -4.800  1.00 67.98  ? 1   DC  C H6     1 
ATOM   706  P  P      . DA  C 3 3  ? 3.429   4.540   -8.632  1.00 56.83  ? 2   DA  C P      1 
ATOM   707  O  OP1    . DA  C 3 3  ? 2.877   4.471   -10.007 1.00 35.00  ? 2   DA  C OP1    1 
ATOM   708  O  OP2    . DA  C 3 3  ? 2.697   5.345   -7.624  1.00 66.51  ? 2   DA  C OP2    1 
ATOM   709  O  "O5'"  . DA  C 3 3  ? 3.643   3.017   -8.172  1.00 60.23  ? 2   DA  C "O5'"  1 
ATOM   710  C  "C5'"  . DA  C 3 3  ? 4.112   2.061   -9.131  1.00 59.26  ? 2   DA  C "C5'"  1 
ATOM   711  C  "C4'"  . DA  C 3 3  ? 4.649   0.802   -8.479  1.00 57.32  ? 2   DA  C "C4'"  1 
ATOM   712  O  "O4'"  . DA  C 3 3  ? 5.697   1.138   -7.534  1.00 57.77  ? 2   DA  C "O4'"  1 
ATOM   713  C  "C3'"  . DA  C 3 3  ? 3.622   -0.018  -7.685  1.00 57.30  ? 2   DA  C "C3'"  1 
ATOM   714  O  "O3'"  . DA  C 3 3  ? 3.511   -1.325  -8.212  1.00 48.17  ? 2   DA  C "O3'"  1 
ATOM   715  C  "C2'"  . DA  C 3 3  ? 4.187   -0.019  -6.263  1.00 60.94  ? 2   DA  C "C2'"  1 
ATOM   716  C  "C1'"  . DA  C 3 3  ? 5.666   0.164   -6.536  1.00 57.50  ? 2   DA  C "C1'"  1 
ATOM   717  N  N9     . DA  C 3 3  ? 6.457   0.602   -5.399  1.00 59.63  ? 2   DA  C N9     1 
ATOM   718  C  C8     . DA  C 3 3  ? 6.098   1.482   -4.417  1.00 57.03  ? 2   DA  C C8     1 
ATOM   719  N  N7     . DA  C 3 3  ? 7.031   1.672   -3.514  1.00 54.91  ? 2   DA  C N7     1 
ATOM   720  C  C5     . DA  C 3 3  ? 8.068   0.863   -3.938  1.00 55.71  ? 2   DA  C C5     1 
ATOM   721  C  C6     . DA  C 3 3  ? 9.345   0.616   -3.418  1.00 57.00  ? 2   DA  C C6     1 
ATOM   722  N  N6     . DA  C 3 3  ? 9.804   1.187   -2.305  1.00 59.20  ? 2   DA  C N6     1 
ATOM   723  N  N1     . DA  C 3 3  ? 10.134  -0.257  -4.082  1.00 57.77  ? 2   DA  C N1     1 
ATOM   724  C  C2     . DA  C 3 3  ? 9.669   -0.829  -5.196  1.00 59.64  ? 2   DA  C C2     1 
ATOM   725  N  N3     . DA  C 3 3  ? 8.486   -0.674  -5.786  1.00 57.66  ? 2   DA  C N3     1 
ATOM   726  C  C4     . DA  C 3 3  ? 7.726   0.194   -5.095  1.00 60.11  ? 2   DA  C C4     1 
ATOM   727  H  "H5'"  . DA  C 3 3  ? 4.818   2.466   -9.658  1.00 71.04  ? 2   DA  C "H5'"  1 
ATOM   728  H  "H5''" . DA  C 3 3  ? 3.379   1.822   -9.719  1.00 71.04  ? 2   DA  C "H5''" 1 
ATOM   729  H  "H4'"  . DA  C 3 3  ? 5.026   0.235   -9.170  1.00 68.70  ? 2   DA  C "H4'"  1 
ATOM   730  H  "H3'"  . DA  C 3 3  ? 2.759   0.425   -7.699  1.00 68.67  ? 2   DA  C "H3'"  1 
ATOM   731  H  "H2'"  . DA  C 3 3  ? 3.834   0.722   -5.748  1.00 73.05  ? 2   DA  C "H2'"  1 
ATOM   732  H  "H2''" . DA  C 3 3  ? 4.017   -0.866  -5.824  1.00 73.05  ? 2   DA  C "H2''" 1 
ATOM   733  H  "H1'"  . DA  C 3 3  ? 6.034   -0.663  -6.884  1.00 68.92  ? 2   DA  C "H1'"  1 
ATOM   734  H  H8     . DA  C 3 3  ? 5.271   1.905   -4.391  1.00 68.36  ? 2   DA  C H8     1 
ATOM   735  H  H61    . DA  C 3 3  ? 10.591  0.997   -2.018  1.00 70.96  ? 2   DA  C H61    1 
ATOM   736  H  H62    . DA  C 3 3  ? 9.311   1.745   -1.874  1.00 70.96  ? 2   DA  C H62    1 
ATOM   737  H  H2     . DA  C 3 3  ? 10.253  -1.418  -5.618  1.00 71.49  ? 2   DA  C H2     1 
ATOM   738  P  P      . DA  C 3 4  ? 2.458   -1.620  -9.381  1.00 60.91  ? 3   DA  C P      1 
ATOM   739  O  OP1    . DA  C 3 4  ? 2.564   -3.051  -9.726  1.00 60.31  ? 3   DA  C OP1    1 
ATOM   740  O  OP2    . DA  C 3 4  ? 2.631   -0.606  -10.456 1.00 49.69  ? 3   DA  C OP2    1 
ATOM   741  O  "O5'"  . DA  C 3 4  ? 1.053   -1.374  -8.666  1.00 61.35  ? 3   DA  C "O5'"  1 
ATOM   742  C  "C5'"  . DA  C 3 4  ? 0.409   -2.427  -8.004  1.00 58.99  ? 3   DA  C "C5'"  1 
ATOM   743  C  "C4'"  . DA  C 3 4  ? -1.051  -2.464  -8.374  1.00 54.25  ? 3   DA  C "C4'"  1 
ATOM   744  O  "O4'"  . DA  C 3 4  ? -1.637  -1.182  -8.100  1.00 54.08  ? 3   DA  C "O4'"  1 
ATOM   745  C  "C3'"  . DA  C 3 4  ? -1.330  -2.702  -9.834  1.00 51.52  ? 3   DA  C "C3'"  1 
ATOM   746  O  "O3'"  . DA  C 3 4  ? -1.283  -4.082  -10.127 1.00 57.98  ? 3   DA  C "O3'"  1 
ATOM   747  C  "C2'"  . DA  C 3 4  ? -2.717  -2.093  -9.997  1.00 47.02  ? 3   DA  C "C2'"  1 
ATOM   748  C  "C1'"  . DA  C 3 4  ? -2.702  -0.938  -8.995  1.00 48.97  ? 3   DA  C "C1'"  1 
ATOM   749  N  N9     . DA  C 3 4  ? -2.492  0.396   -9.547  1.00 52.24  ? 3   DA  C N9     1 
ATOM   750  C  C8     . DA  C 3 4  ? -1.342  1.150   -9.467  1.00 52.39  ? 3   DA  C C8     1 
ATOM   751  N  N7     . DA  C 3 4  ? -1.452  2.338   -10.002 1.00 44.49  ? 3   DA  C N7     1 
ATOM   752  C  C5     . DA  C 3 4  ? -2.755  2.380   -10.438 1.00 48.79  ? 3   DA  C C5     1 
ATOM   753  C  C6     . DA  C 3 4  ? -3.487  3.373   -11.081 1.00 53.40  ? 3   DA  C C6     1 
ATOM   754  N  N6     . DA  C 3 4  ? -2.971  4.551   -11.411 1.00 57.99  ? 3   DA  C N6     1 
ATOM   755  N  N1     . DA  C 3 4  ? -4.774  3.110   -11.382 1.00 57.19  ? 3   DA  C N1     1 
ATOM   756  C  C2     . DA  C 3 4  ? -5.279  1.920   -11.051 1.00 55.94  ? 3   DA  C C2     1 
ATOM   757  N  N3     . DA  C 3 4  ? -4.685  0.903   -10.440 1.00 54.52  ? 3   DA  C N3     1 
ATOM   758  C  C4     . DA  C 3 4  ? -3.415  1.199   -10.155 1.00 51.62  ? 3   DA  C C4     1 
ATOM   759  H  "H5'"  . DA  C 3 4  ? 0.495   -2.304  -7.046  1.00 70.70  ? 3   DA  C "H5'"  1 
ATOM   760  H  "H5''" . DA  C 3 4  ? 0.825   -3.267  -8.257  1.00 70.70  ? 3   DA  C "H5''" 1 
ATOM   761  H  "H4'"  . DA  C 3 4  ? -1.500  -3.142  -7.846  1.00 65.02  ? 3   DA  C "H4'"  1 
ATOM   762  H  "H3'"  . DA  C 3 4  ? -0.688  -2.220  -10.380 1.00 61.75  ? 3   DA  C "H3'"  1 
ATOM   763  H  "H2'"  . DA  C 3 4  ? -2.843  -1.762  -10.899 1.00 56.34  ? 3   DA  C "H2'"  1 
ATOM   764  H  "H2''" . DA  C 3 4  ? -3.403  -2.739  -9.766  1.00 56.34  ? 3   DA  C "H2''" 1 
ATOM   765  H  "H1'"  . DA  C 3 4  ? -3.535  -0.944  -8.498  1.00 58.69  ? 3   DA  C "H1'"  1 
ATOM   766  H  H8     . DA  C 3 4  ? -0.556  0.837   -9.082  1.00 62.79  ? 3   DA  C H8     1 
ATOM   767  H  H61    . DA  C 3 4  ? -3.456  5.136   -11.813 1.00 69.51  ? 3   DA  C H61    1 
ATOM   768  H  H62    . DA  C 3 4  ? -2.151  4.729   -11.221 1.00 69.51  ? 3   DA  C H62    1 
ATOM   769  H  H2     . DA  C 3 4  ? -6.170  1.784   -11.282 1.00 67.05  ? 3   DA  C H2     1 
ATOM   770  P  P      . DC  C 3 5  ? -1.250  -4.599  -11.642 1.00 52.54  ? 4   DC  C P      1 
ATOM   771  O  OP1    . DC  C 3 5  ? -1.440  -6.065  -11.583 1.00 68.64  ? 4   DC  C OP1    1 
ATOM   772  O  OP2    . DC  C 3 5  ? -0.058  -4.035  -12.305 1.00 59.15  ? 4   DC  C OP2    1 
ATOM   773  O  "O5'"  . DC  C 3 5  ? -2.587  -4.015  -12.272 1.00 49.89  ? 4   DC  C "O5'"  1 
ATOM   774  C  "C5'"  . DC  C 3 5  ? -3.810  -4.625  -11.925 1.00 55.81  ? 4   DC  C "C5'"  1 
ATOM   775  C  "C4'"  . DC  C 3 5  ? -4.969  -3.993  -12.655 1.00 61.40  ? 4   DC  C "C4'"  1 
ATOM   776  O  "O4'"  . DC  C 3 5  ? -4.943  -2.559  -12.464 1.00 63.16  ? 4   DC  C "O4'"  1 
ATOM   777  C  "C3'"  . DC  C 3 5  ? -4.947  -4.236  -14.151 1.00 58.54  ? 4   DC  C "C3'"  1 
ATOM   778  O  "O3'"  . DC  C 3 5  ? -6.087  -4.925  -14.557 1.00 66.58  ? 4   DC  C "O3'"  1 
ATOM   779  C  "C2'"  . DC  C 3 5  ? -4.878  -2.860  -14.786 1.00 58.47  ? 4   DC  C "C2'"  1 
ATOM   780  C  "C1'"  . DC  C 3 5  ? -5.231  -1.907  -13.678 1.00 58.09  ? 4   DC  C "C1'"  1 
ATOM   781  N  N1     . DC  C 3 5  ? -4.442  -0.704  -13.736 1.00 54.96  ? 4   DC  C N1     1 
ATOM   782  C  C2     . DC  C 3 5  ? -4.966  0.451   -14.311 1.00 57.49  ? 4   DC  C C2     1 
ATOM   783  O  O2     . DC  C 3 5  ? -6.124  0.439   -14.752 1.00 61.60  ? 4   DC  C O2     1 
ATOM   784  N  N3     . DC  C 3 5  ? -4.192  1.554   -14.362 1.00 54.01  ? 4   DC  C N3     1 
ATOM   785  C  C4     . DC  C 3 5  ? -2.949  1.516   -13.877 1.00 54.47  ? 4   DC  C C4     1 
ATOM   786  N  N4     . DC  C 3 5  ? -2.220  2.623   -13.947 1.00 59.82  ? 4   DC  C N4     1 
ATOM   787  C  C5     . DC  C 3 5  ? -2.403  0.339   -13.300 1.00 56.21  ? 4   DC  C C5     1 
ATOM   788  C  C6     . DC  C 3 5  ? -3.176  -0.736  -13.259 1.00 57.06  ? 4   DC  C C6     1 
ATOM   789  H  "H5'"  . DC  C 3 5  ? -3.950  -4.534  -10.970 1.00 66.88  ? 4   DC  C "H5'"  1 
ATOM   790  H  "H5''" . DC  C 3 5  ? -3.769  -5.567  -12.151 1.00 66.88  ? 4   DC  C "H5''" 1 
ATOM   791  H  "H4'"  . DC  C 3 5  ? -5.798  -4.344  -12.291 1.00 73.60  ? 4   DC  C "H4'"  1 
ATOM   792  H  "H3'"  . DC  C 3 5  ? -4.156  -4.745  -14.388 1.00 70.17  ? 4   DC  C "H3'"  1 
ATOM   793  H  "H2'"  . DC  C 3 5  ? -3.981  -2.683  -15.109 1.00 70.08  ? 4   DC  C "H2'"  1 
ATOM   794  H  "H2''" . DC  C 3 5  ? -5.520  -2.789  -15.509 1.00 70.08  ? 4   DC  C "H2''" 1 
ATOM   795  H  "H1'"  . DC  C 3 5  ? -6.174  -1.687  -13.720 1.00 69.63  ? 4   DC  C "H1'"  1 
ATOM   796  H  H41    . DC  C 3 5  ? -1.416  2.629   -13.638 1.00 71.71  ? 4   DC  C H41    1 
ATOM   797  H  H42    . DC  C 3 5  ? -2.549  3.334   -14.300 1.00 71.71  ? 4   DC  C H42    1 
ATOM   798  H  H5     . DC  C 3 5  ? -1.538  0.325   -12.960 1.00 67.36  ? 4   DC  C H5     1 
ATOM   799  H  H6     . DC  C 3 5  ? -2.847  -1.521  -12.884 1.00 68.39  ? 4   DC  C H6     1 
ATOM   800  P  P      . DG  C 3 6  ? -6.166  -5.488  -16.055 1.00 73.18  ? 5   DG  C P      1 
ATOM   801  O  OP1    . DG  C 3 6  ? -7.171  -6.571  -16.076 1.00 82.27  ? 5   DG  C OP1    1 
ATOM   802  O  OP2    . DG  C 3 6  ? -4.772  -5.740  -16.505 1.00 65.74  ? 5   DG  C OP2    1 
ATOM   803  O  "O5'"  . DG  C 3 6  ? -6.715  -4.248  -16.890 1.00 65.20  ? 5   DG  C "O5'"  1 
ATOM   804  C  "C5'"  . DG  C 3 6  ? -8.102  -4.014  -16.991 1.00 70.88  ? 5   DG  C "C5'"  1 
ATOM   805  C  "C4'"  . DG  C 3 6  ? -8.380  -3.058  -18.129 1.00 71.58  ? 5   DG  C "C4'"  1 
ATOM   806  O  "O4'"  . DG  C 3 6  ? -7.769  -1.768  -17.839 1.00 66.08  ? 5   DG  C "O4'"  1 
ATOM   807  C  "C3'"  . DG  C 3 6  ? -7.814  -3.538  -19.456 1.00 68.75  ? 5   DG  C "C3'"  1 
ATOM   808  O  "O3'"  . DG  C 3 6  ? -8.809  -3.565  -20.447 1.00 60.23  ? 5   DG  C "O3'"  1 
ATOM   809  C  "C2'"  . DG  C 3 6  ? -6.680  -2.571  -19.788 1.00 68.84  ? 5   DG  C "C2'"  1 
ATOM   810  C  "C1'"  . DG  C 3 6  ? -6.891  -1.367  -18.877 1.00 59.69  ? 5   DG  C "C1'"  1 
ATOM   811  N  N9     . DG  C 3 6  ? -5.631  -0.907  -18.285 1.00 59.30  ? 5   DG  C N9     1 
ATOM   812  C  C8     . DG  C 3 6  ? -4.705  -1.699  -17.654 1.00 62.48  ? 5   DG  C C8     1 
ATOM   813  N  N7     . DG  C 3 6  ? -3.659  -1.052  -17.231 1.00 56.90  ? 5   DG  C N7     1 
ATOM   814  C  C5     . DG  C 3 6  ? -3.896  0.258   -17.609 1.00 51.19  ? 5   DG  C C5     1 
ATOM   815  C  C6     . DG  C 3 6  ? -3.100  1.397   -17.417 1.00 53.85  ? 5   DG  C C6     1 
ATOM   816  O  O6     . DG  C 3 6  ? -2.000  1.474   -16.861 1.00 60.78  ? 5   DG  C O6     1 
ATOM   817  N  N1     . DG  C 3 6  ? -3.684  2.535   -17.955 1.00 55.12  ? 5   DG  C N1     1 
ATOM   818  C  C2     . DG  C 3 6  ? -4.888  2.562   -18.602 1.00 55.62  ? 5   DG  C C2     1 
ATOM   819  N  N2     . DG  C 3 6  ? -5.275  3.764   -19.054 1.00 54.11  ? 5   DG  C N2     1 
ATOM   820  N  N3     . DG  C 3 6  ? -5.658  1.490   -18.799 1.00 52.89  ? 5   DG  C N3     1 
ATOM   821  C  C4     . DG  C 3 6  ? -5.099  0.374   -18.273 1.00 52.77  ? 5   DG  C C4     1 
ATOM   822  H  "H5'"  . DG  C 3 6  ? -8.426  -3.629  -16.161 1.00 84.98  ? 5   DG  C "H5'"  1 
ATOM   823  H  "H5''" . DG  C 3 6  ? -8.559  -4.853  -17.156 1.00 84.98  ? 5   DG  C "H5''" 1 
ATOM   824  H  "H4'"  . DG  C 3 6  ? -9.338  -2.941  -18.217 1.00 85.82  ? 5   DG  C "H4'"  1 
ATOM   825  H  "H3'"  . DG  C 3 6  ? -7.450  -4.430  -19.345 1.00 82.42  ? 5   DG  C "H3'"  1 
ATOM   826  H  "HO3'" . DG  C 3 6  ? -9.006  -4.289  -20.824 1.00 72.19  ? 5   DG  C "HO3'" 1 
ATOM   827  H  "H2'"  . DG  C 3 6  ? -5.822  -2.984  -19.604 1.00 82.53  ? 5   DG  C "H2'"  1 
ATOM   828  H  "H2''" . DG  C 3 6  ? -6.731  -2.300  -20.718 1.00 82.53  ? 5   DG  C "H2''" 1 
ATOM   829  H  "H1'"  . DG  C 3 6  ? -7.295  -0.645  -19.382 1.00 71.55  ? 5   DG  C "H1'"  1 
ATOM   830  H  H8     . DG  C 3 6  ? -4.822  -2.613  -17.526 1.00 74.90  ? 5   DG  C H8     1 
ATOM   831  H  H1     . DG  C 3 6  ? -3.253  3.276   -17.882 1.00 66.06  ? 5   DG  C H1     1 
ATOM   832  H  H21    . DG  C 3 6  ? -6.024  3.848   -19.467 1.00 64.85  ? 5   DG  C H21    1 
ATOM   833  H  H22    . DG  C 3 6  ? -4.773  4.452   -18.931 1.00 64.85  ? 5   DG  C H22    1 
ATOM   834  O  "O5'"  . DT  D 4 1  ? -23.988 7.269   5.789   1.00 118.77 ? 2   DT  D "O5'"  1 
ATOM   835  C  "C5'"  . DT  D 4 1  ? -23.029 8.263   6.116   1.00 108.30 ? 2   DT  D "C5'"  1 
ATOM   836  C  "C4'"  . DT  D 4 1  ? -23.317 9.550   5.369   1.00 104.85 ? 2   DT  D "C4'"  1 
ATOM   837  O  "O4'"  . DT  D 4 1  ? -23.297 10.670  6.298   1.00 96.01  ? 2   DT  D "O4'"  1 
ATOM   838  C  "C3'"  . DT  D 4 1  ? -22.302 9.921   4.295   1.00 109.49 ? 2   DT  D "C3'"  1 
ATOM   839  O  "O3'"  . DT  D 4 1  ? -22.572 9.250   3.047   1.00 113.60 ? 2   DT  D "O3'"  1 
ATOM   840  C  "C2'"  . DT  D 4 1  ? -22.461 11.433  4.233   1.00 103.15 ? 2   DT  D "C2'"  1 
ATOM   841  C  "C1'"  . DT  D 4 1  ? -22.642 11.780  5.696   1.00 97.17  ? 2   DT  D "C1'"  1 
ATOM   842  N  N1     . DT  D 4 1  ? -21.373 12.039  6.432   1.00 91.83  ? 2   DT  D N1     1 
ATOM   843  C  C2     . DT  D 4 1  ? -20.753 13.257  6.291   1.00 94.80  ? 2   DT  D C2     1 
ATOM   844  O  O2     . DT  D 4 1  ? -21.174 14.136  5.561   1.00 99.72  ? 2   DT  D O2     1 
ATOM   845  N  N3     . DT  D 4 1  ? -19.608 13.412  7.034   1.00 89.24  ? 2   DT  D N3     1 
ATOM   846  C  C4     . DT  D 4 1  ? -19.040 12.486  7.886   1.00 87.65  ? 2   DT  D C4     1 
ATOM   847  O  O4     . DT  D 4 1  ? -18.012 12.714  8.507   1.00 83.36  ? 2   DT  D O4     1 
ATOM   848  C  C5     . DT  D 4 1  ? -19.743 11.229  7.991   1.00 90.89  ? 2   DT  D C5     1 
ATOM   849  C  C7     . DT  D 4 1  ? -19.220 10.146  8.887   1.00 91.72  ? 2   DT  D C7     1 
ATOM   850  C  C6     . DT  D 4 1  ? -20.865 11.068  7.270   1.00 93.54  ? 2   DT  D C6     1 
ATOM   851  H  "H5'"  . DT  D 4 1  ? -22.145 7.945   5.876   1.00 129.87 ? 2   DT  D "H5'"  1 
ATOM   852  H  "H5''" . DT  D 4 1  ? -23.059 8.434   7.071   1.00 129.87 ? 2   DT  D "H5''" 1 
ATOM   853  H  "H4'"  . DT  D 4 1  ? -24.197 9.492   4.965   1.00 125.74 ? 2   DT  D "H4'"  1 
ATOM   854  H  "H3'"  . DT  D 4 1  ? -21.408 9.698   4.601   1.00 131.30 ? 2   DT  D "H3'"  1 
ATOM   855  H  "H2'"  . DT  D 4 1  ? -21.663 11.851  3.874   1.00 123.70 ? 2   DT  D "H2'"  1 
ATOM   856  H  "H2''" . DT  D 4 1  ? -23.246 11.677  3.719   1.00 123.70 ? 2   DT  D "H2''" 1 
ATOM   857  H  "H1'"  . DT  D 4 1  ? -23.214 12.560  5.767   1.00 116.52 ? 2   DT  D "H1'"  1 
ATOM   858  H  H3     . DT  D 4 1  ? -19.200 14.165  6.957   1.00 107.00 ? 2   DT  D H3     1 
ATOM   859  H  H71    . DT  D 4 1  ? -19.880 9.945   9.570   1.00 109.98 ? 2   DT  D H71    1 
ATOM   860  H  H72    . DT  D 4 1  ? -19.044 9.349   8.363   1.00 109.98 ? 2   DT  D H72    1 
ATOM   861  H  H73    . DT  D 4 1  ? -18.399 10.444  9.308   1.00 109.98 ? 2   DT  D H73    1 
ATOM   862  H  H6     . DT  D 4 1  ? -21.323 10.262  7.340   1.00 112.16 ? 2   DT  D H6     1 
ATOM   863  H  "HO5'" . DT  D 4 1  ? -24.381 6.848   6.401   1.00 142.44 ? 2   DT  D "HO5'" 1 
ATOM   864  P  P      . DC  D 4 2  ? -23.763 9.722   2.074   1.00 115.57 ? 3   DC  D P      1 
ATOM   865  O  OP1    . DC  D 4 2  ? -24.980 9.924   2.888   1.00 116.24 ? 3   DC  D OP1    1 
ATOM   866  O  OP2    . DC  D 4 2  ? -23.783 8.787   0.926   1.00 107.17 ? 3   DC  D OP2    1 
ATOM   867  O  "O5'"  . DC  D 4 2  ? -23.305 11.163  1.561   1.00 106.33 ? 3   DC  D "O5'"  1 
ATOM   868  C  "C5'"  . DC  D 4 2  ? -22.161 11.296  0.755   1.00 103.16 ? 3   DC  D "C5'"  1 
ATOM   869  C  "C4'"  . DC  D 4 2  ? -21.851 12.755  0.508   1.00 107.57 ? 3   DC  D "C4'"  1 
ATOM   870  O  "O4'"  . DC  D 4 2  ? -21.262 13.327  1.709   1.00 104.36 ? 3   DC  D "O4'"  1 
ATOM   871  C  "C3'"  . DC  D 4 2  ? -20.851 13.006  -0.604  1.00 116.93 ? 3   DC  D "C3'"  1 
ATOM   872  O  "O3'"  . DC  D 4 2  ? -21.123 14.220  -1.285  1.00 124.02 ? 3   DC  D "O3'"  1 
ATOM   873  C  "C2'"  . DC  D 4 2  ? -19.525 13.045  0.132   1.00 115.62 ? 3   DC  D "C2'"  1 
ATOM   874  C  "C1'"  . DC  D 4 2  ? -19.895 13.627  1.490   1.00 106.65 ? 3   DC  D "C1'"  1 
ATOM   875  N  N1     . DC  D 4 2  ? -19.079 13.059  2.607   1.00 96.83  ? 3   DC  D N1     1 
ATOM   876  C  C2     . DC  D 4 2  ? -18.063 13.826  3.178   1.00 92.94  ? 3   DC  D C2     1 
ATOM   877  O  O2     . DC  D 4 2  ? -17.868 14.974  2.764   1.00 96.19  ? 3   DC  D O2     1 
ATOM   878  N  N3     . DC  D 4 2  ? -17.323 13.292  4.179   1.00 87.11  ? 3   DC  D N3     1 
ATOM   879  C  C4     . DC  D 4 2  ? -17.563 12.051  4.594   1.00 85.65  ? 3   DC  D C4     1 
ATOM   880  N  N4     . DC  D 4 2  ? -16.808 11.570  5.577   1.00 87.28  ? 3   DC  D N4     1 
ATOM   881  C  C5     . DC  D 4 2  ? -18.587 11.251  4.018   1.00 89.34  ? 3   DC  D C5     1 
ATOM   882  C  C6     . DC  D 4 2  ? -19.307 11.785  3.032   1.00 95.50  ? 3   DC  D C6     1 
ATOM   883  H  "H5'"  . DC  D 4 2  ? -22.315 10.854  -0.096  1.00 123.71 ? 3   DC  D "H5'"  1 
ATOM   884  H  "H5''" . DC  D 4 2  ? -21.405 10.880  1.199   1.00 123.71 ? 3   DC  D "H5''" 1 
ATOM   885  H  "H4'"  . DC  D 4 2  ? -22.675 13.225  0.306   1.00 129.01 ? 3   DC  D "H4'"  1 
ATOM   886  H  "H3'"  . DC  D 4 2  ? -20.860 12.265  -1.231  1.00 140.24 ? 3   DC  D "H3'"  1 
ATOM   887  H  "H2'"  . DC  D 4 2  ? -19.163 12.150  0.231   1.00 138.66 ? 3   DC  D "H2'"  1 
ATOM   888  H  "H2''" . DC  D 4 2  ? -18.896 13.622  -0.328  1.00 138.66 ? 3   DC  D "H2''" 1 
ATOM   889  H  "H1'"  . DC  D 4 2  ? -19.778 14.591  1.467   1.00 127.90 ? 3   DC  D "H1'"  1 
ATOM   890  H  H41    . DC  D 4 2  ? -16.942 10.773  5.872   1.00 104.66 ? 3   DC  D H41    1 
ATOM   891  H  H42    . DC  D 4 2  ? -16.186 12.055  5.920   1.00 104.66 ? 3   DC  D H42    1 
ATOM   892  H  H5     . DC  D 4 2  ? -18.746 10.384  4.315   1.00 107.12 ? 3   DC  D H5     1 
ATOM   893  H  H6     . DC  D 4 2  ? -19.986 11.286  2.638   1.00 114.52 ? 3   DC  D H6     1 
ATOM   894  P  P      . DG  D 4 3  ? -20.360 14.540  -2.661  1.00 123.49 ? 4   DG  D P      1 
ATOM   895  O  OP1    . DG  D 4 3  ? -21.032 15.681  -3.319  1.00 130.12 ? 4   DG  D OP1    1 
ATOM   896  O  OP2    . DG  D 4 3  ? -20.208 13.255  -3.378  1.00 119.90 ? 4   DG  D OP2    1 
ATOM   897  O  "O5'"  . DG  D 4 3  ? -18.911 15.009  -2.187  1.00 113.65 ? 4   DG  D "O5'"  1 
ATOM   898  C  "C5'"  . DG  D 4 3  ? -18.781 16.141  -1.348  1.00 117.03 ? 4   DG  D "C5'"  1 
ATOM   899  C  "C4'"  . DG  D 4 3  ? -17.401 16.750  -1.478  1.00 117.11 ? 4   DG  D "C4'"  1 
ATOM   900  O  "O4'"  . DG  D 4 3  ? -16.562 16.308  -0.375  1.00 108.78 ? 4   DG  D "O4'"  1 
ATOM   901  C  "C3'"  . DG  D 4 3  ? -16.654 16.363  -2.742  1.00 113.84 ? 4   DG  D "C3'"  1 
ATOM   902  O  "O3'"  . DG  D 4 3  ? -15.844 17.441  -3.173  1.00 117.37 ? 4   DG  D "O3'"  1 
ATOM   903  C  "C2'"  . DG  D 4 3  ? -15.850 15.144  -2.301  1.00 103.81 ? 4   DG  D "C2'"  1 
ATOM   904  C  "C1'"  . DG  D 4 3  ? -15.517 15.473  -0.851  1.00 100.38 ? 4   DG  D "C1'"  1 
ATOM   905  N  N9     . DG  D 4 3  ? -15.419 14.313  0.041   1.00 93.10  ? 4   DG  D N9     1 
ATOM   906  C  C8     . DG  D 4 3  ? -16.232 13.203  0.073   1.00 87.93  ? 4   DG  D C8     1 
ATOM   907  N  N7     . DG  D 4 3  ? -15.904 12.341  0.999   1.00 75.68  ? 4   DG  D N7     1 
ATOM   908  C  C5     . DG  D 4 3  ? -14.815 12.924  1.631   1.00 81.36  ? 4   DG  D C5     1 
ATOM   909  C  C6     . DG  D 4 3  ? -14.035 12.462  2.712   1.00 79.81  ? 4   DG  D C6     1 
ATOM   910  O  O6     . DG  D 4 3  ? -14.156 11.412  3.344   1.00 83.32  ? 4   DG  D O6     1 
ATOM   911  N  N1     . DG  D 4 3  ? -13.024 13.357  3.042   1.00 76.43  ? 4   DG  D N1     1 
ATOM   912  C  C2     . DG  D 4 3  ? -12.793 14.554  2.404   1.00 82.93  ? 4   DG  D C2     1 
ATOM   913  N  N2     . DG  D 4 3  ? -11.770 15.289  2.862   1.00 86.25  ? 4   DG  D N2     1 
ATOM   914  N  N3     . DG  D 4 3  ? -13.519 15.003  1.393   1.00 85.12  ? 4   DG  D N3     1 
ATOM   915  C  C4     . DG  D 4 3  ? -14.508 14.139  1.059   1.00 88.42  ? 4   DG  D C4     1 
ATOM   916  H  "H5'"  . DG  D 4 3  ? -18.926 15.874  -0.426  1.00 140.36 ? 4   DG  D "H5'"  1 
ATOM   917  H  "H5''" . DG  D 4 3  ? -19.446 16.802  -1.597  1.00 140.36 ? 4   DG  D "H5''" 1 
ATOM   918  H  "H4'"  . DG  D 4 3  ? -17.480 17.717  -1.443  1.00 140.45 ? 4   DG  D "H4'"  1 
ATOM   919  H  "H3'"  . DG  D 4 3  ? -17.283 16.116  -3.438  1.00 136.53 ? 4   DG  D "H3'"  1 
ATOM   920  H  "H2'"  . DG  D 4 3  ? -16.387 14.338  -2.356  1.00 124.49 ? 4   DG  D "H2'"  1 
ATOM   921  H  "H2''" . DG  D 4 3  ? -15.039 15.057  -2.829  1.00 124.49 ? 4   DG  D "H2''" 1 
ATOM   922  H  "H1'"  . DG  D 4 3  ? -14.682 15.966  -0.821  1.00 120.37 ? 4   DG  D "H1'"  1 
ATOM   923  H  H8     . DG  D 4 3  ? -16.942 13.074  -0.515  1.00 105.44 ? 4   DG  D H8     1 
ATOM   924  H  H1     . DG  D 4 3  ? -12.502 13.145  3.691   1.00 91.64  ? 4   DG  D H1     1 
ATOM   925  H  H21    . DG  D 4 3  ? -11.587 16.045  2.496   1.00 103.42 ? 4   DG  D H21    1 
ATOM   926  H  H22    . DG  D 4 3  ? -11.298 15.005  3.522   1.00 103.42 ? 4   DG  D H22    1 
ATOM   927  P  P      . DA  D 4 4  ? -15.006 17.337  -4.537  1.00 121.85 ? 5   DA  D P      1 
ATOM   928  O  OP1    . DA  D 4 4  ? -15.167 18.620  -5.257  1.00 125.99 ? 5   DA  D OP1    1 
ATOM   929  O  OP2    . DA  D 4 4  ? -15.348 16.056  -5.200  1.00 111.87 ? 5   DA  D OP2    1 
ATOM   930  O  "O5'"  . DA  D 4 4  ? -13.509 17.255  -4.016  1.00 116.04 ? 5   DA  D "O5'"  1 
ATOM   931  C  "C5'"  . DA  D 4 4  ? -13.114 18.064  -2.928  1.00 113.23 ? 5   DA  D "C5'"  1 
ATOM   932  C  "C4'"  . DA  D 4 4  ? -11.690 17.762  -2.540  1.00 112.09 ? 5   DA  D "C4'"  1 
ATOM   933  O  "O4'"  . DA  D 4 4  ? -11.666 16.640  -1.612  1.00 103.87 ? 5   DA  D "O4'"  1 
ATOM   934  C  "C3'"  . DA  D 4 4  ? -10.801 17.354  -3.707  1.00 106.23 ? 5   DA  D "C3'"  1 
ATOM   935  O  "O3'"  . DA  D 4 4  ? -9.487  17.850  -3.528  1.00 104.76 ? 5   DA  D "O3'"  1 
ATOM   936  C  "C2'"  . DA  D 4 4  ? -10.871 15.835  -3.664  1.00 95.62  ? 5   DA  D "C2'"  1 
ATOM   937  C  "C1'"  . DA  D 4 4  ? -10.921 15.572  -2.169  1.00 93.70  ? 5   DA  D "C1'"  1 
ATOM   938  N  N9     . DA  D 4 4  ? -11.561 14.318  -1.794  1.00 87.09  ? 5   DA  D N9     1 
ATOM   939  C  C8     . DA  D 4 4  ? -12.685 13.764  -2.342  1.00 89.41  ? 5   DA  D C8     1 
ATOM   940  N  N7     . DA  D 4 4  ? -13.040 12.629  -1.787  1.00 76.92  ? 5   DA  D N7     1 
ATOM   941  C  C5     . DA  D 4 4  ? -12.088 12.430  -0.808  1.00 70.73  ? 5   DA  D C5     1 
ATOM   942  C  C6     . DA  D 4 4  ? -11.903 11.410  0.127   1.00 69.34  ? 5   DA  D C6     1 
ATOM   943  N  N6     . DA  D 4 4  ? -12.716 10.356  0.229   1.00 72.05  ? 5   DA  D N6     1 
ATOM   944  N  N1     . DA  D 4 4  ? -10.853 11.512  0.966   1.00 67.90  ? 5   DA  D N1     1 
ATOM   945  C  C2     . DA  D 4 4  ? -10.051 12.573  0.863   1.00 69.71  ? 5   DA  D C2     1 
ATOM   946  N  N3     . DA  D 4 4  ? -10.123 13.598  0.024   1.00 72.01  ? 5   DA  D N3     1 
ATOM   947  C  C4     . DA  D 4 4  ? -11.174 13.465  -0.793  1.00 78.04  ? 5   DA  D C4     1 
ATOM   948  H  "H5'"  . DA  D 4 4  ? -13.696 17.890  -2.171  1.00 135.79 ? 5   DA  D "H5'"  1 
ATOM   949  H  "H5''" . DA  D 4 4  ? -13.187 18.998  -3.180  1.00 135.79 ? 5   DA  D "H5''" 1 
ATOM   950  H  "H4'"  . DA  D 4 4  ? -11.306 18.540  -2.106  1.00 134.42 ? 5   DA  D "H4'"  1 
ATOM   951  H  "H3'"  . DA  D 4 4  ? -11.173 17.682  -4.541  1.00 127.40 ? 5   DA  D "H3'"  1 
ATOM   952  H  "H2'"  . DA  D 4 4  ? -11.676 15.513  -4.099  1.00 114.67 ? 5   DA  D "H2'"  1 
ATOM   953  H  "H2''" . DA  D 4 4  ? -10.077 15.440  -4.059  1.00 114.67 ? 5   DA  D "H2''" 1 
ATOM   954  H  "H1'"  . DA  D 4 4  ? -10.019 15.590  -1.809  1.00 112.35 ? 5   DA  D "H1'"  1 
ATOM   955  H  H8     . DA  D 4 4  ? -13.153 14.154  -3.044  1.00 107.21 ? 5   DA  D H8     1 
ATOM   956  H  H61    . DA  D 4 4  ? -12.571 9.758   0.828   1.00 86.37  ? 5   DA  D H61    1 
ATOM   957  H  H62    . DA  D 4 4  ? -13.386 10.276  -0.305  1.00 86.37  ? 5   DA  D H62    1 
ATOM   958  H  H2     . DA  D 4 4  ? -9.340  12.597  1.462   1.00 83.56  ? 5   DA  D H2     1 
ATOM   959  P  P      . DG  D 4 5  ? -8.454  17.855  -4.755  1.00 111.50 ? 6   DG  D P      1 
ATOM   960  O  OP1    . DG  D 4 5  ? -8.114  19.252  -5.107  1.00 110.88 ? 6   DG  D OP1    1 
ATOM   961  O  OP2    . DG  D 4 5  ? -9.013  16.953  -5.788  1.00 110.56 ? 6   DG  D OP2    1 
ATOM   962  O  "O5'"  . DG  D 4 5  ? -7.174  17.144  -4.142  1.00 99.22  ? 6   DG  D "O5'"  1 
ATOM   963  C  "C5'"  . DG  D 4 5  ? -7.309  15.861  -3.597  1.00 94.85  ? 6   DG  D "C5'"  1 
ATOM   964  C  "C4'"  . DG  D 4 5  ? -6.222  15.588  -2.590  1.00 90.67  ? 6   DG  D "C4'"  1 
ATOM   965  O  "O4'"  . DG  D 4 5  ? -6.734  14.723  -1.559  1.00 86.96  ? 6   DG  D "O4'"  1 
ATOM   966  C  "C3'"  . DG  D 4 5  ? -5.009  14.878  -3.161  1.00 86.50  ? 6   DG  D "C3'"  1 
ATOM   967  O  "O3'"  . DG  D 4 5  ? -3.834  15.324  -2.555  1.00 94.33  ? 6   DG  D "O3'"  1 
ATOM   968  C  "C2'"  . DG  D 4 5  ? -5.264  13.401  -2.879  1.00 82.49  ? 6   DG  D "C2'"  1 
ATOM   969  C  "C1'"  . DG  D 4 5  ? -6.337  13.391  -1.798  1.00 78.91  ? 6   DG  D "C1'"  1 
ATOM   970  N  N9     . DG  D 4 5  ? -7.510  12.609  -2.163  1.00 68.69  ? 6   DG  D N9     1 
ATOM   971  C  C8     . DG  D 4 5  ? -8.463  12.908  -3.104  1.00 73.24  ? 6   DG  D C8     1 
ATOM   972  N  N7     . DG  D 4 5  ? -9.391  11.997  -3.205  1.00 70.77  ? 6   DG  D N7     1 
ATOM   973  C  C5     . DG  D 4 5  ? -9.023  11.045  -2.267  1.00 64.61  ? 6   DG  D C5     1 
ATOM   974  C  C6     . DG  D 4 5  ? -9.640  9.830   -1.912  1.00 65.68  ? 6   DG  D C6     1 
ATOM   975  O  O6     . DG  D 4 5  ? -10.672 9.334   -2.375  1.00 66.20  ? 6   DG  D O6     1 
ATOM   976  N  N1     . DG  D 4 5  ? -8.931  9.169   -0.908  1.00 65.30  ? 6   DG  D N1     1 
ATOM   977  C  C2     . DG  D 4 5  ? -7.765  9.638   -0.333  1.00 65.10  ? 6   DG  D C2     1 
ATOM   978  N  N2     . DG  D 4 5  ? -7.204  8.878   0.608   1.00 69.23  ? 6   DG  D N2     1 
ATOM   979  N  N3     . DG  D 4 5  ? -7.187  10.767  -0.665  1.00 59.99  ? 6   DG  D N3     1 
ATOM   980  C  C4     . DG  D 4 5  ? -7.866  11.415  -1.627  1.00 62.70  ? 6   DG  D C4     1 
ATOM   981  H  "H5'"  . DG  D 4 5  ? -7.257  15.205  -4.309  1.00 113.74 ? 6   DG  D "H5'"  1 
ATOM   982  H  "H5''" . DG  D 4 5  ? -8.173  15.790  -3.160  1.00 113.74 ? 6   DG  D "H5''" 1 
ATOM   983  H  "H4'"  . DG  D 4 5  ? -5.941  16.426  -2.191  1.00 108.72 ? 6   DG  D "H4'"  1 
ATOM   984  H  "H3'"  . DG  D 4 5  ? -4.963  15.026  -4.119  1.00 103.72 ? 6   DG  D "H3'"  1 
ATOM   985  H  "H2'"  . DG  D 4 5  ? -5.587  12.955  -3.679  1.00 98.91  ? 6   DG  D "H2'"  1 
ATOM   986  H  "H2''" . DG  D 4 5  ? -4.456  12.973  -2.557  1.00 98.91  ? 6   DG  D "H2''" 1 
ATOM   987  H  "H1'"  . DG  D 4 5  ? -5.959  13.025  -0.984  1.00 94.61  ? 6   DG  D "H1'"  1 
ATOM   988  H  H8     . DG  D 4 5  ? -8.447  13.680  -3.621  1.00 87.80  ? 6   DG  D H8     1 
ATOM   989  H  H1     . DG  D 4 5  ? -9.236  8.413   -0.634  1.00 78.28  ? 6   DG  D H1     1 
ATOM   990  H  H21    . DG  D 4 5  ? -6.478  9.132   0.990   1.00 83.00  ? 6   DG  D H21    1 
ATOM   991  H  H22    . DG  D 4 5  ? -7.570  8.132   0.833   1.00 83.00  ? 6   DG  D H22    1 
ATOM   992  P  P      . DT  D 4 6  ? -2.427  14.956  -3.225  1.00 99.73  ? 7   DT  D P      1 
ATOM   993  O  OP1    . DT  D 4 6  ? -1.395  15.845  -2.637  1.00 92.01  ? 7   DT  D OP1    1 
ATOM   994  O  OP2    . DT  D 4 6  ? -2.667  14.944  -4.686  1.00 94.47  ? 7   DT  D OP2    1 
ATOM   995  O  "O5'"  . DT  D 4 6  ? -2.172  13.438  -2.768  1.00 94.35  ? 7   DT  D "O5'"  1 
ATOM   996  C  "C5'"  . DT  D 4 6  ? -2.056  13.110  -1.386  1.00 82.39  ? 7   DT  D "C5'"  1 
ATOM   997  C  "C4'"  . DT  D 4 6  ? -1.981  11.604  -1.177  1.00 76.03  ? 7   DT  D "C4'"  1 
ATOM   998  O  "O4'"  . DT  D 4 6  ? -3.269  11.006  -1.441  1.00 73.36  ? 7   DT  D "O4'"  1 
ATOM   999  C  "C3'"  . DT  D 4 6  ? -0.983  10.861  -2.078  1.00 67.54  ? 7   DT  D "C3'"  1 
ATOM   1000 O  "O3'"  . DT  D 4 6  ? 0.059   10.313  -1.274  1.00 67.48  ? 7   DT  D "O3'"  1 
ATOM   1001 C  "C2'"  . DT  D 4 6  ? -1.834  9.785   -2.791  1.00 62.58  ? 7   DT  D "C2'"  1 
ATOM   1002 C  "C1'"  . DT  D 4 6  ? -3.070  9.699   -1.918  1.00 61.76  ? 7   DT  D "C1'"  1 
ATOM   1003 N  N1     . DT  D 4 6  ? -4.348  9.262   -2.589  1.00 53.78  ? 7   DT  D N1     1 
ATOM   1004 C  C2     . DT  D 4 6  ? -4.973  8.109   -2.157  1.00 56.21  ? 7   DT  D C2     1 
ATOM   1005 O  O2     . DT  D 4 6  ? -4.506  7.381   -1.302  1.00 57.09  ? 7   DT  D O2     1 
ATOM   1006 N  N3     . DT  D 4 6  ? -6.158  7.820   -2.781  1.00 53.21  ? 7   DT  D N3     1 
ATOM   1007 C  C4     . DT  D 4 6  ? -6.776  8.561   -3.770  1.00 59.22  ? 7   DT  D C4     1 
ATOM   1008 O  O4     . DT  D 4 6  ? -7.839  8.227   -4.278  1.00 59.38  ? 7   DT  D O4     1 
ATOM   1009 C  C5     . DT  D 4 6  ? -6.086  9.758   -4.170  1.00 55.09  ? 7   DT  D C5     1 
ATOM   1010 C  C7     . DT  D 4 6  ? -6.673  10.626  -5.235  1.00 54.36  ? 7   DT  D C7     1 
ATOM   1011 C  C6     . DT  D 4 6  ? -4.924  10.062  -3.557  1.00 53.69  ? 7   DT  D C6     1 
ATOM   1012 H  "H5'"  . DT  D 4 6  ? -2.829  13.457  -0.911  1.00 98.79  ? 7   DT  D "H5'"  1 
ATOM   1013 H  "H5''" . DT  D 4 6  ? -1.254  13.521  -1.029  1.00 98.79  ? 7   DT  D "H5''" 1 
ATOM   1014 H  "H4'"  . DT  D 4 6  ? -1.745  11.433  -0.252  1.00 91.15  ? 7   DT  D "H4'"  1 
ATOM   1015 H  "H3'"  . DT  D 4 6  ? -0.611  11.474  -2.732  1.00 80.97  ? 7   DT  D "H3'"  1 
ATOM   1016 H  "H2'"  . DT  D 4 6  ? -2.066  10.070  -3.687  1.00 75.01  ? 7   DT  D "H2'"  1 
ATOM   1017 H  "H2''" . DT  D 4 6  ? -1.366  8.935   -2.808  1.00 75.01  ? 7   DT  D "H2''" 1 
ATOM   1018 H  "H1'"  . DT  D 4 6  ? -2.889  9.112   -1.167  1.00 74.03  ? 7   DT  D "H1'"  1 
ATOM   1019 H  H3     . DT  D 4 6  ? -6.552  7.095   -2.539  1.00 63.77  ? 7   DT  D H3     1 
ATOM   1020 H  H71    . DT  D 4 6  ? -6.939  11.476  -4.849  1.00 65.15  ? 7   DT  D H71    1 
ATOM   1021 H  H72    . DT  D 4 6  ? -6.014  10.779  -5.929  1.00 65.15  ? 7   DT  D H72    1 
ATOM   1022 H  H73    . DT  D 4 6  ? -7.450  10.189  -5.617  1.00 65.15  ? 7   DT  D H73    1 
ATOM   1023 H  H6     . DT  D 4 6  ? -4.481  10.840  -3.810  1.00 64.35  ? 7   DT  D H6     1 
ATOM   1024 P  P      . DC  D 4 7  ? 1.282   9.497   -1.922  1.00 72.52  ? 8   DC  D P      1 
ATOM   1025 O  OP1    . DC  D 4 7  ? 2.387   9.546   -0.945  1.00 71.61  ? 8   DC  D OP1    1 
ATOM   1026 O  OP2    . DC  D 4 7  ? 1.523   9.980   -3.299  1.00 73.36  ? 8   DC  D OP2    1 
ATOM   1027 O  "O5'"  . DC  D 4 7  ? 0.736   7.993   -1.960  1.00 66.12  ? 8   DC  D "O5'"  1 
ATOM   1028 C  "C5'"  . DC  D 4 7  ? 0.482   7.327   -0.744  1.00 60.80  ? 8   DC  D "C5'"  1 
ATOM   1029 C  "C4'"  . DC  D 4 7  ? -0.011  5.912   -0.970  1.00 58.92  ? 8   DC  D "C4'"  1 
ATOM   1030 O  "O4'"  . DC  D 4 7  ? -1.299  5.944   -1.629  1.00 59.62  ? 8   DC  D "O4'"  1 
ATOM   1031 C  "C3'"  . DC  D 4 7  ? 0.894   5.045   -1.835  1.00 58.52  ? 8   DC  D "C3'"  1 
ATOM   1032 O  "O3'"  . DC  D 4 7  ? 1.217   3.847   -1.129  1.00 63.09  ? 8   DC  D "O3'"  1 
ATOM   1033 C  "C2'"  . DC  D 4 7  ? 0.069   4.798   -3.115  1.00 59.22  ? 8   DC  D "C2'"  1 
ATOM   1034 C  "C1'"  . DC  D 4 7  ? -1.360  4.949   -2.620  1.00 54.43  ? 8   DC  D "C1'"  1 
ATOM   1035 N  N1     . DC  D 4 7  ? -2.397  5.394   -3.632  1.00 49.90  ? 8   DC  D N1     1 
ATOM   1036 C  C2     . DC  D 4 7  ? -3.582  4.658   -3.772  1.00 53.88  ? 8   DC  D C2     1 
ATOM   1037 O  O2     . DC  D 4 7  ? -3.721  3.611   -3.138  1.00 57.50  ? 8   DC  D O2     1 
ATOM   1038 N  N3     . DC  D 4 7  ? -4.530  5.088   -4.634  1.00 55.49  ? 8   DC  D N3     1 
ATOM   1039 C  C4     . DC  D 4 7  ? -4.347  6.210   -5.323  1.00 55.37  ? 8   DC  D C4     1 
ATOM   1040 N  N4     . DC  D 4 7  ? -5.316  6.586   -6.157  1.00 56.04  ? 8   DC  D N4     1 
ATOM   1041 C  C5     . DC  D 4 7  ? -3.168  6.997   -5.179  1.00 53.15  ? 8   DC  D C5     1 
ATOM   1042 C  C6     . DC  D 4 7  ? -2.232  6.561   -4.322  1.00 55.92  ? 8   DC  D C6     1 
ATOM   1043 H  "H5'"  . DC  D 4 7  ? -0.191  7.820   -0.248  1.00 72.88  ? 8   DC  D "H5'"  1 
ATOM   1044 H  "H5''" . DC  D 4 7  ? 1.299   7.297   -0.222  1.00 72.88  ? 8   DC  D "H5''" 1 
ATOM   1045 H  "H4'"  . DC  D 4 7  ? -0.117  5.480   -0.108  1.00 70.62  ? 8   DC  D "H4'"  1 
ATOM   1046 H  "H3'"  . DC  D 4 7  ? 1.705   5.530   -2.053  1.00 70.15  ? 8   DC  D "H3'"  1 
ATOM   1047 H  "H2'"  . DC  D 4 7  ? 0.273   5.465   -3.789  1.00 70.98  ? 8   DC  D "H2'"  1 
ATOM   1048 H  "H2''" . DC  D 4 7  ? 0.222   3.902   -3.455  1.00 70.98  ? 8   DC  D "H2''" 1 
ATOM   1049 H  "H1'"  . DC  D 4 7  ? -1.646  4.116   -2.216  1.00 65.24  ? 8   DC  D "H1'"  1 
ATOM   1050 H  H41    . DC  D 4 7  ? -5.228  7.302   -6.625  1.00 67.17  ? 8   DC  D H41    1 
ATOM   1051 H  H42    . DC  D 4 7  ? -6.030  6.112   -6.227  1.00 67.17  ? 8   DC  D H42    1 
ATOM   1052 H  H5     . DC  D 4 7  ? -3.054  7.786   -5.656  1.00 63.70  ? 8   DC  D H5     1 
ATOM   1053 H  H6     . DC  D 4 7  ? -1.455  7.058   -4.200  1.00 67.03  ? 8   DC  D H6     1 
ATOM   1054 P  P      . DG  D 4 8  ? 2.275   2.795   -1.720  1.00 49.70  ? 9   DG  D P      1 
ATOM   1055 O  OP1    . DG  D 4 8  ? 2.672   1.861   -0.650  1.00 59.38  ? 9   DG  D OP1    1 
ATOM   1056 O  OP2    . DG  D 4 8  ? 3.318   3.546   -2.438  1.00 69.07  ? 9   DG  D OP2    1 
ATOM   1057 O  "O5'"  . DG  D 4 8  ? 1.390   1.927   -2.705  1.00 50.21  ? 9   DG  D "O5'"  1 
ATOM   1058 C  "C5'"  . DG  D 4 8  ? 0.711   0.826   -2.205  1.00 48.24  ? 9   DG  D "C5'"  1 
ATOM   1059 C  "C4'"  . DG  D 4 8  ? -0.114  0.191   -3.275  1.00 52.26  ? 9   DG  D "C4'"  1 
ATOM   1060 O  "O4'"  . DG  D 4 8  ? -0.949  1.200   -3.886  1.00 49.76  ? 9   DG  D "O4'"  1 
ATOM   1061 C  "C3'"  . DG  D 4 8  ? 0.698   -0.435  -4.412  1.00 56.63  ? 9   DG  D "C3'"  1 
ATOM   1062 O  "O3'"  . DG  D 4 8  ? 0.368   -1.792  -4.566  1.00 57.70  ? 9   DG  D "O3'"  1 
ATOM   1063 C  "C2'"  . DG  D 4 8  ? 0.301   0.386   -5.636  1.00 60.07  ? 9   DG  D "C2'"  1 
ATOM   1064 C  "C1'"  . DG  D 4 8  ? -1.070  0.885   -5.241  1.00 51.88  ? 9   DG  D "C1'"  1 
ATOM   1065 N  N9     . DG  D 4 8  ? -1.520  2.057   -5.969  1.00 48.89  ? 9   DG  D N9     1 
ATOM   1066 C  C8     . DG  D 4 8  ? -0.825  3.212   -6.212  1.00 49.62  ? 9   DG  D C8     1 
ATOM   1067 N  N7     . DG  D 4 8  ? -1.500  4.078   -6.903  1.00 50.49  ? 9   DG  D N7     1 
ATOM   1068 C  C5     . DG  D 4 8  ? -2.720  3.457   -7.113  1.00 45.26  ? 9   DG  D C5     1 
ATOM   1069 C  C6     . DG  D 4 8  ? -3.865  3.919   -7.775  1.00 50.60  ? 9   DG  D C6     1 
ATOM   1070 O  O6     . DG  D 4 8  ? -4.028  4.995   -8.348  1.00 56.93  ? 9   DG  D O6     1 
ATOM   1071 N  N1     . DG  D 4 8  ? -4.887  2.978   -7.757  1.00 53.08  ? 9   DG  D N1     1 
ATOM   1072 C  C2     . DG  D 4 8  ? -4.800  1.744   -7.161  1.00 56.30  ? 9   DG  D C2     1 
ATOM   1073 N  N2     . DG  D 4 8  ? -5.885  0.962   -7.241  1.00 64.79  ? 9   DG  D N2     1 
ATOM   1074 N  N3     . DG  D 4 8  ? -3.731  1.308   -6.527  1.00 52.27  ? 9   DG  D N3     1 
ATOM   1075 C  C4     . DG  D 4 8  ? -2.739  2.217   -6.544  1.00 47.12  ? 9   DG  D C4     1 
ATOM   1076 H  "H5'"  . DG  D 4 8  ? 0.132   1.109   -1.479  1.00 57.81  ? 9   DG  D "H5'"  1 
ATOM   1077 H  "H5''" . DG  D 4 8  ? 1.352   0.179   -1.869  1.00 57.81  ? 9   DG  D "H5''" 1 
ATOM   1078 H  "H4'"  . DG  D 4 8  ? -0.680  -0.489  -2.876  1.00 62.63  ? 9   DG  D "H4'"  1 
ATOM   1079 H  "H3'"  . DG  D 4 8  ? 1.647   -0.338  -4.237  1.00 67.88  ? 9   DG  D "H3'"  1 
ATOM   1080 H  "H2'"  . DG  D 4 8  ? 0.914   1.127   -5.769  1.00 72.00  ? 9   DG  D "H2'"  1 
ATOM   1081 H  "H2''" . DG  D 4 8  ? 0.252   -0.174  -6.426  1.00 72.00  ? 9   DG  D "H2''" 1 
ATOM   1082 H  "H1'"  . DG  D 4 8  ? -1.716  0.170   -5.349  1.00 62.17  ? 9   DG  D "H1'"  1 
ATOM   1083 H  H8     . DG  D 4 8  ? 0.050   3.353   -5.929  1.00 59.46  ? 9   DG  D H8     1 
ATOM   1084 H  H1     . DG  D 4 8  ? -5.621  3.179   -8.156  1.00 63.62  ? 9   DG  D H1     1 
ATOM   1085 H  H21    . DG  D 4 8  ? -5.881  0.184   -6.876  1.00 77.66  ? 9   DG  D H21    1 
ATOM   1086 H  H22    . DG  D 4 8  ? -6.584  1.238   -7.658  1.00 77.66  ? 9   DG  D H22    1 
ATOM   1087 P  P      . DC  D 4 9  ? 1.101   -2.909  -3.690  1.00 56.63  ? 10  DC  D P      1 
ATOM   1088 O  OP1    . DC  D 4 9  ? 0.407   -4.149  -4.089  1.00 62.18  ? 10  DC  D OP1    1 
ATOM   1089 O  OP2    . DC  D 4 9  ? 1.195   -2.482  -2.284  1.00 54.95  ? 10  DC  D OP2    1 
ATOM   1090 O  "O5'"  . DC  D 4 9  ? 2.600   -2.941  -4.242  1.00 61.33  ? 10  DC  D "O5'"  1 
ATOM   1091 C  "C5'"  . DC  D 4 9  ? 2.865   -3.459  -5.552  1.00 66.12  ? 10  DC  D "C5'"  1 
ATOM   1092 C  "C4'"  . DC  D 4 9  ? 4.309   -3.888  -5.681  1.00 62.14  ? 10  DC  D "C4'"  1 
ATOM   1093 O  "O4'"  . DC  D 4 9  ? 5.172   -2.803  -5.282  1.00 56.54  ? 10  DC  D "O4'"  1 
ATOM   1094 C  "C3'"  . DC  D 4 9  ? 4.699   -5.041  -4.791  1.00 65.68  ? 10  DC  D "C3'"  1 
ATOM   1095 O  "O3'"  . DC  D 4 9  ? 4.422   -6.285  -5.426  1.00 71.29  ? 10  DC  D "O3'"  1 
ATOM   1096 C  "C2'"  . DC  D 4 9  ? 6.190   -4.818  -4.560  1.00 67.17  ? 10  DC  D "C2'"  1 
ATOM   1097 C  "C1'"  . DC  D 4 9  ? 6.375   -3.314  -4.741  1.00 57.51  ? 10  DC  D "C1'"  1 
ATOM   1098 N  N1     . DC  D 4 9  ? 6.664   -2.560  -3.490  1.00 52.68  ? 10  DC  D N1     1 
ATOM   1099 C  C2     . DC  D 4 9  ? 7.930   -2.632  -2.898  1.00 58.46  ? 10  DC  D C2     1 
ATOM   1100 O  O2     . DC  D 4 9  ? 8.797   -3.357  -3.398  1.00 62.25  ? 10  DC  D O2     1 
ATOM   1101 N  N3     . DC  D 4 9  ? 8.163   -1.916  -1.775  1.00 60.37  ? 10  DC  D N3     1 
ATOM   1102 C  C4     . DC  D 4 9  ? 7.200   -1.147  -1.263  1.00 59.27  ? 10  DC  D C4     1 
ATOM   1103 N  N4     . DC  D 4 9  ? 7.470   -0.457  -0.152  1.00 62.35  ? 10  DC  D N4     1 
ATOM   1104 C  C5     . DC  D 4 9  ? 5.918   -1.057  -1.858  1.00 54.26  ? 10  DC  D C5     1 
ATOM   1105 C  C6     . DC  D 4 9  ? 5.700   -1.764  -2.962  1.00 56.21  ? 10  DC  D C6     1 
ATOM   1106 H  "H5'"  . DC  D 4 9  ? 2.674   -2.773  -6.211  1.00 79.26  ? 10  DC  D "H5'"  1 
ATOM   1107 H  "H5''" . DC  D 4 9  ? 2.290   -4.224  -5.714  1.00 79.26  ? 10  DC  D "H5''" 1 
ATOM   1108 H  "H4'"  . DC  D 4 9  ? 4.493   -4.119  -6.605  1.00 74.49  ? 10  DC  D "H4'"  1 
ATOM   1109 H  "H3'"  . DC  D 4 9  ? 4.221   -4.984  -3.948  1.00 78.73  ? 10  DC  D "H3'"  1 
ATOM   1110 H  "H2'"  . DC  D 4 9  ? 6.438   -5.084  -3.660  1.00 80.52  ? 10  DC  D "H2'"  1 
ATOM   1111 H  "H2''" . DC  D 4 9  ? 6.713   -5.306  -5.215  1.00 80.52  ? 10  DC  D "H2''" 1 
ATOM   1112 H  "H1'"  . DC  D 4 9  ? 7.094   -3.160  -5.373  1.00 68.93  ? 10  DC  D "H1'"  1 
ATOM   1113 H  H41    . DC  D 4 9  ? 6.868   0.046   0.201   1.00 74.74  ? 10  DC  D H41    1 
ATOM   1114 H  H42    . DC  D 4 9  ? 8.247   -0.517  0.212   1.00 74.74  ? 10  DC  D H42    1 
ATOM   1115 H  H5     . DC  D 4 9  ? 5.255   -0.514  -1.494  1.00 65.03  ? 10  DC  D H5     1 
ATOM   1116 H  H6     . DC  D 4 9  ? 4.868   -1.721  -3.374  1.00 67.37  ? 10  DC  D H6     1 
ATOM   1117 P  P      . DT  D 4 10 ? 4.235   -7.604  -4.532  1.00 70.07  ? 11  DT  D P      1 
ATOM   1118 O  OP1    . DT  D 4 10 ? 3.917   -8.723  -5.443  1.00 65.07  ? 11  DT  D OP1    1 
ATOM   1119 O  OP2    . DT  D 4 10 ? 3.333   -7.258  -3.404  1.00 65.55  ? 11  DT  D OP2    1 
ATOM   1120 O  "O5'"  . DT  D 4 10 ? 5.675   -7.834  -3.899  1.00 64.10  ? 11  DT  D "O5'"  1 
ATOM   1121 C  "C5'"  . DT  D 4 10 ? 6.648   -8.530  -4.626  1.00 71.35  ? 11  DT  D "C5'"  1 
ATOM   1122 C  "C4'"  . DT  D 4 10 ? 7.941   -8.558  -3.861  1.00 70.00  ? 11  DT  D "C4'"  1 
ATOM   1123 O  "O4'"  . DT  D 4 10 ? 8.111   -7.293  -3.191  1.00 66.91  ? 11  DT  D "O4'"  1 
ATOM   1124 C  "C3'"  . DT  D 4 10 ? 8.002   -9.630  -2.784  1.00 80.03  ? 11  DT  D "C3'"  1 
ATOM   1125 O  "O3'"  . DT  D 4 10 ? 9.166   -10.404 -2.943  1.00 91.55  ? 11  DT  D "O3'"  1 
ATOM   1126 C  "C2'"  . DT  D 4 10 ? 7.979   -8.858  -1.466  1.00 76.70  ? 11  DT  D "C2'"  1 
ATOM   1127 C  "C1'"  . DT  D 4 10 ? 8.475   -7.485  -1.847  1.00 69.42  ? 11  DT  D "C1'"  1 
ATOM   1128 N  N1     . DT  D 4 10 ? 7.869   -6.399  -1.065  1.00 58.93  ? 11  DT  D N1     1 
ATOM   1129 C  C2     . DT  D 4 10 ? 8.612   -5.737  -0.115  1.00 63.04  ? 11  DT  D C2     1 
ATOM   1130 O  O2     . DT  D 4 10 ? 9.763   -6.010  0.147   1.00 68.63  ? 11  DT  D O2     1 
ATOM   1131 N  N3     . DT  D 4 10 ? 7.949   -4.738  0.528   1.00 65.85  ? 11  DT  D N3     1 
ATOM   1132 C  C4     . DT  D 4 10 ? 6.643   -4.335  0.316   1.00 61.02  ? 11  DT  D C4     1 
ATOM   1133 O  O4     . DT  D 4 10 ? 6.131   -3.427  0.944   1.00 56.35  ? 11  DT  D O4     1 
ATOM   1134 C  C5     . DT  D 4 10 ? 5.928   -5.066  -0.698  1.00 60.50  ? 11  DT  D C5     1 
ATOM   1135 C  C7     . DT  D 4 10 ? 4.505   -4.727  -1.010  1.00 65.24  ? 11  DT  D C7     1 
ATOM   1136 C  C6     . DT  D 4 10 ? 6.567   -6.051  -1.332  1.00 59.03  ? 11  DT  D C6     1 
ATOM   1137 H  "H5'"  . DT  D 4 10 ? 6.789   -8.089  -5.478  1.00 85.54  ? 11  DT  D "H5'"  1 
ATOM   1138 H  "H5''" . DT  D 4 10 ? 6.345   -9.438  -4.780  1.00 85.54  ? 11  DT  D "H5''" 1 
ATOM   1139 H  "H4'"  . DT  D 4 10 ? 8.674   -8.689  -4.482  1.00 83.92  ? 11  DT  D "H4'"  1 
ATOM   1140 H  "H3'"  . DT  D 4 10 ? 7.219   -10.199 -2.845  1.00 95.96  ? 11  DT  D "H3'"  1 
ATOM   1141 H  "H2'"  . DT  D 4 10 ? 7.076   -8.809  -1.115  1.00 91.95  ? 11  DT  D "H2'"  1 
ATOM   1142 H  "H2''" . DT  D 4 10 ? 8.575   -9.269  -0.820  1.00 91.95  ? 11  DT  D "H2''" 1 
ATOM   1143 H  "H1'"  . DT  D 4 10 ? 9.441   -7.451  -1.761  1.00 83.22  ? 11  DT  D "H1'"  1 
ATOM   1144 H  H3     . DT  D 4 10 ? 8.388   -4.310  1.131   1.00 78.93  ? 11  DT  D H3     1 
ATOM   1145 H  H71    . DT  D 4 10 ? 4.219   -3.986  -0.453  1.00 78.21  ? 11  DT  D H71    1 
ATOM   1146 H  H72    . DT  D 4 10 ? 4.429   -4.478  -1.945  1.00 78.21  ? 11  DT  D H72    1 
ATOM   1147 H  H73    . DT  D 4 10 ? 3.943   -5.497  -0.835  1.00 78.21  ? 11  DT  D H73    1 
ATOM   1148 H  H6     . DT  D 4 10 ? 6.109   -6.523  -1.989  1.00 70.76  ? 11  DT  D H6     1 
ATOM   1149 P  P      . DG  D 4 11 ? 9.470   -11.636 -1.966  1.00 89.82  ? 12  DG  D P      1 
ATOM   1150 O  OP1    . DG  D 4 11 ? 10.505  -12.454 -2.655  1.00 82.19  ? 12  DG  D OP1    1 
ATOM   1151 O  OP2    . DG  D 4 11 ? 8.183   -12.237 -1.543  1.00 100.66 ? 12  DG  D OP2    1 
ATOM   1152 O  "O5'"  . DG  D 4 11 ? 10.154  -10.942 -0.709  1.00 76.50  ? 12  DG  D "O5'"  1 
ATOM   1153 C  "C5'"  . DG  D 4 11 ? 11.426  -10.401 -0.871  1.00 82.69  ? 12  DG  D "C5'"  1 
ATOM   1154 C  "C4'"  . DG  D 4 11 ? 12.036  -10.038 0.451   1.00 89.72  ? 12  DG  D "C4'"  1 
ATOM   1155 O  "O4'"  . DG  D 4 11 ? 11.352  -8.883  1.004   1.00 89.69  ? 12  DG  D "O4'"  1 
ATOM   1156 C  "C3'"  . DG  D 4 11 ? 11.960  -11.125 1.508   1.00 101.34 ? 12  DG  D "C3'"  1 
ATOM   1157 O  "O3'"  . DG  D 4 11 ? 13.210  -11.194 2.183   1.00 113.90 ? 12  DG  D "O3'"  1 
ATOM   1158 C  "C2'"  . DG  D 4 11 ? 10.802  -10.668 2.403   1.00 97.71  ? 12  DG  D "C2'"  1 
ATOM   1159 C  "C1'"  . DG  D 4 11 ? 10.909  -9.154  2.316   1.00 88.40  ? 12  DG  D "C1'"  1 
ATOM   1160 N  N9     . DG  D 4 11 ? 9.662   -8.420  2.517   1.00 79.63  ? 12  DG  D N9     1 
ATOM   1161 C  C8     . DG  D 4 11 ? 8.499   -8.567  1.802   1.00 81.46  ? 12  DG  D C8     1 
ATOM   1162 N  N7     . DG  D 4 11 ? 7.555   -7.749  2.170   1.00 77.08  ? 12  DG  D N7     1 
ATOM   1163 C  C5     . DG  D 4 11 ? 8.132   -6.995  3.177   1.00 70.77  ? 12  DG  D C5     1 
ATOM   1164 C  C6     . DG  D 4 11 ? 7.582   -5.950  3.942   1.00 72.62  ? 12  DG  D C6     1 
ATOM   1165 O  O6     . DG  D 4 11 ? 6.444   -5.479  3.876   1.00 74.33  ? 12  DG  D O6     1 
ATOM   1166 N  N1     . DG  D 4 11 ? 8.493   -5.448  4.865   1.00 73.11  ? 12  DG  D N1     1 
ATOM   1167 C  C2     . DG  D 4 11 ? 9.779   -5.905  5.019   1.00 78.14  ? 12  DG  D C2     1 
ATOM   1168 N  N2     . DG  D 4 11 ? 10.514  -5.291  5.958   1.00 81.37  ? 12  DG  D N2     1 
ATOM   1169 N  N3     . DG  D 4 11 ? 10.314  -6.888  4.292   1.00 73.84  ? 12  DG  D N3     1 
ATOM   1170 C  C4     . DG  D 4 11 ? 9.434   -7.384  3.397   1.00 72.08  ? 12  DG  D C4     1 
ATOM   1171 H  "H5'"  . DG  D 4 11 ? 11.365  -9.606  -1.422  1.00 99.15  ? 12  DG  D "H5'"  1 
ATOM   1172 H  "H5''" . DG  D 4 11 ? 11.992  -11.052 -1.314  1.00 99.15  ? 12  DG  D "H5''" 1 
ATOM   1173 H  "H4'"  . DG  D 4 11 ? 12.968  -9.809  0.310   1.00 107.58 ? 12  DG  D "H4'"  1 
ATOM   1174 H  "H3'"  . DG  D 4 11 ? 11.751  -11.978 1.096   1.00 121.52 ? 12  DG  D "H3'"  1 
ATOM   1175 H  "H2'"  . DG  D 4 11 ? 9.952   -10.974 2.050   1.00 117.17 ? 12  DG  D "H2'"  1 
ATOM   1176 H  "H2''" . DG  D 4 11 ? 10.929  -10.971 3.315   1.00 117.17 ? 12  DG  D "H2''" 1 
ATOM   1177 H  "H1'"  . DG  D 4 11 ? 11.573  -8.841  2.951   1.00 106.00 ? 12  DG  D "H1'"  1 
ATOM   1178 H  H8     . DG  D 4 11 ? 8.391   -9.202  1.132   1.00 97.67  ? 12  DG  D H8     1 
ATOM   1179 H  H1     . DG  D 4 11 ? 8.235   -4.805  5.374   1.00 87.65  ? 12  DG  D H1     1 
ATOM   1180 H  H21    . DG  D 4 11 ? 11.326  -5.538  6.098   1.00 97.56  ? 12  DG  D H21    1 
ATOM   1181 H  H22    . DG  D 4 11 ? 10.173  -4.651  6.421   1.00 97.56  ? 12  DG  D H22    1 
ATOM   1182 P  P      . DT  D 4 12 ? 13.578  -12.408 3.162   1.00 100.94 ? 13  DT  D P      1 
ATOM   1183 O  OP1    . DT  D 4 12 ? 14.844  -13.008 2.681   1.00 107.96 ? 13  DT  D OP1    1 
ATOM   1184 O  OP2    . DT  D 4 12 ? 12.374  -13.258 3.304   1.00 96.83  ? 13  DT  D OP2    1 
ATOM   1185 O  "O5'"  . DT  D 4 12 ? 13.856  -11.656 4.540   1.00 85.87  ? 13  DT  D "O5'"  1 
ATOM   1186 C  "C5'"  . DT  D 4 12 ? 12.946  -10.676 4.967   1.00 89.48  ? 13  DT  D "C5'"  1 
ATOM   1187 C  "C4'"  . DT  D 4 12 ? 13.450  -9.942  6.180   1.00 98.03  ? 13  DT  D "C4'"  1 
ATOM   1188 O  "O4'"  . DT  D 4 12 ? 12.533  -8.862  6.489   1.00 102.27 ? 13  DT  D "O4'"  1 
ATOM   1189 C  "C3'"  . DT  D 4 12 ? 13.501  -10.767 7.450   1.00 109.56 ? 13  DT  D "C3'"  1 
ATOM   1190 O  "O3'"  . DT  D 4 12 ? 14.390  -10.169 8.397   1.00 121.99 ? 13  DT  D "O3'"  1 
ATOM   1191 C  "C2'"  . DT  D 4 12 ? 12.059  -10.703 7.895   1.00 106.32 ? 13  DT  D "C2'"  1 
ATOM   1192 C  "C1'"  . DT  D 4 12 ? 11.706  -9.242  7.580   1.00 103.17 ? 13  DT  D "C1'"  1 
ATOM   1193 N  N1     . DT  D 4 12 ? 10.263  -9.001  7.207   1.00 95.16  ? 13  DT  D N1     1 
ATOM   1194 C  C2     . DT  D 4 12 ? 9.602   -7.931  7.764   1.00 93.38  ? 13  DT  D C2     1 
ATOM   1195 O  O2     . DT  D 4 12 ? 10.124  -7.163  8.553   1.00 95.06  ? 13  DT  D O2     1 
ATOM   1196 N  N3     . DT  D 4 12 ? 8.297   -7.788  7.366   1.00 85.11  ? 13  DT  D N3     1 
ATOM   1197 C  C4     . DT  D 4 12 ? 7.604   -8.586  6.483   1.00 81.46  ? 13  DT  D C4     1 
ATOM   1198 O  O4     . DT  D 4 12 ? 6.437   -8.366  6.185   1.00 78.92  ? 13  DT  D O4     1 
ATOM   1199 C  C5     . DT  D 4 12 ? 8.351   -9.690  5.931   1.00 84.20  ? 13  DT  D C5     1 
ATOM   1200 C  C7     . DT  D 4 12 ? 7.700   -10.629 4.960   1.00 87.00  ? 13  DT  D C7     1 
ATOM   1201 C  C6     . DT  D 4 12 ? 9.631   -9.843  6.311   1.00 91.92  ? 13  DT  D C6     1 
ATOM   1202 H  "H5'"  . DT  D 4 12 ? 12.101  -11.101 5.182   1.00 107.30 ? 13  DT  D "H5'"  1 
ATOM   1203 H  "H5''" . DT  D 4 12 ? 12.805  -10.039 4.248   1.00 107.30 ? 13  DT  D "H5''" 1 
ATOM   1204 H  "H4'"  . DT  D 4 12 ? 14.330  -9.578  5.995   1.00 117.56 ? 13  DT  D "H4'"  1 
ATOM   1205 H  "H3'"  . DT  D 4 12 ? 13.764  -11.681 7.256   1.00 131.39 ? 13  DT  D "H3'"  1 
ATOM   1206 H  "H2'"  . DT  D 4 12 ? 11.509  -11.312 7.377   1.00 127.50 ? 13  DT  D "H2'"  1 
ATOM   1207 H  "H2''" . DT  D 4 12 ? 11.982  -10.883 8.845   1.00 127.50 ? 13  DT  D "H2''" 1 
ATOM   1208 H  "H1'"  . DT  D 4 12 ? 11.928  -8.693  8.349   1.00 123.73 ? 13  DT  D "H1'"  1 
ATOM   1209 H  H3     . DT  D 4 12 ? 7.866   -7.125  7.703   1.00 102.05 ? 13  DT  D H3     1 
ATOM   1210 H  H71    . DT  D 4 12 ? 8.185   -10.614 4.120   1.00 104.32 ? 13  DT  D H71    1 
ATOM   1211 H  H72    . DT  D 4 12 ? 7.709   -11.528 5.324   1.00 104.32 ? 13  DT  D H72    1 
ATOM   1212 H  H73    . DT  D 4 12 ? 6.783   -10.352 4.808   1.00 104.32 ? 13  DT  D H73    1 
ATOM   1213 H  H6     . DT  D 4 12 ? 10.115  -10.552 5.956   1.00 110.22 ? 13  DT  D H6     1 
ATOM   1214 P  P      . DC  D 4 13 ? 14.930  -10.980 9.674   1.00 115.98 ? 14  DC  D P      1 
ATOM   1215 O  OP1    . DC  D 4 13 ? 15.594  -9.984  10.554  1.00 98.76  ? 14  DC  D OP1    1 
ATOM   1216 O  OP2    . DC  D 4 13 ? 15.664  -12.171 9.180   1.00 116.89 ? 14  DC  D OP2    1 
ATOM   1217 O  "O5'"  . DC  D 4 13 ? 13.607  -11.478 10.419  1.00 112.63 ? 14  DC  D "O5'"  1 
ATOM   1218 C  "C5'"  . DC  D 4 13 ? 13.461  -11.266 11.816  1.00 115.42 ? 14  DC  D "C5'"  1 
ATOM   1219 C  "C4'"  . DC  D 4 13 ? 12.902  -9.884  12.093  1.00 116.66 ? 14  DC  D "C4'"  1 
ATOM   1220 O  "O4'"  . DC  D 4 13 ? 12.008  -9.516  11.027  1.00 113.11 ? 14  DC  D "O4'"  1 
ATOM   1221 C  "C3'"  . DC  D 4 13 ? 12.088  -9.779  13.372  1.00 116.22 ? 14  DC  D "C3'"  1 
ATOM   1222 O  "O3'"  . DC  D 4 13 ? 12.911  -9.332  14.439  1.00 120.66 ? 14  DC  D "O3'"  1 
ATOM   1223 C  "C2'"  . DC  D 4 13 ? 10.979  -8.779  13.040  1.00 108.83 ? 14  DC  D "C2'"  1 
ATOM   1224 C  "C1'"  . DC  D 4 13 ? 10.931  -8.743  11.522  1.00 107.47 ? 14  DC  D "C1'"  1 
ATOM   1225 N  N1     . DC  D 4 13 ? 9.666   -9.280  10.909  1.00 101.05 ? 14  DC  D N1     1 
ATOM   1226 C  C2     . DC  D 4 13 ? 8.440   -8.636  11.130  1.00 93.15  ? 14  DC  D C2     1 
ATOM   1227 O  O2     . DC  D 4 13 ? 8.398   -7.652  11.876  1.00 92.17  ? 14  DC  D O2     1 
ATOM   1228 N  N3     . DC  D 4 13 ? 7.323   -9.128  10.524  1.00 87.88  ? 14  DC  D N3     1 
ATOM   1229 C  C4     . DC  D 4 13 ? 7.414   -10.196 9.724   1.00 90.48  ? 14  DC  D C4     1 
ATOM   1230 N  N4     . DC  D 4 13 ? 6.300   -10.646 9.147   1.00 89.72  ? 14  DC  D N4     1 
ATOM   1231 C  C5     . DC  D 4 13 ? 8.656   -10.850 9.479   1.00 95.32  ? 14  DC  D C5     1 
ATOM   1232 C  C6     . DC  D 4 13 ? 9.741   -10.359 10.080  1.00 102.24 ? 14  DC  D C6     1 
ATOM   1233 H  "H5'"  . DC  D 4 13 ? 14.328  -11.352 12.245  1.00 138.42 ? 14  DC  D "H5'"  1 
ATOM   1234 H  "H5''" . DC  D 4 13 ? 12.858  -11.935 12.179  1.00 138.42 ? 14  DC  D "H5''" 1 
ATOM   1235 H  "H4'"  . DC  D 4 13 ? 13.632  -9.248  12.129  1.00 139.91 ? 14  DC  D "H4'"  1 
ATOM   1236 H  "H3'"  . DC  D 4 13 ? 11.701  -10.642 13.590  1.00 139.38 ? 14  DC  D "H3'"  1 
ATOM   1237 H  "H2'"  . DC  D 4 13 ? 10.131  -9.085  13.397  1.00 130.51 ? 14  DC  D "H2'"  1 
ATOM   1238 H  "H2''" . DC  D 4 13 ? 11.199  -7.903  13.391  1.00 130.51 ? 14  DC  D "H2''" 1 
ATOM   1239 H  "H1'"  . DC  D 4 13 ? 11.049  -7.825  11.230  1.00 128.89 ? 14  DC  D "H1'"  1 
ATOM   1240 H  H41    . DC  D 4 13 ? 6.332   -11.327 8.622   1.00 107.58 ? 14  DC  D H41    1 
ATOM   1241 H  H42    . DC  D 4 13 ? 5.549   -10.255 9.299   1.00 107.58 ? 14  DC  D H42    1 
ATOM   1242 H  H5     . DC  D 4 13 ? 8.708   -11.591 8.920   1.00 114.30 ? 14  DC  D H5     1 
ATOM   1243 H  H6     . DC  D 4 13 ? 10.564  -10.766 9.934   1.00 122.60 ? 14  DC  D H6     1 
ATOM   1244 P  P      . DG  D 4 14 ? 12.689  -9.893  15.925  1.00 120.36 ? 15  DG  D P      1 
ATOM   1245 O  OP1    . DG  D 4 14 ? 14.027  -10.036 16.539  1.00 126.45 ? 15  DG  D OP1    1 
ATOM   1246 O  OP2    . DG  D 4 14 ? 11.799  -11.072 15.829  1.00 121.22 ? 15  DG  D OP2    1 
ATOM   1247 O  "O5'"  . DG  D 4 14 ? 11.908  -8.706  16.669  1.00 111.84 ? 15  DG  D "O5'"  1 
ATOM   1248 C  "C5'"  . DG  D 4 14 ? 11.254  -8.950  17.912  1.00 118.76 ? 15  DG  D "C5'"  1 
ATOM   1249 C  "C4'"  . DG  D 4 14 ? 9.950   -8.179  18.001  1.00 120.01 ? 15  DG  D "C4'"  1 
ATOM   1250 O  "O4'"  . DG  D 4 14 ? 9.482   -7.886  16.660  1.00 114.65 ? 15  DG  D "O4'"  1 
ATOM   1251 C  "C3'"  . DG  D 4 14 ? 8.811   -8.923  18.695  1.00 119.93 ? 15  DG  D "C3'"  1 
ATOM   1252 O  "O3'"  . DG  D 4 14 ? 8.764   -8.590  20.112  1.00 119.35 ? 15  DG  D "O3'"  1 
ATOM   1253 C  "C2'"  . DG  D 4 14 ? 7.566   -8.491  17.914  1.00 114.41 ? 15  DG  D "C2'"  1 
ATOM   1254 C  "C1'"  . DG  D 4 14 ? 8.095   -8.164  16.530  1.00 110.51 ? 15  DG  D "C1'"  1 
ATOM   1255 N  N9     . DG  D 4 14 ? 7.938   -9.225  15.537  1.00 95.84  ? 15  DG  D N9     1 
ATOM   1256 C  C8     . DG  D 4 14 ? 8.889   -10.132 15.153  1.00 98.01  ? 15  DG  D C8     1 
ATOM   1257 N  N7     . DG  D 4 14 ? 8.491   -10.938 14.208  1.00 99.60  ? 15  DG  D N7     1 
ATOM   1258 C  C5     . DG  D 4 14 ? 7.185   -10.544 13.951  1.00 95.33  ? 15  DG  D C5     1 
ATOM   1259 C  C6     . DG  D 4 14 ? 6.242   -11.058 13.026  1.00 90.26  ? 15  DG  D C6     1 
ATOM   1260 O  O6     . DG  D 4 14 ? 6.384   -11.997 12.226  1.00 86.33  ? 15  DG  D O6     1 
ATOM   1261 N  N1     . DG  D 4 14 ? 5.033   -10.368 13.084  1.00 81.15  ? 15  DG  D N1     1 
ATOM   1262 C  C2     . DG  D 4 14 ? 4.768   -9.321  13.927  1.00 85.50  ? 15  DG  D C2     1 
ATOM   1263 N  N2     . DG  D 4 14 ? 3.544   -8.786  13.837  1.00 85.81  ? 15  DG  D N2     1 
ATOM   1264 N  N3     . DG  D 4 14 ? 5.646   -8.824  14.801  1.00 87.87  ? 15  DG  D N3     1 
ATOM   1265 C  C4     . DG  D 4 14 ? 6.828   -9.483  14.756  1.00 92.00  ? 15  DG  D C4     1 
ATOM   1266 H  "H5'"  . DG  D 4 14 ? 11.837  -8.675  18.637  1.00 142.43 ? 15  DG  D "H5'"  1 
ATOM   1267 H  "H5''" . DG  D 4 14 ? 11.070  -9.899  17.993  1.00 142.43 ? 15  DG  D "H5''" 1 
ATOM   1268 H  "H4'"  . DG  D 4 14 ? 10.108  -7.344  18.468  1.00 143.93 ? 15  DG  D "H4'"  1 
ATOM   1269 H  "H3'"  . DG  D 4 14 ? 8.941   -9.879  18.591  1.00 143.83 ? 15  DG  D "H3'"  1 
ATOM   1270 H  "H2'"  . DG  D 4 14 ? 6.924   -9.216  17.869  1.00 137.20 ? 15  DG  D "H2'"  1 
ATOM   1271 H  "H2''" . DG  D 4 14 ? 7.166   -7.705  18.319  1.00 137.20 ? 15  DG  D "H2''" 1 
ATOM   1272 H  "H1'"  . DG  D 4 14 ? 7.648   -7.366  16.206  1.00 132.53 ? 15  DG  D "H1'"  1 
ATOM   1273 H  H8     . DG  D 4 14 ? 9.744   -10.159 15.518  1.00 117.53 ? 15  DG  D H8     1 
ATOM   1274 H  H1     . DG  D 4 14 ? 4.405   -10.622 12.555  1.00 97.30  ? 15  DG  D H1     1 
ATOM   1275 H  H21    . DG  D 4 14 ? 3.324   -8.125  14.341  1.00 102.90 ? 15  DG  D H21    1 
ATOM   1276 H  H22    . DG  D 4 14 ? 2.976   -9.104  13.274  1.00 102.90 ? 15  DG  D H22    1 
ATOM   1277 P  P      . DT  D 4 15 ? 7.891   -7.354  20.661  1.00 128.50 ? 16  DT  D P      1 
ATOM   1278 O  OP1    . DT  D 4 15 ? 8.123   -6.199  19.766  1.00 125.11 ? 16  DT  D OP1    1 
ATOM   1279 O  OP2    . DT  D 4 15 ? 8.177   -7.210  22.106  1.00 131.89 ? 16  DT  D OP2    1 
ATOM   1280 O  "O5'"  . DT  D 4 15 ? 6.379   -7.861  20.506  1.00 125.40 ? 16  DT  D "O5'"  1 
ATOM   1281 C  "C5'"  . DT  D 4 15 ? 5.364   -6.977  20.023  1.00 121.63 ? 16  DT  D "C5'"  1 
ATOM   1282 C  "C4'"  . DT  D 4 15 ? 4.140   -7.750  19.550  1.00 119.89 ? 16  DT  D "C4'"  1 
ATOM   1283 O  "O4'"  . DT  D 4 15 ? 4.482   -8.589  18.409  1.00 113.19 ? 16  DT  D "O4'"  1 
ATOM   1284 C  "C3'"  . DT  D 4 15 ? 3.534   -8.698  20.592  1.00 114.84 ? 16  DT  D "C3'"  1 
ATOM   1285 O  "O3'"  . DT  D 4 15 ? 2.204   -8.305  20.904  1.00 120.87 ? 16  DT  D "O3'"  1 
ATOM   1286 C  "C2'"  . DT  D 4 15 ? 3.592   -10.080 19.927  1.00 108.77 ? 16  DT  D "C2'"  1 
ATOM   1287 C  "C1'"  . DT  D 4 15 ? 3.664   -9.733  18.456  1.00 102.62 ? 16  DT  D "C1'"  1 
ATOM   1288 N  N1     . DT  D 4 15 ? 4.246   -10.808 17.572  1.00 94.29  ? 16  DT  D N1     1 
ATOM   1289 C  C2     . DT  D 4 15 ? 3.485   -11.319 16.542  1.00 94.58  ? 16  DT  D C2     1 
ATOM   1290 O  O2     . DT  D 4 15 ? 2.347   -10.953 16.305  1.00 95.95  ? 16  DT  D O2     1 
ATOM   1291 N  N3     . DT  D 4 15 ? 4.106   -12.282 15.792  1.00 90.25  ? 16  DT  D N3     1 
ATOM   1292 C  C4     . DT  D 4 15 ? 5.386   -12.778 15.965  1.00 91.21  ? 16  DT  D C4     1 
ATOM   1293 O  O4     . DT  D 4 15 ? 5.862   -13.650 15.237  1.00 84.48  ? 16  DT  D O4     1 
ATOM   1294 C  C5     . DT  D 4 15 ? 6.125   -12.200 17.061  1.00 95.54  ? 16  DT  D C5     1 
ATOM   1295 C  C7     . DT  D 4 15 ? 7.523   -12.655 17.348  1.00 103.80 ? 16  DT  D C7     1 
ATOM   1296 C  C6     . DT  D 4 15 ? 5.525   -11.258 17.803  1.00 94.64  ? 16  DT  D C6     1 
ATOM   1297 H  "H5'"  . DT  D 4 15 ? 5.720   -6.459  19.283  1.00 145.88 ? 16  DT  D "H5'"  1 
ATOM   1298 H  "H5''" . DT  D 4 15 ? 5.103   -6.373  20.736  1.00 145.88 ? 16  DT  D "H5''" 1 
ATOM   1299 H  "H4'"  . DT  D 4 15 ? 3.460   -7.115  19.276  1.00 143.79 ? 16  DT  D "H4'"  1 
ATOM   1300 H  "H3'"  . DT  D 4 15 ? 4.077   -8.696  21.395  1.00 137.73 ? 16  DT  D "H3'"  1 
ATOM   1301 H  "HO3'" . DT  D 4 15 ? 2.000   -8.097  21.692  1.00 144.97 ? 16  DT  D "HO3'" 1 
ATOM   1302 H  "H2'"  . DT  D 4 15 ? 4.386   -10.563 20.205  1.00 130.44 ? 16  DT  D "H2'"  1 
ATOM   1303 H  "H2''" . DT  D 4 15 ? 2.791   -10.590 20.121  1.00 130.44 ? 16  DT  D "H2''" 1 
ATOM   1304 H  "H1'"  . DT  D 4 15 ? 2.777   -9.504  18.138  1.00 123.06 ? 16  DT  D "H1'"  1 
ATOM   1305 H  H3     . DT  D 4 15 ? 3.650   -12.618 15.144  1.00 108.22 ? 16  DT  D H3     1 
ATOM   1306 H  H71    . DT  D 4 15 ? 8.131   -11.901 17.277  1.00 124.48 ? 16  DT  D H71    1 
ATOM   1307 H  H72    . DT  D 4 15 ? 7.567   -13.020 18.246  1.00 124.48 ? 16  DT  D H72    1 
ATOM   1308 H  H73    . DT  D 4 15 ? 7.780   -13.338 16.710  1.00 124.48 ? 16  DT  D H73    1 
ATOM   1309 H  H6     . DT  D 4 15 ? 6.004   -10.881 18.506  1.00 113.49 ? 16  DT  D H6     1 
HETATM 1310 AS AS     . CAC E 5 .  ? -0.475  7.588   -9.011  1.00 100.42 ? 101 CAC C AS     1 
HETATM 1311 AS AS     . CAC F 5 .  ? 6.726   4.569   0.093   0.52 116.98 ? 101 CAC D AS     1 
# 
loop_
_pdbx_poly_seq_scheme.asym_id 
_pdbx_poly_seq_scheme.entity_id 
_pdbx_poly_seq_scheme.seq_id 
_pdbx_poly_seq_scheme.mon_id 
_pdbx_poly_seq_scheme.ndb_seq_num 
_pdbx_poly_seq_scheme.pdb_seq_num 
_pdbx_poly_seq_scheme.auth_seq_num 
_pdbx_poly_seq_scheme.pdb_mon_id 
_pdbx_poly_seq_scheme.auth_mon_id 
_pdbx_poly_seq_scheme.pdb_strand_id 
_pdbx_poly_seq_scheme.pdb_ins_code 
_pdbx_poly_seq_scheme.hetero 
A 1 1  DG 1  1  1  DG DG A . n 
A 1 2  DA 2  2  2  DA DA A . n 
A 1 3  DA 3  3  3  DA DA A . n 
A 1 4  DC 4  4  4  DC DC A . n 
A 1 5  DG 5  5  5  DG DG A . n 
A 1 6  DA 6  6  6  DA DA A . n 
A 1 7  DC 7  7  7  DC DC A . n 
A 1 8  DA 8  8  8  DA DA A . n 
A 1 9  DG 9  9  9  DG DG A . n 
A 1 10 DT 10 10 10 DT DT A . n 
A 1 11 DG 11 11 11 DG DG A . n 
A 1 12 DA 12 12 12 DA DA A . n 
B 2 1  DC 1  12 12 DC DC B . n 
B 2 2  DG 2  13 13 DG DG B . n 
B 2 3  DT 3  14 14 DT DT B . n 
B 2 4  DC 4  15 15 DC DC B . n 
B 2 5  DG 5  16 16 DG DG B . n 
B 2 6  DA 6  17 17 DA DA B . n 
B 2 7  DC 7  18 18 DC DC B . n 
B 2 8  DT 8  19 19 DT DT B . n 
B 2 9  DC 9  20 20 DC DC B . n 
C 3 1  DT 1  0  0  DT DT C . n 
C 3 2  DC 2  1  1  DC DC C . n 
C 3 3  DA 3  2  2  DA DA C . n 
C 3 4  DA 4  3  3  DA DA C . n 
C 3 5  DC 5  4  4  DC DC C . n 
C 3 6  DG 6  5  5  DG DG C . n 
D 4 1  DT 1  2  2  DT DT D . n 
D 4 2  DC 2  3  3  DC DC D . n 
D 4 3  DG 3  4  4  DG DG D . n 
D 4 4  DA 4  5  5  DA DA D . n 
D 4 5  DG 5  6  6  DG DG D . n 
D 4 6  DT 6  7  7  DT DT D . n 
D 4 7  DC 7  8  8  DC DC D . n 
D 4 8  DG 8  9  9  DG DG D . n 
D 4 9  DC 9  10 10 DC DC D . n 
D 4 10 DT 10 11 11 DT DT D . n 
D 4 11 DG 11 12 12 DG DG D . n 
D 4 12 DT 12 13 13 DT DT D . n 
D 4 13 DC 13 14 14 DC DC D . n 
D 4 14 DG 14 15 15 DG DG D . n 
D 4 15 DT 15 16 16 DT DT D . n 
# 
loop_
_pdbx_nonpoly_scheme.asym_id 
_pdbx_nonpoly_scheme.entity_id 
_pdbx_nonpoly_scheme.mon_id 
_pdbx_nonpoly_scheme.ndb_seq_num 
_pdbx_nonpoly_scheme.pdb_seq_num 
_pdbx_nonpoly_scheme.auth_seq_num 
_pdbx_nonpoly_scheme.pdb_mon_id 
_pdbx_nonpoly_scheme.auth_mon_id 
_pdbx_nonpoly_scheme.pdb_strand_id 
_pdbx_nonpoly_scheme.pdb_ins_code 
E 5 CAC 1 101 3 CAC AS C . 
F 5 CAC 1 101 4 CAC AS D . 
# 
_pdbx_struct_assembly.id                   1 
_pdbx_struct_assembly.details              author_defined_assembly 
_pdbx_struct_assembly.method_details       ? 
_pdbx_struct_assembly.oligomeric_details   tetrameric 
_pdbx_struct_assembly.oligomeric_count     4 
# 
_pdbx_struct_assembly_gen.assembly_id       1 
_pdbx_struct_assembly_gen.oper_expression   1 
_pdbx_struct_assembly_gen.asym_id_list      A,B,C,D,E,F 
# 
_pdbx_struct_oper_list.id                   1 
_pdbx_struct_oper_list.type                 'identity operation' 
_pdbx_struct_oper_list.name                 1_555 
_pdbx_struct_oper_list.symmetry_operation   x,y,z 
_pdbx_struct_oper_list.matrix[1][1]         1.0000000000 
_pdbx_struct_oper_list.matrix[1][2]         0.0000000000 
_pdbx_struct_oper_list.matrix[1][3]         0.0000000000 
_pdbx_struct_oper_list.vector[1]            0.0000000000 
_pdbx_struct_oper_list.matrix[2][1]         0.0000000000 
_pdbx_struct_oper_list.matrix[2][2]         1.0000000000 
_pdbx_struct_oper_list.matrix[2][3]         0.0000000000 
_pdbx_struct_oper_list.vector[2]            0.0000000000 
_pdbx_struct_oper_list.matrix[3][1]         0.0000000000 
_pdbx_struct_oper_list.matrix[3][2]         0.0000000000 
_pdbx_struct_oper_list.matrix[3][3]         1.0000000000 
_pdbx_struct_oper_list.vector[3]            0.0000000000 
# 
loop_
_pdbx_audit_revision_history.ordinal 
_pdbx_audit_revision_history.data_content_type 
_pdbx_audit_revision_history.major_revision 
_pdbx_audit_revision_history.minor_revision 
_pdbx_audit_revision_history.revision_date 
1 'Structure model' 1 0 2021-07-14 
2 'Structure model' 1 1 2022-07-06 
3 'Structure model' 1 2 2023-10-18 
# 
_pdbx_audit_revision_details.ordinal             1 
_pdbx_audit_revision_details.revision_ordinal    1 
_pdbx_audit_revision_details.data_content_type   'Structure model' 
_pdbx_audit_revision_details.provider            repository 
_pdbx_audit_revision_details.type                'Initial release' 
_pdbx_audit_revision_details.description         ? 
_pdbx_audit_revision_details.details             ? 
# 
loop_
_pdbx_audit_revision_group.ordinal 
_pdbx_audit_revision_group.revision_ordinal 
_pdbx_audit_revision_group.data_content_type 
_pdbx_audit_revision_group.group 
1 2 'Structure model' 'Database references'    
2 3 'Structure model' 'Data collection'        
3 3 'Structure model' 'Refinement description' 
# 
loop_
_pdbx_audit_revision_category.ordinal 
_pdbx_audit_revision_category.revision_ordinal 
_pdbx_audit_revision_category.data_content_type 
_pdbx_audit_revision_category.category 
1 2 'Structure model' citation                      
2 2 'Structure model' citation_author               
3 2 'Structure model' database_2                    
4 3 'Structure model' chem_comp_atom                
5 3 'Structure model' chem_comp_bond                
6 3 'Structure model' pdbx_initial_refinement_model 
# 
loop_
_pdbx_audit_revision_item.ordinal 
_pdbx_audit_revision_item.revision_ordinal 
_pdbx_audit_revision_item.data_content_type 
_pdbx_audit_revision_item.item 
1  2 'Structure model' '_citation.country'                   
2  2 'Structure model' '_citation.journal_abbrev'            
3  2 'Structure model' '_citation.journal_id_CSD'            
4  2 'Structure model' '_citation.journal_id_ISSN'           
5  2 'Structure model' '_citation.journal_volume'            
6  2 'Structure model' '_citation.page_first'                
7  2 'Structure model' '_citation.page_last'                 
8  2 'Structure model' '_citation.pdbx_database_id_DOI'      
9  2 'Structure model' '_citation.pdbx_database_id_PubMed'   
10 2 'Structure model' '_citation.title'                     
11 2 'Structure model' '_citation.year'                      
12 2 'Structure model' '_database_2.pdbx_DOI'                
13 2 'Structure model' '_database_2.pdbx_database_accession' 
# 
loop_
_software.citation_id 
_software.classification 
_software.compiler_name 
_software.compiler_version 
_software.contact_author 
_software.contact_author_email 
_software.date 
_software.description 
_software.dependencies 
_software.hardware 
_software.language 
_software.location 
_software.mods 
_software.name 
_software.os 
_software.os_version 
_software.type 
_software.version 
_software.pdbx_ordinal 
? 'data reduction'  ? ? ? ? ? ? ? ? ? ? ? HKL-2000    ? ? ? .           1 
? 'data scaling'    ? ? ? ? ? ? ? ? ? ? ? HKL-2000    ? ? ? .           2 
? refinement        ? ? ? ? ? ? ? ? ? ? ? PHENIX      ? ? ? 1.11.1_2575 3 
? 'data extraction' ? ? ? ? ? ? ? ? ? ? ? PDB_EXTRACT ? ? ? 3.25        4 
? phasing           ? ? ? ? ? ? ? ? ? ? ? PHASER      ? ? ? .           5 
# 
_pdbx_entry_details.entry_id                 7JJY 
_pdbx_entry_details.has_ligand_of_interest   N 
_pdbx_entry_details.compound_details         ? 
_pdbx_entry_details.source_details           ? 
_pdbx_entry_details.nonpolymer_details       ? 
_pdbx_entry_details.sequence_details         ? 
# 
loop_
_pdbx_validate_symm_contact.id 
_pdbx_validate_symm_contact.PDB_model_num 
_pdbx_validate_symm_contact.auth_atom_id_1 
_pdbx_validate_symm_contact.auth_asym_id_1 
_pdbx_validate_symm_contact.auth_comp_id_1 
_pdbx_validate_symm_contact.auth_seq_id_1 
_pdbx_validate_symm_contact.PDB_ins_code_1 
_pdbx_validate_symm_contact.label_alt_id_1 
_pdbx_validate_symm_contact.site_symmetry_1 
_pdbx_validate_symm_contact.auth_atom_id_2 
_pdbx_validate_symm_contact.auth_asym_id_2 
_pdbx_validate_symm_contact.auth_comp_id_2 
_pdbx_validate_symm_contact.auth_seq_id_2 
_pdbx_validate_symm_contact.PDB_ins_code_2 
_pdbx_validate_symm_contact.label_alt_id_2 
_pdbx_validate_symm_contact.site_symmetry_2 
_pdbx_validate_symm_contact.dist 
1 1 "O3'" A DA 12 ? ? 1_555 OP1   B DC 12 ? ? 6_555 1.89 
2 1 "O5'" C DT 0  ? ? 1_555 "O3'" C DG 5  ? ? 6_555 2.10 
# 
loop_
_pdbx_unobs_or_zero_occ_atoms.id 
_pdbx_unobs_or_zero_occ_atoms.PDB_model_num 
_pdbx_unobs_or_zero_occ_atoms.polymer_flag 
_pdbx_unobs_or_zero_occ_atoms.occupancy_flag 
_pdbx_unobs_or_zero_occ_atoms.auth_asym_id 
_pdbx_unobs_or_zero_occ_atoms.auth_comp_id 
_pdbx_unobs_or_zero_occ_atoms.auth_seq_id 
_pdbx_unobs_or_zero_occ_atoms.PDB_ins_code 
_pdbx_unobs_or_zero_occ_atoms.auth_atom_id 
_pdbx_unobs_or_zero_occ_atoms.label_alt_id 
_pdbx_unobs_or_zero_occ_atoms.label_asym_id 
_pdbx_unobs_or_zero_occ_atoms.label_comp_id 
_pdbx_unobs_or_zero_occ_atoms.label_seq_id 
_pdbx_unobs_or_zero_occ_atoms.label_atom_id 
1 1 N 1 C CAC 101 ? O1 ? E CAC 1 O1 
2 1 N 1 C CAC 101 ? O2 ? E CAC 1 O2 
3 1 N 1 C CAC 101 ? C1 ? E CAC 1 C1 
4 1 N 1 C CAC 101 ? C2 ? E CAC 1 C2 
5 1 N 1 D CAC 101 ? O1 ? F CAC 1 O1 
6 1 N 1 D CAC 101 ? O2 ? F CAC 1 O2 
7 1 N 1 D CAC 101 ? C1 ? F CAC 1 C1 
8 1 N 1 D CAC 101 ? C2 ? F CAC 1 C2 
# 
loop_
_chem_comp_atom.comp_id 
_chem_comp_atom.atom_id 
_chem_comp_atom.type_symbol 
_chem_comp_atom.pdbx_aromatic_flag 
_chem_comp_atom.pdbx_stereo_config 
_chem_comp_atom.pdbx_ordinal 
CAC AS     AS N N 1   
CAC O1     O  N N 2   
CAC O2     O  N N 3   
CAC C1     C  N N 4   
CAC C2     C  N N 5   
CAC H11    H  N N 6   
CAC H12    H  N N 7   
CAC H13    H  N N 8   
CAC H21    H  N N 9   
CAC H22    H  N N 10  
CAC H23    H  N N 11  
DA  OP3    O  N N 12  
DA  P      P  N N 13  
DA  OP1    O  N N 14  
DA  OP2    O  N N 15  
DA  "O5'"  O  N N 16  
DA  "C5'"  C  N N 17  
DA  "C4'"  C  N R 18  
DA  "O4'"  O  N N 19  
DA  "C3'"  C  N S 20  
DA  "O3'"  O  N N 21  
DA  "C2'"  C  N N 22  
DA  "C1'"  C  N R 23  
DA  N9     N  Y N 24  
DA  C8     C  Y N 25  
DA  N7     N  Y N 26  
DA  C5     C  Y N 27  
DA  C6     C  Y N 28  
DA  N6     N  N N 29  
DA  N1     N  Y N 30  
DA  C2     C  Y N 31  
DA  N3     N  Y N 32  
DA  C4     C  Y N 33  
DA  HOP3   H  N N 34  
DA  HOP2   H  N N 35  
DA  "H5'"  H  N N 36  
DA  "H5''" H  N N 37  
DA  "H4'"  H  N N 38  
DA  "H3'"  H  N N 39  
DA  "HO3'" H  N N 40  
DA  "H2'"  H  N N 41  
DA  "H2''" H  N N 42  
DA  "H1'"  H  N N 43  
DA  H8     H  N N 44  
DA  H61    H  N N 45  
DA  H62    H  N N 46  
DA  H2     H  N N 47  
DC  OP3    O  N N 48  
DC  P      P  N N 49  
DC  OP1    O  N N 50  
DC  OP2    O  N N 51  
DC  "O5'"  O  N N 52  
DC  "C5'"  C  N N 53  
DC  "C4'"  C  N R 54  
DC  "O4'"  O  N N 55  
DC  "C3'"  C  N S 56  
DC  "O3'"  O  N N 57  
DC  "C2'"  C  N N 58  
DC  "C1'"  C  N R 59  
DC  N1     N  N N 60  
DC  C2     C  N N 61  
DC  O2     O  N N 62  
DC  N3     N  N N 63  
DC  C4     C  N N 64  
DC  N4     N  N N 65  
DC  C5     C  N N 66  
DC  C6     C  N N 67  
DC  HOP3   H  N N 68  
DC  HOP2   H  N N 69  
DC  "H5'"  H  N N 70  
DC  "H5''" H  N N 71  
DC  "H4'"  H  N N 72  
DC  "H3'"  H  N N 73  
DC  "HO3'" H  N N 74  
DC  "H2'"  H  N N 75  
DC  "H2''" H  N N 76  
DC  "H1'"  H  N N 77  
DC  H41    H  N N 78  
DC  H42    H  N N 79  
DC  H5     H  N N 80  
DC  H6     H  N N 81  
DG  OP3    O  N N 82  
DG  P      P  N N 83  
DG  OP1    O  N N 84  
DG  OP2    O  N N 85  
DG  "O5'"  O  N N 86  
DG  "C5'"  C  N N 87  
DG  "C4'"  C  N R 88  
DG  "O4'"  O  N N 89  
DG  "C3'"  C  N S 90  
DG  "O3'"  O  N N 91  
DG  "C2'"  C  N N 92  
DG  "C1'"  C  N R 93  
DG  N9     N  Y N 94  
DG  C8     C  Y N 95  
DG  N7     N  Y N 96  
DG  C5     C  Y N 97  
DG  C6     C  N N 98  
DG  O6     O  N N 99  
DG  N1     N  N N 100 
DG  C2     C  N N 101 
DG  N2     N  N N 102 
DG  N3     N  N N 103 
DG  C4     C  Y N 104 
DG  HOP3   H  N N 105 
DG  HOP2   H  N N 106 
DG  "H5'"  H  N N 107 
DG  "H5''" H  N N 108 
DG  "H4'"  H  N N 109 
DG  "H3'"  H  N N 110 
DG  "HO3'" H  N N 111 
DG  "H2'"  H  N N 112 
DG  "H2''" H  N N 113 
DG  "H1'"  H  N N 114 
DG  H8     H  N N 115 
DG  H1     H  N N 116 
DG  H21    H  N N 117 
DG  H22    H  N N 118 
DT  OP3    O  N N 119 
DT  P      P  N N 120 
DT  OP1    O  N N 121 
DT  OP2    O  N N 122 
DT  "O5'"  O  N N 123 
DT  "C5'"  C  N N 124 
DT  "C4'"  C  N R 125 
DT  "O4'"  O  N N 126 
DT  "C3'"  C  N S 127 
DT  "O3'"  O  N N 128 
DT  "C2'"  C  N N 129 
DT  "C1'"  C  N R 130 
DT  N1     N  N N 131 
DT  C2     C  N N 132 
DT  O2     O  N N 133 
DT  N3     N  N N 134 
DT  C4     C  N N 135 
DT  O4     O  N N 136 
DT  C5     C  N N 137 
DT  C7     C  N N 138 
DT  C6     C  N N 139 
DT  HOP3   H  N N 140 
DT  HOP2   H  N N 141 
DT  "H5'"  H  N N 142 
DT  "H5''" H  N N 143 
DT  "H4'"  H  N N 144 
DT  "H3'"  H  N N 145 
DT  "HO3'" H  N N 146 
DT  "H2'"  H  N N 147 
DT  "H2''" H  N N 148 
DT  "H1'"  H  N N 149 
DT  H3     H  N N 150 
DT  H71    H  N N 151 
DT  H72    H  N N 152 
DT  H73    H  N N 153 
DT  H6     H  N N 154 
# 
loop_
_chem_comp_bond.comp_id 
_chem_comp_bond.atom_id_1 
_chem_comp_bond.atom_id_2 
_chem_comp_bond.value_order 
_chem_comp_bond.pdbx_aromatic_flag 
_chem_comp_bond.pdbx_stereo_config 
_chem_comp_bond.pdbx_ordinal 
CAC AS    O1     doub N N 1   
CAC AS    O2     sing N N 2   
CAC AS    C1     sing N N 3   
CAC AS    C2     sing N N 4   
CAC C1    H11    sing N N 5   
CAC C1    H12    sing N N 6   
CAC C1    H13    sing N N 7   
CAC C2    H21    sing N N 8   
CAC C2    H22    sing N N 9   
CAC C2    H23    sing N N 10  
DA  OP3   P      sing N N 11  
DA  OP3   HOP3   sing N N 12  
DA  P     OP1    doub N N 13  
DA  P     OP2    sing N N 14  
DA  P     "O5'"  sing N N 15  
DA  OP2   HOP2   sing N N 16  
DA  "O5'" "C5'"  sing N N 17  
DA  "C5'" "C4'"  sing N N 18  
DA  "C5'" "H5'"  sing N N 19  
DA  "C5'" "H5''" sing N N 20  
DA  "C4'" "O4'"  sing N N 21  
DA  "C4'" "C3'"  sing N N 22  
DA  "C4'" "H4'"  sing N N 23  
DA  "O4'" "C1'"  sing N N 24  
DA  "C3'" "O3'"  sing N N 25  
DA  "C3'" "C2'"  sing N N 26  
DA  "C3'" "H3'"  sing N N 27  
DA  "O3'" "HO3'" sing N N 28  
DA  "C2'" "C1'"  sing N N 29  
DA  "C2'" "H2'"  sing N N 30  
DA  "C2'" "H2''" sing N N 31  
DA  "C1'" N9     sing N N 32  
DA  "C1'" "H1'"  sing N N 33  
DA  N9    C8     sing Y N 34  
DA  N9    C4     sing Y N 35  
DA  C8    N7     doub Y N 36  
DA  C8    H8     sing N N 37  
DA  N7    C5     sing Y N 38  
DA  C5    C6     sing Y N 39  
DA  C5    C4     doub Y N 40  
DA  C6    N6     sing N N 41  
DA  C6    N1     doub Y N 42  
DA  N6    H61    sing N N 43  
DA  N6    H62    sing N N 44  
DA  N1    C2     sing Y N 45  
DA  C2    N3     doub Y N 46  
DA  C2    H2     sing N N 47  
DA  N3    C4     sing Y N 48  
DC  OP3   P      sing N N 49  
DC  OP3   HOP3   sing N N 50  
DC  P     OP1    doub N N 51  
DC  P     OP2    sing N N 52  
DC  P     "O5'"  sing N N 53  
DC  OP2   HOP2   sing N N 54  
DC  "O5'" "C5'"  sing N N 55  
DC  "C5'" "C4'"  sing N N 56  
DC  "C5'" "H5'"  sing N N 57  
DC  "C5'" "H5''" sing N N 58  
DC  "C4'" "O4'"  sing N N 59  
DC  "C4'" "C3'"  sing N N 60  
DC  "C4'" "H4'"  sing N N 61  
DC  "O4'" "C1'"  sing N N 62  
DC  "C3'" "O3'"  sing N N 63  
DC  "C3'" "C2'"  sing N N 64  
DC  "C3'" "H3'"  sing N N 65  
DC  "O3'" "HO3'" sing N N 66  
DC  "C2'" "C1'"  sing N N 67  
DC  "C2'" "H2'"  sing N N 68  
DC  "C2'" "H2''" sing N N 69  
DC  "C1'" N1     sing N N 70  
DC  "C1'" "H1'"  sing N N 71  
DC  N1    C2     sing N N 72  
DC  N1    C6     sing N N 73  
DC  C2    O2     doub N N 74  
DC  C2    N3     sing N N 75  
DC  N3    C4     doub N N 76  
DC  C4    N4     sing N N 77  
DC  C4    C5     sing N N 78  
DC  N4    H41    sing N N 79  
DC  N4    H42    sing N N 80  
DC  C5    C6     doub N N 81  
DC  C5    H5     sing N N 82  
DC  C6    H6     sing N N 83  
DG  OP3   P      sing N N 84  
DG  OP3   HOP3   sing N N 85  
DG  P     OP1    doub N N 86  
DG  P     OP2    sing N N 87  
DG  P     "O5'"  sing N N 88  
DG  OP2   HOP2   sing N N 89  
DG  "O5'" "C5'"  sing N N 90  
DG  "C5'" "C4'"  sing N N 91  
DG  "C5'" "H5'"  sing N N 92  
DG  "C5'" "H5''" sing N N 93  
DG  "C4'" "O4'"  sing N N 94  
DG  "C4'" "C3'"  sing N N 95  
DG  "C4'" "H4'"  sing N N 96  
DG  "O4'" "C1'"  sing N N 97  
DG  "C3'" "O3'"  sing N N 98  
DG  "C3'" "C2'"  sing N N 99  
DG  "C3'" "H3'"  sing N N 100 
DG  "O3'" "HO3'" sing N N 101 
DG  "C2'" "C1'"  sing N N 102 
DG  "C2'" "H2'"  sing N N 103 
DG  "C2'" "H2''" sing N N 104 
DG  "C1'" N9     sing N N 105 
DG  "C1'" "H1'"  sing N N 106 
DG  N9    C8     sing Y N 107 
DG  N9    C4     sing Y N 108 
DG  C8    N7     doub Y N 109 
DG  C8    H8     sing N N 110 
DG  N7    C5     sing Y N 111 
DG  C5    C6     sing N N 112 
DG  C5    C4     doub Y N 113 
DG  C6    O6     doub N N 114 
DG  C6    N1     sing N N 115 
DG  N1    C2     sing N N 116 
DG  N1    H1     sing N N 117 
DG  C2    N2     sing N N 118 
DG  C2    N3     doub N N 119 
DG  N2    H21    sing N N 120 
DG  N2    H22    sing N N 121 
DG  N3    C4     sing N N 122 
DT  OP3   P      sing N N 123 
DT  OP3   HOP3   sing N N 124 
DT  P     OP1    doub N N 125 
DT  P     OP2    sing N N 126 
DT  P     "O5'"  sing N N 127 
DT  OP2   HOP2   sing N N 128 
DT  "O5'" "C5'"  sing N N 129 
DT  "C5'" "C4'"  sing N N 130 
DT  "C5'" "H5'"  sing N N 131 
DT  "C5'" "H5''" sing N N 132 
DT  "C4'" "O4'"  sing N N 133 
DT  "C4'" "C3'"  sing N N 134 
DT  "C4'" "H4'"  sing N N 135 
DT  "O4'" "C1'"  sing N N 136 
DT  "C3'" "O3'"  sing N N 137 
DT  "C3'" "C2'"  sing N N 138 
DT  "C3'" "H3'"  sing N N 139 
DT  "O3'" "HO3'" sing N N 140 
DT  "C2'" "C1'"  sing N N 141 
DT  "C2'" "H2'"  sing N N 142 
DT  "C2'" "H2''" sing N N 143 
DT  "C1'" N1     sing N N 144 
DT  "C1'" "H1'"  sing N N 145 
DT  N1    C2     sing N N 146 
DT  N1    C6     sing N N 147 
DT  C2    O2     doub N N 148 
DT  C2    N3     sing N N 149 
DT  N3    C4     sing N N 150 
DT  N3    H3     sing N N 151 
DT  C4    O4     doub N N 152 
DT  C4    C5     sing N N 153 
DT  C5    C7     sing N N 154 
DT  C5    C6     doub N N 155 
DT  C7    H71    sing N N 156 
DT  C7    H72    sing N N 157 
DT  C7    H73    sing N N 158 
DT  C6    H6     sing N N 159 
# 
loop_
_ndb_struct_conf_na.entry_id 
_ndb_struct_conf_na.feature 
7JJY 'double helix'        
7JJY 'b-form double helix' 
# 
loop_
_ndb_struct_na_base_pair.model_number 
_ndb_struct_na_base_pair.i_label_asym_id 
_ndb_struct_na_base_pair.i_label_comp_id 
_ndb_struct_na_base_pair.i_label_seq_id 
_ndb_struct_na_base_pair.i_symmetry 
_ndb_struct_na_base_pair.j_label_asym_id 
_ndb_struct_na_base_pair.j_label_comp_id 
_ndb_struct_na_base_pair.j_label_seq_id 
_ndb_struct_na_base_pair.j_symmetry 
_ndb_struct_na_base_pair.shear 
_ndb_struct_na_base_pair.stretch 
_ndb_struct_na_base_pair.stagger 
_ndb_struct_na_base_pair.buckle 
_ndb_struct_na_base_pair.propeller 
_ndb_struct_na_base_pair.opening 
_ndb_struct_na_base_pair.pair_number 
_ndb_struct_na_base_pair.pair_name 
_ndb_struct_na_base_pair.i_auth_asym_id 
_ndb_struct_na_base_pair.i_auth_seq_id 
_ndb_struct_na_base_pair.i_PDB_ins_code 
_ndb_struct_na_base_pair.j_auth_asym_id 
_ndb_struct_na_base_pair.j_auth_seq_id 
_ndb_struct_na_base_pair.j_PDB_ins_code 
_ndb_struct_na_base_pair.hbond_type_28 
_ndb_struct_na_base_pair.hbond_type_12 
1 A DA 3  1_555 D DT 15 1_555 -0.380 -0.220 0.217  1.031  -5.145  3.647  1  A_DA3:DT16_D A 3  ? D 16 ? 20 1 
1 A DC 4  1_555 D DG 14 1_555 -0.514 0.274  0.198  4.256  -7.060  5.321  2  A_DC4:DG15_D A 4  ? D 15 ? 19 1 
1 A DG 5  1_555 D DC 13 1_555 0.215  -0.447 0.596  12.111 -12.993 -7.700 3  A_DG5:DC14_D A 5  ? D 14 ? 19 1 
1 A DA 6  1_555 D DT 12 1_555 0.357  -0.313 0.034  0.684  -8.879  2.054  4  A_DA6:DT13_D A 6  ? D 13 ? 20 1 
1 A DC 7  1_555 D DG 11 1_555 -0.039 -0.274 0.045  6.435  -6.572  -0.334 5  A_DC7:DG12_D A 7  ? D 12 ? 19 1 
1 A DA 8  1_555 D DT 10 1_555 -0.513 -0.400 0.181  -2.480 -10.031 -2.212 6  A_DA8:DT11_D A 8  ? D 11 ? 20 1 
1 A DG 9  1_555 D DC 9  1_555 -0.182 -0.437 0.280  -6.394 -17.946 -4.688 7  A_DG9:DC10_D A 9  ? D 10 ? 19 1 
1 A DT 10 1_555 C DA 3  1_555 0.100  -0.461 0.379  -9.517 -12.271 0.443  8  A_DT10:DA2_C A 10 ? C 2  ? 20 1 
1 A DG 11 1_555 C DC 2  1_555 0.172  -0.292 0.157  2.796  -5.919  1.004  9  A_DG11:DC1_C A 11 ? C 1  ? 19 1 
1 A DA 12 1_555 C DT 1  1_555 0.806  -0.433 0.103  -0.709 -8.710  -7.379 10 A_DA12:DT0_C A 12 ? C 0  ? 20 1 
1 B DC 1  1_555 C DG 6  1_555 -0.241 -0.042 0.185  -4.152 -1.454  2.019  11 B_DC12:DG5_C B 12 ? C 5  ? 19 1 
1 B DG 2  1_555 C DC 5  1_555 0.022  -0.440 0.385  4.235  -8.141  -5.079 12 B_DG13:DC4_C B 13 ? C 4  ? 19 1 
1 B DT 3  1_555 C DA 4  1_555 -0.228 -0.355 0.432  1.643  -15.339 -2.033 13 B_DT14:DA3_C B 14 ? C 3  ? 20 1 
1 B DC 4  1_555 D DG 8  1_555 -0.123 -0.318 0.594  -2.419 -11.600 -3.196 14 B_DC15:DG9_D B 15 ? D 9  ? 19 1 
1 B DG 5  1_555 D DC 7  1_555 0.489  -0.041 0.466  5.565  -14.020 2.228  15 B_DG16:DC8_D B 16 ? D 8  ? 19 1 
1 B DA 6  1_555 D DT 6  1_555 0.377  -0.305 0.261  2.168  -12.019 -4.881 16 B_DA17:DT7_D B 17 ? D 7  ? 20 1 
1 B DC 7  1_555 D DG 5  1_555 -0.060 0.057  0.349  1.820  -9.667  10.493 17 B_DC18:DG6_D B 18 ? D 6  ? 19 1 
1 B DT 8  1_555 D DA 4  1_555 -0.745 -0.289 -0.014 -1.194 -7.559  -5.143 18 B_DT19:DA5_D B 19 ? D 5  ? 20 1 
1 B DC 9  1_555 D DG 3  1_555 0.431  -0.539 -0.143 -0.320 -4.252  -0.883 19 B_DC20:DG4_D B 20 ? D 4  ? 19 1 
# 
loop_
_ndb_struct_na_base_pair_step.model_number 
_ndb_struct_na_base_pair_step.i_label_asym_id_1 
_ndb_struct_na_base_pair_step.i_label_comp_id_1 
_ndb_struct_na_base_pair_step.i_label_seq_id_1 
_ndb_struct_na_base_pair_step.i_symmetry_1 
_ndb_struct_na_base_pair_step.j_label_asym_id_1 
_ndb_struct_na_base_pair_step.j_label_comp_id_1 
_ndb_struct_na_base_pair_step.j_label_seq_id_1 
_ndb_struct_na_base_pair_step.j_symmetry_1 
_ndb_struct_na_base_pair_step.i_label_asym_id_2 
_ndb_struct_na_base_pair_step.i_label_comp_id_2 
_ndb_struct_na_base_pair_step.i_label_seq_id_2 
_ndb_struct_na_base_pair_step.i_symmetry_2 
_ndb_struct_na_base_pair_step.j_label_asym_id_2 
_ndb_struct_na_base_pair_step.j_label_comp_id_2 
_ndb_struct_na_base_pair_step.j_label_seq_id_2 
_ndb_struct_na_base_pair_step.j_symmetry_2 
_ndb_struct_na_base_pair_step.shift 
_ndb_struct_na_base_pair_step.slide 
_ndb_struct_na_base_pair_step.rise 
_ndb_struct_na_base_pair_step.tilt 
_ndb_struct_na_base_pair_step.roll 
_ndb_struct_na_base_pair_step.twist 
_ndb_struct_na_base_pair_step.x_displacement 
_ndb_struct_na_base_pair_step.y_displacement 
_ndb_struct_na_base_pair_step.helical_rise 
_ndb_struct_na_base_pair_step.inclination 
_ndb_struct_na_base_pair_step.tip 
_ndb_struct_na_base_pair_step.helical_twist 
_ndb_struct_na_base_pair_step.step_number 
_ndb_struct_na_base_pair_step.step_name 
_ndb_struct_na_base_pair_step.i_auth_asym_id_1 
_ndb_struct_na_base_pair_step.i_auth_seq_id_1 
_ndb_struct_na_base_pair_step.i_PDB_ins_code_1 
_ndb_struct_na_base_pair_step.j_auth_asym_id_1 
_ndb_struct_na_base_pair_step.j_auth_seq_id_1 
_ndb_struct_na_base_pair_step.j_PDB_ins_code_1 
_ndb_struct_na_base_pair_step.i_auth_asym_id_2 
_ndb_struct_na_base_pair_step.i_auth_seq_id_2 
_ndb_struct_na_base_pair_step.i_PDB_ins_code_2 
_ndb_struct_na_base_pair_step.j_auth_asym_id_2 
_ndb_struct_na_base_pair_step.j_auth_seq_id_2 
_ndb_struct_na_base_pair_step.j_PDB_ins_code_2 
1 A DA 3  1_555 D DT 15 1_555 A DC 4  1_555 D DG 14 1_555 -0.057 -0.640 3.227 -2.083 3.012  29.306 -1.881 -0.321 3.143 5.925  
4.096  29.529 1  AA_DA3DC4:DG15DT16_DD A 3  ? D 16 ? A 4  ? D 15 ? 
1 A DC 4  1_555 D DG 14 1_555 A DG 5  1_555 D DC 13 1_555 -0.077 0.380  3.185 -3.115 4.109  42.244 0.116  -0.202 3.204 5.675  
4.302  42.543 2  AA_DC4DG5:DC14DG15_DD A 4  ? D 15 ? A 5  ? D 14 ? 
1 A DG 5  1_555 D DC 13 1_555 A DA 6  1_555 D DT 12 1_555 -0.256 -0.090 3.522 4.603  -0.291 37.665 -0.098 1.025  3.468 -0.449 
-7.097 37.936 3  AA_DG5DA6:DT13DC14_DD A 5  ? D 14 ? A 6  ? D 13 ? 
1 A DA 6  1_555 D DT 12 1_555 A DC 7  1_555 D DG 11 1_555 0.398  -0.839 3.230 -0.864 -1.704 29.087 -1.299 -0.979 3.260 -3.388 
1.717  29.148 4  AA_DA6DC7:DG12DT13_DD A 6  ? D 13 ? A 7  ? D 12 ? 
1 A DC 7  1_555 D DG 11 1_555 A DA 8  1_555 D DT 10 1_555 0.092  -0.797 3.367 -0.584 -0.997 35.254 -1.163 -0.241 3.386 -1.646 
0.964  35.272 5  AA_DC7DA8:DT11DG12_DD A 7  ? D 12 ? A 8  ? D 11 ? 
1 A DA 8  1_555 D DT 10 1_555 A DG 9  1_555 D DC 9  1_555 -0.076 -0.619 3.324 -4.527 1.758  39.657 -1.112 -0.416 3.283 2.580  
6.642  39.941 6  AA_DA8DG9:DC10DT11_DD A 8  ? D 11 ? A 9  ? D 10 ? 
1 A DG 9  1_555 D DC 9  1_555 A DT 10 1_555 C DA 3  1_555 -0.797 -1.080 3.280 -0.960 0.216  29.942 -2.135 1.343  3.296 0.418  
1.858  29.958 7  AA_DG9DT10:DA2DC10_CD A 9  ? D 10 ? A 10 ? C 2  ? 
1 A DT 10 1_555 C DA 3  1_555 A DG 11 1_555 C DC 2  1_555 -0.524 0.698  3.073 -1.167 6.246  30.080 0.135  0.768  3.167 11.868 
2.218  30.729 8  AA_DT10DG11:DC1DA2_CC A 10 ? C 2  ? A 11 ? C 1  ? 
1 A DG 11 1_555 C DC 2  1_555 A DA 12 1_555 C DT 1  1_555 -0.549 0.177  3.428 0.142  3.988  41.003 -0.201 0.796  3.428 5.677  
-0.202 41.189 9  AA_DG11DA12:DT0DC1_CC A 11 ? C 1  ? A 12 ? C 0  ? 
1 B DC 1  1_555 C DG 6  1_555 B DG 2  1_555 C DC 5  1_555 -0.090 0.010  3.106 -0.805 3.828  39.240 -0.415 0.043  3.095 5.683  
1.195  39.427 10 BB_DC12DG13:DC4DG5_CC B 12 ? C 5  ? B 13 ? C 4  ? 
1 B DG 2  1_555 C DC 5  1_555 B DT 3  1_555 C DA 4  1_555 0.487  -1.182 3.258 -0.325 2.594  33.240 -2.484 -0.902 3.155 4.526  
0.568  33.340 11 BB_DG13DT14:DA3DC4_CC B 13 ? C 4  ? B 14 ? C 3  ? 
1 B DT 3  1_555 C DA 4  1_555 B DC 4  1_555 D DG 8  1_555 -0.638 -1.190 3.287 -2.894 1.647  29.802 -2.641 0.634  3.264 3.190  
5.604  29.983 12 BB_DT14DC15:DG9DA3_DC B 14 ? C 3  ? B 15 ? D 9  ? 
1 B DC 4  1_555 D DG 8  1_555 B DG 5  1_555 D DC 7  1_555 -0.184 0.369  3.146 2.501  8.729  36.257 -0.547 0.609  3.129 13.763 
-3.944 37.340 13 BB_DC15DG16:DC8DG9_DD B 15 ? D 9  ? B 16 ? D 8  ? 
1 B DG 5  1_555 D DC 7  1_555 B DA 6  1_555 D DT 6  1_555 -0.280 -0.233 3.315 -0.500 5.425  34.825 -1.198 0.387  3.247 8.996  
0.829  35.236 14 BB_DG16DA17:DT7DC8_DD B 16 ? D 8  ? B 17 ? D 7  ? 
1 B DA 6  1_555 D DT 6  1_555 B DC 7  1_555 D DG 5  1_555 1.027  -0.781 3.266 -0.465 3.508  27.990 -2.405 -2.213 3.129 7.217  
0.956  28.209 15 BB_DA17DC18:DG6DT7_DD B 17 ? D 7  ? B 18 ? D 6  ? 
1 B DC 7  1_555 D DG 5  1_555 B DT 8  1_555 D DA 4  1_555 -0.509 -0.708 3.324 3.489  3.239  31.729 -1.862 1.546  3.165 5.882  
-6.337 32.075 16 BB_DC18DT19:DA5DG6_DD B 18 ? D 6  ? B 19 ? D 5  ? 
1 B DT 8  1_555 D DA 4  1_555 B DC 9  1_555 D DG 3  1_555 0.422  0.049  3.441 3.370  4.650  38.644 -0.519 -0.202 3.447 6.979  
-5.059 39.052 17 BB_DT19DC20:DG4DA5_DD B 19 ? D 5  ? B 20 ? D 4  ? 
# 
loop_
_pdbx_audit_support.funding_organization 
_pdbx_audit_support.country 
_pdbx_audit_support.grant_number 
_pdbx_audit_support.ordinal 
'National Science Foundation (NSF, United States)'                                         'United States' 1360635     1 
'National Institutes of Health/National Institute of General Medical Sciences (NIH/NIGMS)' 'United States' R01GM104960 2 
'National Science Foundation (NSF, United States)'                                         'United States' NSF2004250  3 
# 
_pdbx_entity_nonpoly.entity_id   5 
_pdbx_entity_nonpoly.name        'CACODYLATE ION' 
_pdbx_entity_nonpoly.comp_id     CAC 
# 
_pdbx_initial_refinement_model.id               1 
_pdbx_initial_refinement_model.entity_id_list   ? 
_pdbx_initial_refinement_model.type             'experimental model' 
_pdbx_initial_refinement_model.source_name      PDB 
_pdbx_initial_refinement_model.accession_code   6XNA 
_pdbx_initial_refinement_model.details          ? 
# 
_pdbx_struct_assembly_auth_evidence.id                     1 
_pdbx_struct_assembly_auth_evidence.assembly_id            1 
_pdbx_struct_assembly_auth_evidence.experimental_support   none 
_pdbx_struct_assembly_auth_evidence.details                ? 
# 
